data_2AL3
#
_entry.id   2AL3
#
_cell.length_a   1.000
_cell.length_b   1.000
_cell.length_c   1.000
_cell.angle_alpha   90.00
_cell.angle_beta   90.00
_cell.angle_gamma   90.00
#
_symmetry.space_group_name_H-M   'P 1'
#
_entity_poly.entity_id   1
_entity_poly.type   'polypeptide(L)'
_entity_poly.pdbx_seq_one_letter_code
;MAAPAGGGGSAVSVLAPNGRRHTVKVTPSTVLLQVLEDTCRRQDFNPSEYDLKFQRTVLDLSLQWRFANLPNNAKLEMVP
VSRSREGPEN
;
_entity_poly.pdbx_strand_id   A
#
# COMPACT_ATOMS: atom_id res chain seq x y z
N SER A 10 -14.29 3.52 -1.21
CA SER A 10 -12.86 3.65 -1.41
C SER A 10 -12.25 2.30 -1.79
N ALA A 11 -11.24 2.36 -2.63
CA ALA A 11 -10.56 1.15 -3.07
C ALA A 11 -9.07 1.45 -3.29
N VAL A 12 -8.25 0.47 -2.98
CA VAL A 12 -6.81 0.61 -3.14
C VAL A 12 -6.31 -0.43 -4.14
N SER A 13 -5.31 -0.03 -4.91
CA SER A 13 -4.73 -0.92 -5.91
C SER A 13 -3.20 -0.92 -5.78
N VAL A 14 -2.65 -2.12 -5.87
CA VAL A 14 -1.20 -2.27 -5.76
C VAL A 14 -0.66 -2.89 -7.05
N LEU A 15 0.18 -2.13 -7.73
CA LEU A 15 0.78 -2.60 -8.98
C LEU A 15 2.22 -3.03 -8.72
N ALA A 16 2.45 -4.33 -8.79
CA ALA A 16 3.77 -4.87 -8.58
C ALA A 16 4.57 -4.77 -9.87
N PRO A 17 5.82 -4.23 -9.74
CA PRO A 17 6.69 -4.07 -10.88
C PRO A 17 7.29 -5.42 -11.31
N ASN A 18 7.05 -6.42 -10.48
CA ASN A 18 7.55 -7.76 -10.75
C ASN A 18 6.65 -8.45 -11.78
N GLY A 19 5.65 -7.69 -12.25
CA GLY A 19 4.72 -8.20 -13.22
C GLY A 19 3.44 -8.73 -12.55
N ARG A 20 3.28 -8.34 -11.29
CA ARG A 20 2.12 -8.78 -10.53
C ARG A 20 1.23 -7.57 -10.21
N ARG A 21 0.04 -7.60 -10.77
CA ARG A 21 -0.92 -6.52 -10.56
C ARG A 21 -2.09 -7.02 -9.71
N HIS A 22 -2.22 -6.43 -8.53
CA HIS A 22 -3.29 -6.81 -7.62
C HIS A 22 -3.86 -5.55 -6.96
N THR A 23 -5.18 -5.53 -6.85
CA THR A 23 -5.86 -4.39 -6.24
C THR A 23 -6.63 -4.84 -5.00
N VAL A 24 -6.45 -4.09 -3.92
CA VAL A 24 -7.11 -4.39 -2.67
C VAL A 24 -7.98 -3.20 -2.26
N LYS A 25 -9.25 -3.50 -2.01
CA LYS A 25 -10.19 -2.47 -1.61
C LYS A 25 -10.08 -2.24 -0.11
N VAL A 26 -9.71 -1.03 0.26
CA VAL A 26 -9.56 -0.66 1.66
C VAL A 26 -10.47 0.52 1.97
N THR A 27 -10.62 0.78 3.26
CA THR A 27 -11.45 1.89 3.72
C THR A 27 -10.63 3.18 3.83
N PRO A 28 -11.34 4.32 3.70
CA PRO A 28 -10.69 5.62 3.78
C PRO A 28 -10.34 5.96 5.23
N SER A 29 -10.90 5.19 6.14
CA SER A 29 -10.66 5.39 7.56
C SER A 29 -9.80 4.25 8.11
N THR A 30 -9.47 3.32 7.24
CA THR A 30 -8.66 2.17 7.62
C THR A 30 -7.18 2.50 7.45
N VAL A 31 -6.38 2.04 8.41
CA VAL A 31 -4.95 2.27 8.37
C VAL A 31 -4.31 1.31 7.38
N LEU A 32 -3.50 1.87 6.48
CA LEU A 32 -2.82 1.08 5.48
C LEU A 32 -1.98 0.00 6.17
N LEU A 33 -1.67 0.25 7.42
CA LEU A 33 -0.88 -0.69 8.20
C LEU A 33 -1.64 -2.01 8.33
N GLN A 34 -2.92 -1.88 8.64
CA GLN A 34 -3.77 -3.06 8.80
C GLN A 34 -3.97 -3.75 7.46
N VAL A 35 -4.11 -2.94 6.43
CA VAL A 35 -4.31 -3.46 5.09
C VAL A 35 -3.00 -4.06 4.58
N LEU A 36 -1.94 -3.27 4.70
CA LEU A 36 -0.63 -3.71 4.26
C LEU A 36 -0.21 -4.95 5.06
N GLU A 37 -0.49 -4.89 6.35
CA GLU A 37 -0.15 -5.99 7.24
C GLU A 37 -0.99 -7.23 6.90
N ASP A 38 -2.25 -6.98 6.56
CA ASP A 38 -3.16 -8.05 6.20
C ASP A 38 -2.70 -8.70 4.90
N THR A 39 -2.53 -7.87 3.88
CA THR A 39 -2.09 -8.34 2.59
C THR A 39 -0.70 -8.96 2.68
N CYS A 40 0.11 -8.37 3.55
CA CYS A 40 1.47 -8.84 3.75
C CYS A 40 1.40 -10.23 4.41
N ARG A 41 0.43 -10.38 5.30
CA ARG A 41 0.24 -11.63 6.00
C ARG A 41 -0.17 -12.73 5.02
N ARG A 42 -1.17 -12.41 4.22
CA ARG A 42 -1.67 -13.36 3.24
C ARG A 42 -0.68 -13.50 2.08
N GLN A 43 -0.06 -12.38 1.73
CA GLN A 43 0.91 -12.38 0.65
C GLN A 43 2.33 -12.57 1.20
N ASP A 44 2.38 -12.98 2.46
CA ASP A 44 3.66 -13.21 3.11
C ASP A 44 4.68 -12.21 2.58
N PHE A 45 4.49 -10.96 2.95
CA PHE A 45 5.39 -9.89 2.52
C PHE A 45 5.84 -9.04 3.71
N ASN A 46 6.95 -8.36 3.51
CA ASN A 46 7.49 -7.50 4.56
C ASN A 46 7.67 -6.08 4.00
N PRO A 47 7.44 -5.09 4.91
CA PRO A 47 7.56 -3.69 4.53
C PRO A 47 9.03 -3.29 4.40
N SER A 48 9.85 -3.85 5.27
CA SER A 48 11.27 -3.57 5.27
C SER A 48 11.90 -4.06 3.96
N GLU A 49 11.10 -4.78 3.19
CA GLU A 49 11.56 -5.32 1.92
C GLU A 49 10.64 -4.86 0.79
N TYR A 50 9.60 -4.14 1.17
CA TYR A 50 8.64 -3.64 0.20
C TYR A 50 8.13 -2.25 0.59
N ASP A 51 8.00 -1.40 -0.41
CA ASP A 51 7.53 -0.05 -0.19
C ASP A 51 6.42 0.27 -1.19
N LEU A 52 5.48 1.10 -0.73
CA LEU A 52 4.36 1.49 -1.57
C LEU A 52 4.34 3.01 -1.71
N LYS A 53 4.12 3.46 -2.95
CA LYS A 53 4.08 4.88 -3.23
C LYS A 53 3.10 5.15 -4.38
N PHE A 54 2.31 6.19 -4.22
CA PHE A 54 1.34 6.55 -5.23
C PHE A 54 1.47 8.03 -5.62
N GLN A 55 1.87 8.24 -6.87
CA GLN A 55 2.05 9.59 -7.38
C GLN A 55 3.11 10.32 -6.56
N ARG A 56 2.64 11.29 -5.78
CA ARG A 56 3.53 12.08 -4.95
C ARG A 56 3.32 11.75 -3.47
N THR A 57 2.62 10.64 -3.24
CA THR A 57 2.35 10.21 -1.89
C THR A 57 2.92 8.82 -1.64
N VAL A 58 3.69 8.71 -0.56
CA VAL A 58 4.31 7.45 -0.20
C VAL A 58 3.30 6.58 0.54
N LEU A 59 3.34 5.29 0.23
CA LEU A 59 2.42 4.34 0.85
C LEU A 59 3.23 3.35 1.69
N ASP A 60 2.96 3.36 2.99
CA ASP A 60 3.66 2.47 3.91
C ASP A 60 2.69 2.04 5.02
N LEU A 61 3.26 1.84 6.20
CA LEU A 61 2.48 1.43 7.35
C LEU A 61 1.99 2.67 8.10
N SER A 62 2.88 3.65 8.19
CA SER A 62 2.56 4.89 8.88
C SER A 62 1.93 5.88 7.90
N LEU A 63 1.06 5.36 7.05
CA LEU A 63 0.39 6.18 6.06
C LEU A 63 -1.10 5.82 6.04
N GLN A 64 -1.88 6.56 6.81
CA GLN A 64 -3.32 6.33 6.89
C GLN A 64 -4.03 7.06 5.74
N TRP A 65 -5.08 6.42 5.25
CA TRP A 65 -5.85 6.99 4.16
C TRP A 65 -6.47 8.30 4.65
N ARG A 66 -6.94 8.27 5.89
CA ARG A 66 -7.56 9.44 6.49
C ARG A 66 -6.59 10.62 6.45
N PHE A 67 -5.32 10.30 6.24
CA PHE A 67 -4.30 11.33 6.18
C PHE A 67 -3.65 11.39 4.79
N ALA A 68 -3.05 10.28 4.41
CA ALA A 68 -2.41 10.18 3.11
C ALA A 68 -3.41 10.53 2.01
N ASN A 69 -4.68 10.48 2.38
CA ASN A 69 -5.75 10.79 1.44
C ASN A 69 -5.44 10.14 0.10
N LEU A 70 -5.99 8.94 -0.09
CA LEU A 70 -5.78 8.22 -1.32
C LEU A 70 -7.00 8.40 -2.24
N PRO A 71 -6.77 8.13 -3.55
CA PRO A 71 -7.84 8.26 -4.53
C PRO A 71 -8.83 7.10 -4.42
N ASN A 72 -9.92 7.22 -5.17
CA ASN A 72 -10.94 6.20 -5.16
C ASN A 72 -10.29 4.82 -5.15
N ASN A 73 -9.95 4.34 -6.33
CA ASN A 73 -9.32 3.04 -6.47
C ASN A 73 -7.94 3.08 -5.79
N ALA A 74 -7.61 4.25 -5.26
CA ALA A 74 -6.34 4.43 -4.59
C ALA A 74 -5.32 3.43 -5.15
N LYS A 75 -4.71 3.82 -6.27
CA LYS A 75 -3.72 2.98 -6.91
C LYS A 75 -2.33 3.31 -6.36
N LEU A 76 -1.70 2.31 -5.78
CA LEU A 76 -0.38 2.47 -5.21
C LEU A 76 0.63 1.62 -5.99
N GLU A 77 1.87 2.07 -5.99
CA GLU A 77 2.92 1.35 -6.68
C GLU A 77 3.77 0.55 -5.69
N MET A 78 4.01 -0.70 -6.04
CA MET A 78 4.80 -1.58 -5.20
C MET A 78 6.29 -1.50 -5.56
N VAL A 79 7.11 -1.38 -4.53
CA VAL A 79 8.55 -1.30 -4.73
C VAL A 79 9.26 -1.99 -3.56
N PRO A 80 10.28 -2.82 -3.91
CA PRO A 80 11.04 -3.55 -2.91
C PRO A 80 12.01 -2.61 -2.19
N VAL A 81 12.01 -2.72 -0.86
CA VAL A 81 12.88 -1.90 -0.05
C VAL A 81 12.41 -1.96 1.42
N SER A 82 12.93 -1.05 2.21
CA SER A 82 12.58 -0.99 3.62
C SER A 82 12.00 0.38 3.96
N ARG A 83 10.68 0.44 4.03
CA ARG A 83 10.00 1.67 4.34
C ARG A 83 10.49 2.81 3.42
N SER A 84 9.83 3.94 3.54
CA SER A 84 10.18 5.10 2.72
C SER A 84 11.44 5.76 3.29
N ARG A 85 12.19 6.39 2.40
CA ARG A 85 13.41 7.06 2.79
C ARG A 85 14.16 7.59 1.56
N SER A 10 -14.18 3.74 -1.90
CA SER A 10 -12.76 3.79 -1.59
C SER A 10 -12.12 2.43 -1.87
N ALA A 11 -11.10 2.46 -2.72
CA ALA A 11 -10.39 1.25 -3.07
C ALA A 11 -8.91 1.58 -3.33
N VAL A 12 -8.05 0.62 -3.00
CA VAL A 12 -6.63 0.80 -3.18
C VAL A 12 -6.11 -0.26 -4.16
N SER A 13 -5.26 0.18 -5.06
CA SER A 13 -4.68 -0.71 -6.05
C SER A 13 -3.15 -0.73 -5.92
N VAL A 14 -2.60 -1.93 -5.98
CA VAL A 14 -1.16 -2.09 -5.86
C VAL A 14 -0.63 -2.76 -7.13
N LEU A 15 0.23 -2.03 -7.83
CA LEU A 15 0.81 -2.54 -9.06
C LEU A 15 2.26 -2.96 -8.80
N ALA A 16 2.48 -4.26 -8.83
CA ALA A 16 3.80 -4.80 -8.60
C ALA A 16 4.62 -4.70 -9.89
N PRO A 17 5.87 -4.18 -9.73
CA PRO A 17 6.76 -4.02 -10.88
C PRO A 17 7.35 -5.37 -11.29
N ASN A 18 7.08 -6.38 -10.48
CA ASN A 18 7.57 -7.71 -10.75
C ASN A 18 6.68 -8.38 -11.80
N GLY A 19 5.70 -7.62 -12.26
CA GLY A 19 4.77 -8.12 -13.26
C GLY A 19 3.50 -8.64 -12.59
N ARG A 20 3.31 -8.26 -11.34
CA ARG A 20 2.15 -8.68 -10.59
C ARG A 20 1.26 -7.47 -10.26
N ARG A 21 0.08 -7.47 -10.83
CA ARG A 21 -0.87 -6.39 -10.60
C ARG A 21 -2.05 -6.88 -9.77
N HIS A 22 -2.17 -6.31 -8.57
CA HIS A 22 -3.24 -6.68 -7.67
C HIS A 22 -3.79 -5.42 -6.99
N THR A 23 -5.11 -5.38 -6.88
CA THR A 23 -5.78 -4.25 -6.25
C THR A 23 -6.54 -4.70 -5.00
N VAL A 24 -6.33 -3.96 -3.93
CA VAL A 24 -6.99 -4.27 -2.66
C VAL A 24 -7.84 -3.08 -2.23
N LYS A 25 -9.11 -3.36 -1.97
CA LYS A 25 -10.03 -2.32 -1.54
C LYS A 25 -9.95 -2.16 -0.02
N VAL A 26 -9.61 -0.94 0.38
CA VAL A 26 -9.49 -0.63 1.80
C VAL A 26 -10.38 0.56 2.14
N THR A 27 -10.54 0.79 3.44
CA THR A 27 -11.37 1.89 3.90
C THR A 27 -10.54 3.18 3.99
N PRO A 28 -11.25 4.32 3.88
CA PRO A 28 -10.60 5.62 3.93
C PRO A 28 -10.21 5.96 5.36
N SER A 29 -10.74 5.19 6.30
CA SER A 29 -10.45 5.41 7.71
C SER A 29 -9.56 4.29 8.24
N THR A 30 -9.30 3.32 7.37
CA THR A 30 -8.45 2.20 7.73
C THR A 30 -6.98 2.52 7.45
N VAL A 31 -6.13 2.10 8.38
CA VAL A 31 -4.70 2.34 8.25
C VAL A 31 -4.12 1.34 7.25
N LEU A 32 -3.31 1.86 6.35
CA LEU A 32 -2.68 1.02 5.33
C LEU A 32 -1.87 -0.07 6.02
N LEU A 33 -1.53 0.18 7.28
CA LEU A 33 -0.76 -0.78 8.05
C LEU A 33 -1.57 -2.07 8.21
N GLN A 34 -2.85 -1.90 8.52
CA GLN A 34 -3.73 -3.04 8.71
C GLN A 34 -3.95 -3.75 7.38
N VAL A 35 -4.07 -2.96 6.32
CA VAL A 35 -4.29 -3.50 4.99
C VAL A 35 -3.00 -4.15 4.50
N LEU A 36 -1.91 -3.40 4.62
CA LEU A 36 -0.61 -3.89 4.19
C LEU A 36 -0.25 -5.14 4.99
N GLU A 37 -0.54 -5.08 6.29
CA GLU A 37 -0.26 -6.20 7.17
C GLU A 37 -1.08 -7.43 6.76
N ASP A 38 -2.34 -7.17 6.45
CA ASP A 38 -3.24 -8.24 6.04
C ASP A 38 -2.70 -8.89 4.77
N THR A 39 -2.47 -8.05 3.77
CA THR A 39 -1.96 -8.53 2.50
C THR A 39 -0.58 -9.17 2.68
N CYS A 40 0.18 -8.59 3.60
CA CYS A 40 1.52 -9.08 3.88
C CYS A 40 1.40 -10.45 4.54
N ARG A 41 0.37 -10.60 5.37
CA ARG A 41 0.14 -11.85 6.05
C ARG A 41 -0.26 -12.94 5.06
N ARG A 42 -1.21 -12.60 4.21
CA ARG A 42 -1.68 -13.53 3.20
C ARG A 42 -0.66 -13.67 2.06
N GLN A 43 -0.04 -12.55 1.74
CA GLN A 43 0.96 -12.52 0.69
C GLN A 43 2.35 -12.73 1.27
N ASP A 44 2.38 -13.02 2.57
CA ASP A 44 3.64 -13.25 3.25
C ASP A 44 4.68 -12.26 2.75
N PHE A 45 4.45 -10.99 3.05
CA PHE A 45 5.36 -9.93 2.64
C PHE A 45 5.79 -9.08 3.83
N ASN A 46 6.91 -8.39 3.65
CA ASN A 46 7.43 -7.53 4.70
C ASN A 46 7.53 -6.10 4.17
N PRO A 47 7.26 -5.13 5.09
CA PRO A 47 7.32 -3.73 4.73
C PRO A 47 8.76 -3.25 4.61
N SER A 48 9.61 -3.79 5.48
CA SER A 48 11.02 -3.43 5.48
C SER A 48 11.68 -3.89 4.18
N GLU A 49 10.91 -4.67 3.41
CA GLU A 49 11.41 -5.18 2.15
C GLU A 49 10.48 -4.77 1.00
N TYR A 50 9.44 -4.02 1.36
CA TYR A 50 8.48 -3.57 0.39
C TYR A 50 7.94 -2.18 0.75
N ASP A 51 7.79 -1.35 -0.27
CA ASP A 51 7.29 0.00 -0.07
C ASP A 51 6.18 0.28 -1.07
N LEU A 52 5.22 1.09 -0.63
CA LEU A 52 4.09 1.44 -1.49
C LEU A 52 4.04 2.96 -1.64
N LYS A 53 3.80 3.38 -2.88
CA LYS A 53 3.72 4.81 -3.17
C LYS A 53 2.74 5.02 -4.34
N PHE A 54 1.95 6.07 -4.20
CA PHE A 54 0.97 6.41 -5.23
C PHE A 54 1.19 7.83 -5.76
N GLN A 55 1.58 7.90 -7.03
CA GLN A 55 1.81 9.18 -7.66
C GLN A 55 2.87 9.97 -6.88
N ARG A 56 2.39 10.96 -6.14
CA ARG A 56 3.27 11.80 -5.34
C ARG A 56 3.05 11.52 -3.85
N THR A 57 2.37 10.42 -3.57
CA THR A 57 2.09 10.04 -2.20
C THR A 57 2.73 8.69 -1.88
N VAL A 58 3.42 8.65 -0.75
CA VAL A 58 4.09 7.44 -0.31
C VAL A 58 3.14 6.61 0.55
N LEU A 59 3.19 5.31 0.35
CA LEU A 59 2.34 4.40 1.10
C LEU A 59 3.20 3.47 1.94
N ASP A 60 3.03 3.57 3.25
CA ASP A 60 3.78 2.75 4.18
C ASP A 60 2.86 2.25 5.29
N LEU A 61 3.46 1.97 6.44
CA LEU A 61 2.71 1.48 7.58
C LEU A 61 2.24 2.68 8.42
N SER A 62 3.14 3.63 8.59
CA SER A 62 2.83 4.82 9.37
C SER A 62 2.16 5.87 8.47
N LEU A 63 1.29 5.38 7.61
CA LEU A 63 0.58 6.26 6.69
C LEU A 63 -0.85 5.75 6.51
N GLN A 64 -1.80 6.52 7.05
CA GLN A 64 -3.20 6.16 6.95
C GLN A 64 -3.85 6.84 5.74
N TRP A 65 -4.92 6.24 5.26
CA TRP A 65 -5.64 6.78 4.12
C TRP A 65 -6.19 8.15 4.50
N ARG A 66 -6.65 8.24 5.75
CA ARG A 66 -7.21 9.48 6.25
C ARG A 66 -6.19 10.61 6.10
N PHE A 67 -4.91 10.23 6.13
CA PHE A 67 -3.83 11.19 6.01
C PHE A 67 -3.27 11.20 4.60
N ALA A 68 -2.84 10.02 4.16
CA ALA A 68 -2.27 9.87 2.83
C ALA A 68 -3.31 10.31 1.79
N ASN A 69 -4.55 10.31 2.21
CA ASN A 69 -5.64 10.70 1.33
C ASN A 69 -5.40 10.11 -0.06
N LEU A 70 -5.99 8.94 -0.28
CA LEU A 70 -5.85 8.26 -1.55
C LEU A 70 -7.15 8.40 -2.35
N PRO A 71 -7.02 8.23 -3.70
CA PRO A 71 -8.16 8.34 -4.58
C PRO A 71 -9.05 7.11 -4.48
N ASN A 72 -10.21 7.18 -5.13
CA ASN A 72 -11.14 6.07 -5.12
C ASN A 72 -10.37 4.75 -5.13
N ASN A 73 -10.11 4.27 -6.33
CA ASN A 73 -9.38 3.02 -6.49
C ASN A 73 -7.97 3.18 -5.92
N ALA A 74 -7.68 4.39 -5.46
CA ALA A 74 -6.38 4.69 -4.90
C ALA A 74 -5.35 3.72 -5.47
N LYS A 75 -4.77 4.11 -6.60
CA LYS A 75 -3.77 3.28 -7.25
C LYS A 75 -2.39 3.58 -6.64
N LEU A 76 -1.77 2.53 -6.13
CA LEU A 76 -0.46 2.67 -5.52
C LEU A 76 0.52 1.73 -6.23
N GLU A 77 1.79 2.12 -6.18
CA GLU A 77 2.84 1.33 -6.82
C GLU A 77 3.62 0.55 -5.77
N MET A 78 4.03 -0.65 -6.15
CA MET A 78 4.80 -1.51 -5.26
C MET A 78 6.29 -1.43 -5.57
N VAL A 79 7.08 -1.30 -4.51
CA VAL A 79 8.52 -1.22 -4.65
C VAL A 79 9.19 -1.89 -3.45
N PRO A 80 10.24 -2.70 -3.76
CA PRO A 80 10.97 -3.40 -2.72
C PRO A 80 11.88 -2.45 -1.95
N VAL A 81 11.81 -2.57 -0.63
CA VAL A 81 12.63 -1.74 0.24
C VAL A 81 12.05 -1.75 1.65
N SER A 82 12.33 -0.68 2.39
CA SER A 82 11.84 -0.57 3.75
C SER A 82 11.18 0.79 3.96
N ARG A 83 10.61 0.97 5.14
CA ARG A 83 9.95 2.21 5.48
C ARG A 83 10.79 3.40 5.03
N SER A 84 12.01 3.44 5.53
CA SER A 84 12.93 4.52 5.20
C SER A 84 14.38 4.09 5.47
N ARG A 85 15.28 4.64 4.68
CA ARG A 85 16.69 4.31 4.84
C ARG A 85 17.24 4.91 6.13
N SER A 10 -14.29 3.39 -1.18
CA SER A 10 -12.87 3.56 -1.42
C SER A 10 -12.24 2.22 -1.80
N ALA A 11 -11.22 2.30 -2.63
CA ALA A 11 -10.52 1.10 -3.06
C ALA A 11 -9.04 1.43 -3.29
N VAL A 12 -8.20 0.47 -2.94
CA VAL A 12 -6.76 0.64 -3.10
C VAL A 12 -6.23 -0.41 -4.07
N SER A 13 -5.34 0.03 -4.95
CA SER A 13 -4.75 -0.87 -5.93
C SER A 13 -3.22 -0.83 -5.82
N VAL A 14 -2.63 -2.01 -5.86
CA VAL A 14 -1.19 -2.13 -5.77
C VAL A 14 -0.64 -2.80 -7.03
N LEU A 15 0.17 -2.05 -7.76
CA LEU A 15 0.76 -2.55 -8.99
C LEU A 15 2.21 -2.95 -8.73
N ALA A 16 2.45 -4.25 -8.76
CA ALA A 16 3.79 -4.78 -8.52
C ALA A 16 4.59 -4.69 -9.82
N PRO A 17 5.83 -4.14 -9.70
CA PRO A 17 6.70 -3.99 -10.84
C PRO A 17 7.31 -5.34 -11.24
N ASN A 18 7.08 -6.33 -10.39
CA ASN A 18 7.60 -7.66 -10.65
C ASN A 18 6.69 -8.37 -11.66
N GLY A 19 5.71 -7.63 -12.15
CA GLY A 19 4.78 -8.17 -13.13
C GLY A 19 3.52 -8.70 -12.44
N ARG A 20 3.34 -8.30 -11.20
CA ARG A 20 2.19 -8.74 -10.43
C ARG A 20 1.28 -7.54 -10.11
N ARG A 21 0.09 -7.58 -10.68
CA ARG A 21 -0.87 -6.52 -10.47
C ARG A 21 -2.04 -7.02 -9.61
N HIS A 22 -2.17 -6.41 -8.44
CA HIS A 22 -3.23 -6.78 -7.52
C HIS A 22 -3.81 -5.53 -6.86
N THR A 23 -5.12 -5.52 -6.75
CA THR A 23 -5.81 -4.39 -6.14
C THR A 23 -6.57 -4.83 -4.90
N VAL A 24 -6.39 -4.07 -3.83
CA VAL A 24 -7.05 -4.36 -2.57
C VAL A 24 -7.93 -3.17 -2.16
N LYS A 25 -9.20 -3.47 -1.97
CA LYS A 25 -10.16 -2.45 -1.58
C LYS A 25 -10.00 -2.16 -0.09
N VAL A 26 -9.51 -0.96 0.21
CA VAL A 26 -9.32 -0.55 1.59
C VAL A 26 -10.29 0.58 1.93
N THR A 27 -10.38 0.88 3.21
CA THR A 27 -11.26 1.94 3.68
C THR A 27 -10.49 3.24 3.84
N PRO A 28 -11.24 4.36 3.73
CA PRO A 28 -10.64 5.69 3.87
C PRO A 28 -10.33 5.99 5.34
N SER A 29 -10.88 5.17 6.21
CA SER A 29 -10.67 5.35 7.64
C SER A 29 -9.81 4.20 8.18
N THR A 30 -9.53 3.25 7.31
CA THR A 30 -8.71 2.11 7.69
C THR A 30 -7.23 2.41 7.49
N VAL A 31 -6.42 1.95 8.43
CA VAL A 31 -4.99 2.17 8.37
C VAL A 31 -4.38 1.19 7.36
N LEU A 32 -3.62 1.76 6.43
CA LEU A 32 -2.97 0.96 5.40
C LEU A 32 -2.09 -0.10 6.07
N LEU A 33 -1.73 0.17 7.32
CA LEU A 33 -0.90 -0.75 8.07
C LEU A 33 -1.66 -2.06 8.28
N GLN A 34 -2.92 -1.93 8.65
CA GLN A 34 -3.76 -3.10 8.89
C GLN A 34 -4.01 -3.83 7.57
N VAL A 35 -4.22 -3.05 6.52
CA VAL A 35 -4.47 -3.61 5.21
C VAL A 35 -3.19 -4.23 4.66
N LEU A 36 -2.12 -3.44 4.71
CA LEU A 36 -0.83 -3.90 4.22
C LEU A 36 -0.40 -5.14 5.02
N GLU A 37 -0.68 -5.09 6.31
CA GLU A 37 -0.32 -6.21 7.18
C GLU A 37 -1.11 -7.46 6.79
N ASP A 38 -2.40 -7.26 6.54
CA ASP A 38 -3.26 -8.36 6.16
C ASP A 38 -2.74 -8.99 4.87
N THR A 39 -2.57 -8.14 3.86
CA THR A 39 -2.08 -8.61 2.57
C THR A 39 -0.68 -9.19 2.72
N CYS A 40 0.09 -8.59 3.62
CA CYS A 40 1.45 -9.04 3.85
C CYS A 40 1.39 -10.43 4.50
N ARG A 41 0.40 -10.60 5.36
CA ARG A 41 0.21 -11.87 6.05
C ARG A 41 -0.19 -12.96 5.07
N ARG A 42 -1.18 -12.63 4.25
CA ARG A 42 -1.68 -13.58 3.26
C ARG A 42 -0.69 -13.68 2.09
N GLN A 43 -0.11 -12.54 1.75
CA GLN A 43 0.85 -12.49 0.66
C GLN A 43 2.26 -12.72 1.18
N ASP A 44 2.35 -12.99 2.48
CA ASP A 44 3.63 -13.24 3.12
C ASP A 44 4.65 -12.22 2.60
N PHE A 45 4.42 -10.96 2.95
CA PHE A 45 5.30 -9.89 2.53
C PHE A 45 5.74 -9.04 3.73
N ASN A 46 6.85 -8.34 3.53
CA ASN A 46 7.39 -7.49 4.59
C ASN A 46 7.50 -6.06 4.06
N PRO A 47 7.25 -5.09 4.98
CA PRO A 47 7.32 -3.68 4.63
C PRO A 47 8.79 -3.23 4.51
N SER A 48 9.62 -3.80 5.35
CA SER A 48 11.04 -3.46 5.35
C SER A 48 11.68 -3.94 4.05
N GLU A 49 10.92 -4.69 3.28
CA GLU A 49 11.39 -5.21 2.01
C GLU A 49 10.47 -4.77 0.88
N TYR A 50 9.45 -4.00 1.24
CA TYR A 50 8.50 -3.51 0.26
C TYR A 50 7.99 -2.12 0.64
N ASP A 51 7.86 -1.28 -0.37
CA ASP A 51 7.39 0.08 -0.15
C ASP A 51 6.28 0.40 -1.16
N LEU A 52 5.34 1.22 -0.73
CA LEU A 52 4.23 1.61 -1.58
C LEU A 52 4.22 3.13 -1.73
N LYS A 53 4.06 3.58 -2.97
CA LYS A 53 4.03 4.99 -3.26
C LYS A 53 3.10 5.25 -4.45
N PHE A 54 2.32 6.31 -4.34
CA PHE A 54 1.38 6.68 -5.39
C PHE A 54 1.62 8.11 -5.85
N GLN A 55 2.05 8.23 -7.10
CA GLN A 55 2.31 9.54 -7.68
C GLN A 55 3.39 10.28 -6.87
N ARG A 56 2.93 11.28 -6.13
CA ARG A 56 3.83 12.07 -5.30
C ARG A 56 3.56 11.80 -3.82
N THR A 57 2.82 10.73 -3.57
CA THR A 57 2.49 10.35 -2.20
C THR A 57 3.02 8.95 -1.89
N VAL A 58 3.87 8.88 -0.88
CA VAL A 58 4.45 7.62 -0.48
C VAL A 58 3.46 6.87 0.42
N LEU A 59 3.40 5.56 0.22
CA LEU A 59 2.50 4.72 1.00
C LEU A 59 3.32 3.69 1.77
N ASP A 60 3.11 3.69 3.08
CA ASP A 60 3.81 2.74 3.95
C ASP A 60 2.87 2.26 5.04
N LEU A 61 3.46 1.95 6.20
CA LEU A 61 2.68 1.47 7.32
C LEU A 61 2.23 2.66 8.18
N SER A 62 3.15 3.62 8.33
CA SER A 62 2.86 4.81 9.12
C SER A 62 2.17 5.85 8.23
N LEU A 63 1.30 5.37 7.36
CA LEU A 63 0.57 6.25 6.46
C LEU A 63 -0.86 5.74 6.30
N GLN A 64 -1.79 6.46 6.91
CA GLN A 64 -3.20 6.10 6.84
C GLN A 64 -3.88 6.84 5.69
N TRP A 65 -4.98 6.26 5.23
CA TRP A 65 -5.74 6.85 4.15
C TRP A 65 -6.27 8.21 4.61
N ARG A 66 -6.76 8.22 5.84
CA ARG A 66 -7.29 9.44 6.42
C ARG A 66 -6.24 10.55 6.38
N PHE A 67 -5.00 10.14 6.16
CA PHE A 67 -3.89 11.09 6.11
C PHE A 67 -3.33 11.17 4.68
N ALA A 68 -2.83 10.05 4.20
CA ALA A 68 -2.25 9.99 2.88
C ALA A 68 -3.32 10.36 1.84
N ASN A 69 -4.57 10.29 2.29
CA ASN A 69 -5.69 10.61 1.43
C ASN A 69 -5.46 10.00 0.04
N LEU A 70 -6.03 8.82 -0.15
CA LEU A 70 -5.89 8.13 -1.42
C LEU A 70 -7.18 8.28 -2.23
N PRO A 71 -7.04 8.10 -3.56
CA PRO A 71 -8.19 8.22 -4.46
C PRO A 71 -9.08 6.99 -4.36
N ASN A 72 -10.23 7.08 -5.02
CA ASN A 72 -11.19 5.98 -5.01
C ASN A 72 -10.44 4.65 -5.05
N ASN A 73 -10.16 4.22 -6.27
CA ASN A 73 -9.45 2.96 -6.47
C ASN A 73 -8.04 3.08 -5.88
N ALA A 74 -7.76 4.27 -5.36
CA ALA A 74 -6.45 4.52 -4.76
C ALA A 74 -5.44 3.52 -5.32
N LYS A 75 -4.79 3.93 -6.41
CA LYS A 75 -3.79 3.08 -7.04
C LYS A 75 -2.41 3.44 -6.50
N LEU A 76 -1.76 2.43 -5.92
CA LEU A 76 -0.43 2.63 -5.36
C LEU A 76 0.56 1.74 -6.12
N GLU A 77 1.80 2.19 -6.12
CA GLU A 77 2.86 1.46 -6.80
C GLU A 77 3.70 0.68 -5.78
N MET A 78 3.94 -0.58 -6.10
CA MET A 78 4.72 -1.44 -5.24
C MET A 78 6.22 -1.35 -5.57
N VAL A 79 7.02 -1.24 -4.53
CA VAL A 79 8.46 -1.14 -4.69
C VAL A 79 9.15 -1.85 -3.53
N PRO A 80 10.20 -2.64 -3.88
CA PRO A 80 10.96 -3.37 -2.87
C PRO A 80 11.88 -2.44 -2.09
N VAL A 81 11.84 -2.59 -0.78
CA VAL A 81 12.67 -1.76 0.09
C VAL A 81 12.10 -1.80 1.51
N SER A 82 12.39 -0.74 2.26
CA SER A 82 11.92 -0.64 3.63
C SER A 82 11.26 0.72 3.85
N ARG A 83 10.69 0.88 5.04
CA ARG A 83 10.03 2.14 5.39
C ARG A 83 10.82 3.32 4.85
N SER A 84 10.11 4.20 4.16
CA SER A 84 10.74 5.38 3.58
C SER A 84 11.81 4.97 2.56
N ARG A 85 12.14 5.91 1.69
CA ARG A 85 13.14 5.66 0.67
C ARG A 85 14.48 5.30 1.31
N SER A 10 -14.28 3.32 -0.99
CA SER A 10 -12.89 3.51 -1.39
C SER A 10 -12.29 2.18 -1.83
N ALA A 11 -11.27 2.28 -2.67
CA ALA A 11 -10.59 1.10 -3.17
C ALA A 11 -9.11 1.41 -3.38
N VAL A 12 -8.29 0.42 -3.07
CA VAL A 12 -6.84 0.58 -3.22
C VAL A 12 -6.33 -0.45 -4.22
N SER A 13 -5.34 -0.04 -5.00
CA SER A 13 -4.75 -0.92 -6.00
C SER A 13 -3.22 -0.90 -5.87
N VAL A 14 -2.65 -2.10 -5.94
CA VAL A 14 -1.21 -2.24 -5.83
C VAL A 14 -0.66 -2.87 -7.11
N LEU A 15 0.18 -2.12 -7.80
CA LEU A 15 0.78 -2.58 -9.03
C LEU A 15 2.23 -2.99 -8.77
N ALA A 16 2.46 -4.29 -8.83
CA ALA A 16 3.80 -4.83 -8.60
C ALA A 16 4.60 -4.73 -9.90
N PRO A 17 5.84 -4.17 -9.76
CA PRO A 17 6.72 -4.01 -10.91
C PRO A 17 7.33 -5.35 -11.31
N ASN A 18 7.11 -6.35 -10.48
CA ASN A 18 7.63 -7.68 -10.74
C ASN A 18 6.73 -8.37 -11.76
N GLY A 19 5.72 -7.65 -12.22
CA GLY A 19 4.79 -8.20 -13.19
C GLY A 19 3.53 -8.73 -12.51
N ARG A 20 3.35 -8.33 -11.26
CA ARG A 20 2.20 -8.77 -10.49
C ARG A 20 1.28 -7.57 -10.18
N ARG A 21 0.09 -7.62 -10.75
CA ARG A 21 -0.87 -6.55 -10.54
C ARG A 21 -2.03 -7.05 -9.68
N HIS A 22 -2.16 -6.46 -8.50
CA HIS A 22 -3.22 -6.83 -7.59
C HIS A 22 -3.80 -5.57 -6.94
N THR A 23 -5.12 -5.56 -6.81
CA THR A 23 -5.81 -4.42 -6.21
C THR A 23 -6.56 -4.88 -4.96
N VAL A 24 -6.39 -4.10 -3.90
CA VAL A 24 -7.05 -4.39 -2.64
C VAL A 24 -7.94 -3.21 -2.24
N LYS A 25 -9.20 -3.53 -1.94
CA LYS A 25 -10.14 -2.52 -1.55
C LYS A 25 -10.01 -2.26 -0.04
N VAL A 26 -9.63 -1.02 0.29
CA VAL A 26 -9.46 -0.63 1.67
C VAL A 26 -10.41 0.51 1.99
N THR A 27 -10.53 0.81 3.27
CA THR A 27 -11.40 1.88 3.73
C THR A 27 -10.62 3.19 3.84
N PRO A 28 -11.37 4.32 3.71
CA PRO A 28 -10.76 5.64 3.79
C PRO A 28 -10.42 5.99 5.24
N SER A 29 -10.95 5.20 6.16
CA SER A 29 -10.70 5.41 7.57
C SER A 29 -9.85 4.28 8.13
N THR A 30 -9.54 3.32 7.26
CA THR A 30 -8.73 2.19 7.67
C THR A 30 -7.25 2.50 7.45
N VAL A 31 -6.44 2.06 8.40
CA VAL A 31 -5.01 2.28 8.34
C VAL A 31 -4.39 1.29 7.34
N LEU A 32 -3.64 1.84 6.40
CA LEU A 32 -2.99 1.03 5.39
C LEU A 32 -2.10 -0.01 6.07
N LEU A 33 -1.74 0.28 7.31
CA LEU A 33 -0.90 -0.62 8.07
C LEU A 33 -1.63 -1.94 8.28
N GLN A 34 -2.90 -1.84 8.66
CA GLN A 34 -3.72 -3.01 8.88
C GLN A 34 -3.97 -3.75 7.57
N VAL A 35 -4.15 -2.97 6.51
CA VAL A 35 -4.39 -3.54 5.19
C VAL A 35 -3.10 -4.15 4.66
N LEU A 36 -2.03 -3.37 4.76
CA LEU A 36 -0.74 -3.82 4.29
C LEU A 36 -0.31 -5.05 5.09
N GLU A 37 -0.62 -5.01 6.38
CA GLU A 37 -0.27 -6.11 7.27
C GLU A 37 -1.03 -7.37 6.88
N ASP A 38 -2.32 -7.18 6.59
CA ASP A 38 -3.17 -8.30 6.22
C ASP A 38 -2.65 -8.90 4.91
N THR A 39 -2.49 -8.05 3.91
CA THR A 39 -2.00 -8.49 2.62
C THR A 39 -0.61 -9.11 2.75
N CYS A 40 0.18 -8.53 3.65
CA CYS A 40 1.53 -9.01 3.89
C CYS A 40 1.43 -10.38 4.55
N ARG A 41 0.44 -10.53 5.41
CA ARG A 41 0.23 -11.78 6.12
C ARG A 41 -0.20 -12.87 5.14
N ARG A 42 -1.20 -12.53 4.33
CA ARG A 42 -1.72 -13.46 3.34
C ARG A 42 -0.75 -13.60 2.18
N GLN A 43 -0.14 -12.48 1.81
CA GLN A 43 0.81 -12.46 0.71
C GLN A 43 2.23 -12.72 1.23
N ASP A 44 2.31 -12.98 2.53
CA ASP A 44 3.59 -13.24 3.17
C ASP A 44 4.63 -12.25 2.62
N PHE A 45 4.42 -10.99 2.96
CA PHE A 45 5.34 -9.95 2.52
C PHE A 45 5.82 -9.11 3.70
N ASN A 46 6.94 -8.44 3.49
CA ASN A 46 7.51 -7.59 4.52
C ASN A 46 7.67 -6.16 3.99
N PRO A 47 7.44 -5.18 4.90
CA PRO A 47 7.54 -3.79 4.54
C PRO A 47 9.00 -3.36 4.39
N SER A 48 9.84 -3.93 5.26
CA SER A 48 11.25 -3.62 5.24
C SER A 48 11.88 -4.11 3.93
N GLU A 49 11.09 -4.85 3.16
CA GLU A 49 11.54 -5.38 1.90
C GLU A 49 10.62 -4.94 0.76
N TYR A 50 9.60 -4.16 1.14
CA TYR A 50 8.64 -3.67 0.18
C TYR A 50 8.14 -2.27 0.57
N ASP A 51 8.01 -1.42 -0.44
CA ASP A 51 7.55 -0.06 -0.21
C ASP A 51 6.43 0.27 -1.21
N LEU A 52 5.50 1.09 -0.77
CA LEU A 52 4.39 1.49 -1.60
C LEU A 52 4.38 3.01 -1.75
N LYS A 53 4.14 3.46 -2.97
CA LYS A 53 4.11 4.88 -3.26
C LYS A 53 3.13 5.15 -4.41
N PHE A 54 2.43 6.27 -4.29
CA PHE A 54 1.46 6.65 -5.31
C PHE A 54 1.61 8.12 -5.68
N GLN A 55 2.02 8.34 -6.92
CA GLN A 55 2.20 9.70 -7.41
C GLN A 55 3.23 10.44 -6.56
N ARG A 56 2.72 11.38 -5.77
CA ARG A 56 3.58 12.17 -4.90
C ARG A 56 3.33 11.81 -3.43
N THR A 57 2.65 10.68 -3.24
CA THR A 57 2.35 10.21 -1.91
C THR A 57 2.95 8.83 -1.67
N VAL A 58 3.70 8.72 -0.60
CA VAL A 58 4.34 7.46 -0.25
C VAL A 58 3.35 6.59 0.52
N LEU A 59 3.39 5.30 0.21
CA LEU A 59 2.50 4.34 0.87
C LEU A 59 3.33 3.39 1.72
N ASP A 60 3.08 3.44 3.02
CA ASP A 60 3.79 2.59 3.96
C ASP A 60 2.84 2.17 5.08
N LEU A 61 3.42 1.97 6.26
CA LEU A 61 2.64 1.57 7.41
C LEU A 61 2.16 2.82 8.16
N SER A 62 3.03 3.81 8.20
CA SER A 62 2.70 5.06 8.88
C SER A 62 2.03 6.02 7.90
N LEU A 63 1.15 5.46 7.06
CA LEU A 63 0.44 6.24 6.08
C LEU A 63 -1.03 5.82 6.07
N GLN A 64 -1.86 6.64 6.71
CA GLN A 64 -3.29 6.36 6.78
C GLN A 64 -4.02 7.08 5.64
N TRP A 65 -5.09 6.44 5.19
CA TRP A 65 -5.89 7.00 4.10
C TRP A 65 -6.49 8.32 4.60
N ARG A 66 -6.96 8.30 5.83
CA ARG A 66 -7.57 9.47 6.43
C ARG A 66 -6.57 10.63 6.43
N PHE A 67 -5.31 10.29 6.21
CA PHE A 67 -4.26 11.29 6.18
C PHE A 67 -3.66 11.42 4.78
N ALA A 68 -3.05 10.33 4.33
CA ALA A 68 -2.44 10.30 3.01
C ALA A 68 -3.51 10.63 1.95
N ASN A 69 -4.76 10.57 2.39
CA ASN A 69 -5.88 10.84 1.50
C ASN A 69 -5.60 10.22 0.13
N LEU A 70 -6.05 8.98 -0.03
CA LEU A 70 -5.85 8.26 -1.28
C LEU A 70 -7.10 8.42 -2.15
N PRO A 71 -6.92 8.15 -3.47
CA PRO A 71 -8.01 8.27 -4.42
C PRO A 71 -8.98 7.09 -4.28
N ASN A 72 -10.09 7.18 -5.00
CA ASN A 72 -11.09 6.14 -4.96
C ASN A 72 -10.41 4.77 -5.08
N ASN A 73 -10.00 4.46 -6.30
CA ASN A 73 -9.34 3.20 -6.57
C ASN A 73 -7.97 3.19 -5.88
N ALA A 74 -7.65 4.32 -5.25
CA ALA A 74 -6.39 4.46 -4.55
C ALA A 74 -5.36 3.49 -5.16
N LYS A 75 -4.74 3.94 -6.24
CA LYS A 75 -3.74 3.14 -6.92
C LYS A 75 -2.37 3.43 -6.34
N LEU A 76 -1.73 2.37 -5.85
CA LEU A 76 -0.40 2.50 -5.26
C LEU A 76 0.58 1.61 -6.02
N GLU A 77 1.83 2.06 -6.06
CA GLU A 77 2.87 1.33 -6.75
C GLU A 77 3.72 0.55 -5.75
N MET A 78 4.00 -0.70 -6.09
CA MET A 78 4.80 -1.56 -5.22
C MET A 78 6.29 -1.45 -5.59
N VAL A 79 7.11 -1.36 -4.56
CA VAL A 79 8.55 -1.26 -4.75
C VAL A 79 9.26 -1.98 -3.61
N PRO A 80 10.31 -2.76 -3.99
CA PRO A 80 11.09 -3.50 -3.01
C PRO A 80 12.01 -2.57 -2.23
N VAL A 81 12.00 -2.74 -0.91
CA VAL A 81 12.84 -1.93 -0.05
C VAL A 81 12.28 -1.97 1.37
N SER A 82 12.56 -0.91 2.12
CA SER A 82 12.09 -0.81 3.50
C SER A 82 11.40 0.53 3.71
N ARG A 83 10.87 0.70 4.92
CA ARG A 83 10.19 1.93 5.27
C ARG A 83 10.86 3.13 4.60
N SER A 84 12.13 3.32 4.93
CA SER A 84 12.89 4.41 4.35
C SER A 84 12.33 5.75 4.84
N ARG A 85 12.74 6.13 6.04
CA ARG A 85 12.28 7.38 6.63
C ARG A 85 12.18 8.46 5.55
N SER A 10 -14.15 3.59 -1.15
CA SER A 10 -12.75 3.73 -1.48
C SER A 10 -12.19 2.40 -1.95
N ALA A 11 -11.11 2.47 -2.73
CA ALA A 11 -10.48 1.28 -3.25
C ALA A 11 -8.97 1.53 -3.37
N VAL A 12 -8.20 0.49 -3.03
CA VAL A 12 -6.76 0.59 -3.10
C VAL A 12 -6.23 -0.44 -4.10
N SER A 13 -5.34 0.02 -4.97
CA SER A 13 -4.76 -0.85 -5.97
C SER A 13 -3.24 -0.86 -5.83
N VAL A 14 -2.67 -2.05 -5.90
CA VAL A 14 -1.23 -2.21 -5.79
C VAL A 14 -0.69 -2.85 -7.07
N LEU A 15 0.16 -2.09 -7.76
CA LEU A 15 0.75 -2.56 -8.99
C LEU A 15 2.19 -3.01 -8.73
N ALA A 16 2.38 -4.32 -8.79
CA ALA A 16 3.70 -4.90 -8.56
C ALA A 16 4.53 -4.80 -9.85
N PRO A 17 5.78 -4.31 -9.69
CA PRO A 17 6.68 -4.16 -10.83
C PRO A 17 7.24 -5.52 -11.25
N ASN A 18 6.97 -6.52 -10.42
CA ASN A 18 7.44 -7.86 -10.70
C ASN A 18 6.53 -8.52 -11.73
N GLY A 19 5.60 -7.72 -12.25
CA GLY A 19 4.66 -8.22 -13.24
C GLY A 19 3.38 -8.74 -12.57
N ARG A 20 3.21 -8.36 -11.32
CA ARG A 20 2.04 -8.78 -10.56
C ARG A 20 1.16 -7.57 -10.24
N ARG A 21 -0.03 -7.58 -10.82
CA ARG A 21 -0.97 -6.49 -10.60
C ARG A 21 -2.15 -6.98 -9.75
N HIS A 22 -2.28 -6.40 -8.57
CA HIS A 22 -3.35 -6.77 -7.67
C HIS A 22 -3.91 -5.51 -7.00
N THR A 23 -5.23 -5.47 -6.89
CA THR A 23 -5.89 -4.33 -6.27
C THR A 23 -6.68 -4.78 -5.03
N VAL A 24 -6.50 -4.03 -3.96
CA VAL A 24 -7.18 -4.34 -2.71
C VAL A 24 -8.05 -3.15 -2.30
N LYS A 25 -9.33 -3.43 -2.11
CA LYS A 25 -10.28 -2.40 -1.71
C LYS A 25 -10.19 -2.18 -0.20
N VAL A 26 -9.71 -1.00 0.16
CA VAL A 26 -9.58 -0.66 1.57
C VAL A 26 -10.47 0.53 1.89
N THR A 27 -10.62 0.80 3.18
CA THR A 27 -11.45 1.91 3.62
C THR A 27 -10.61 3.18 3.75
N PRO A 28 -11.31 4.34 3.62
CA PRO A 28 -10.64 5.63 3.72
C PRO A 28 -10.29 5.95 5.17
N SER A 29 -10.87 5.18 6.08
CA SER A 29 -10.63 5.37 7.50
C SER A 29 -9.79 4.22 8.05
N THR A 30 -9.48 3.28 7.18
CA THR A 30 -8.67 2.13 7.55
C THR A 30 -7.19 2.44 7.40
N VAL A 31 -6.41 1.96 8.36
CA VAL A 31 -4.97 2.18 8.33
C VAL A 31 -4.33 1.23 7.32
N LEU A 32 -3.55 1.81 6.42
CA LEU A 32 -2.88 1.04 5.39
C LEU A 32 -2.02 -0.03 6.06
N LEU A 33 -1.69 0.21 7.32
CA LEU A 33 -0.87 -0.71 8.08
C LEU A 33 -1.62 -2.04 8.24
N GLN A 34 -2.91 -1.92 8.57
CA GLN A 34 -3.74 -3.09 8.75
C GLN A 34 -3.95 -3.80 7.42
N VAL A 35 -4.08 -3.01 6.36
CA VAL A 35 -4.29 -3.56 5.03
C VAL A 35 -2.98 -4.18 4.53
N LEU A 36 -1.91 -3.42 4.65
CA LEU A 36 -0.60 -3.88 4.21
C LEU A 36 -0.22 -5.12 5.01
N GLU A 37 -0.55 -5.08 6.30
CA GLU A 37 -0.25 -6.20 7.19
C GLU A 37 -1.05 -7.44 6.77
N ASP A 38 -2.32 -7.21 6.49
CA ASP A 38 -3.20 -8.29 6.08
C ASP A 38 -2.65 -8.94 4.81
N THR A 39 -2.44 -8.10 3.81
CA THR A 39 -1.92 -8.57 2.53
C THR A 39 -0.52 -9.16 2.71
N CYS A 40 0.23 -8.56 3.62
CA CYS A 40 1.59 -9.02 3.89
C CYS A 40 1.50 -10.40 4.56
N ARG A 41 0.48 -10.54 5.40
CA ARG A 41 0.27 -11.80 6.10
C ARG A 41 -0.12 -12.90 5.12
N ARG A 42 -1.09 -12.59 4.28
CA ARG A 42 -1.56 -13.54 3.28
C ARG A 42 -0.55 -13.66 2.14
N GLN A 43 0.04 -12.53 1.80
CA GLN A 43 1.02 -12.49 0.73
C GLN A 43 2.43 -12.71 1.30
N ASP A 44 2.47 -12.98 2.59
CA ASP A 44 3.74 -13.20 3.26
C ASP A 44 4.78 -12.19 2.73
N PHE A 45 4.54 -10.94 3.06
CA PHE A 45 5.44 -9.87 2.62
C PHE A 45 5.87 -9.01 3.82
N ASN A 46 6.98 -8.32 3.62
CA ASN A 46 7.51 -7.44 4.66
C ASN A 46 7.62 -6.02 4.12
N PRO A 47 7.38 -5.04 5.03
CA PRO A 47 7.46 -3.64 4.66
C PRO A 47 8.91 -3.18 4.52
N SER A 48 9.76 -3.75 5.37
CA SER A 48 11.17 -3.41 5.34
C SER A 48 11.81 -3.90 4.04
N GLU A 49 11.03 -4.66 3.28
CA GLU A 49 11.50 -5.20 2.02
C GLU A 49 10.55 -4.78 0.88
N TYR A 50 9.53 -4.02 1.25
CA TYR A 50 8.56 -3.54 0.29
C TYR A 50 8.02 -2.17 0.68
N ASP A 51 7.87 -1.32 -0.33
CA ASP A 51 7.37 0.02 -0.10
C ASP A 51 6.25 0.32 -1.10
N LEU A 52 5.29 1.13 -0.66
CA LEU A 52 4.17 1.50 -1.50
C LEU A 52 4.13 3.01 -1.65
N LYS A 53 3.93 3.45 -2.89
CA LYS A 53 3.88 4.87 -3.18
C LYS A 53 2.91 5.11 -4.35
N PHE A 54 2.17 6.21 -4.24
CA PHE A 54 1.21 6.56 -5.28
C PHE A 54 1.39 8.01 -5.72
N GLN A 55 1.80 8.16 -6.97
CA GLN A 55 2.02 9.49 -7.53
C GLN A 55 3.02 10.27 -6.69
N ARG A 56 2.49 11.22 -5.93
CA ARG A 56 3.33 12.05 -5.07
C ARG A 56 3.05 11.72 -3.60
N THR A 57 2.38 10.60 -3.40
CA THR A 57 2.06 10.16 -2.04
C THR A 57 2.68 8.79 -1.75
N VAL A 58 3.47 8.76 -0.70
CA VAL A 58 4.13 7.52 -0.30
C VAL A 58 3.17 6.67 0.53
N LEU A 59 3.21 5.37 0.28
CA LEU A 59 2.34 4.46 1.00
C LEU A 59 3.20 3.50 1.85
N ASP A 60 3.01 3.59 3.16
CA ASP A 60 3.75 2.76 4.08
C ASP A 60 2.82 2.25 5.18
N LEU A 61 3.41 1.97 6.33
CA LEU A 61 2.64 1.48 7.47
C LEU A 61 2.19 2.67 8.31
N SER A 62 3.11 3.61 8.51
CA SER A 62 2.83 4.79 9.29
C SER A 62 2.16 5.86 8.41
N LEU A 63 1.28 5.39 7.54
CA LEU A 63 0.57 6.28 6.64
C LEU A 63 -0.86 5.76 6.43
N GLN A 64 -1.81 6.49 7.00
CA GLN A 64 -3.21 6.11 6.89
C GLN A 64 -3.85 6.84 5.70
N TRP A 65 -4.93 6.26 5.21
CA TRP A 65 -5.66 6.84 4.10
C TRP A 65 -6.20 8.20 4.54
N ARG A 66 -6.73 8.22 5.75
CA ARG A 66 -7.29 9.45 6.31
C ARG A 66 -6.23 10.56 6.30
N PHE A 67 -4.99 10.15 6.13
CA PHE A 67 -3.88 11.10 6.10
C PHE A 67 -3.28 11.19 4.71
N ALA A 68 -2.75 10.05 4.25
CA ALA A 68 -2.13 9.99 2.94
C ALA A 68 -3.14 10.43 1.88
N ASN A 69 -4.41 10.43 2.28
CA ASN A 69 -5.48 10.82 1.37
C ASN A 69 -5.21 10.23 -0.01
N LEU A 70 -5.79 9.06 -0.23
CA LEU A 70 -5.63 8.38 -1.51
C LEU A 70 -6.91 8.53 -2.33
N PRO A 71 -6.78 8.28 -3.66
CA PRO A 71 -7.91 8.39 -4.56
C PRO A 71 -8.85 7.19 -4.39
N ASN A 72 -9.99 7.29 -5.06
CA ASN A 72 -10.99 6.23 -5.00
C ASN A 72 -10.29 4.87 -5.11
N ASN A 73 -10.01 4.49 -6.35
CA ASN A 73 -9.35 3.22 -6.62
C ASN A 73 -7.97 3.23 -5.95
N ALA A 74 -7.63 4.36 -5.36
CA ALA A 74 -6.36 4.52 -4.70
C ALA A 74 -5.36 3.52 -5.29
N LYS A 75 -4.68 3.95 -6.34
CA LYS A 75 -3.70 3.11 -7.00
C LYS A 75 -2.31 3.39 -6.42
N LEU A 76 -1.74 2.39 -5.80
CA LEU A 76 -0.43 2.52 -5.20
C LEU A 76 0.57 1.65 -5.97
N GLU A 77 1.81 2.09 -5.97
CA GLU A 77 2.87 1.37 -6.68
C GLU A 77 3.71 0.57 -5.68
N MET A 78 3.95 -0.68 -6.03
CA MET A 78 4.74 -1.56 -5.19
C MET A 78 6.22 -1.49 -5.54
N VAL A 79 7.02 -1.25 -4.52
CA VAL A 79 8.46 -1.15 -4.71
C VAL A 79 9.18 -1.85 -3.55
N PRO A 80 10.24 -2.62 -3.90
CA PRO A 80 11.01 -3.34 -2.90
C PRO A 80 11.92 -2.40 -2.12
N VAL A 81 11.89 -2.54 -0.80
CA VAL A 81 12.71 -1.71 0.06
C VAL A 81 12.13 -1.75 1.48
N SER A 82 12.34 -0.66 2.20
CA SER A 82 11.86 -0.56 3.57
C SER A 82 11.13 0.77 3.77
N ARG A 83 10.51 0.91 4.93
CA ARG A 83 9.79 2.11 5.25
C ARG A 83 10.64 3.35 4.95
N SER A 84 10.15 4.14 4.00
CA SER A 84 10.84 5.35 3.60
C SER A 84 10.47 6.51 4.52
N ARG A 85 11.49 7.13 5.10
CA ARG A 85 11.27 8.24 6.00
C ARG A 85 12.44 9.23 5.90
N SER A 10 -14.38 3.32 -0.84
CA SER A 10 -13.06 3.54 -1.42
C SER A 10 -12.49 2.24 -1.97
N ALA A 11 -11.43 2.37 -2.74
CA ALA A 11 -10.78 1.20 -3.33
C ALA A 11 -9.29 1.46 -3.45
N VAL A 12 -8.51 0.43 -3.17
CA VAL A 12 -7.06 0.53 -3.24
C VAL A 12 -6.53 -0.46 -4.27
N SER A 13 -5.49 -0.03 -4.98
CA SER A 13 -4.89 -0.87 -6.00
C SER A 13 -3.37 -0.84 -5.87
N VAL A 14 -2.78 -2.03 -5.93
CA VAL A 14 -1.33 -2.15 -5.81
C VAL A 14 -0.78 -2.79 -7.09
N LEU A 15 0.05 -2.02 -7.78
CA LEU A 15 0.65 -2.51 -9.01
C LEU A 15 2.10 -2.91 -8.75
N ALA A 16 2.34 -4.21 -8.79
CA ALA A 16 3.68 -4.72 -8.55
C ALA A 16 4.49 -4.65 -9.85
N PRO A 17 5.72 -4.09 -9.73
CA PRO A 17 6.60 -3.96 -10.88
C PRO A 17 7.22 -5.30 -11.26
N ASN A 18 6.99 -6.29 -10.39
CA ASN A 18 7.51 -7.63 -10.63
C ASN A 18 6.62 -8.34 -11.64
N GLY A 19 5.64 -7.61 -12.16
CA GLY A 19 4.72 -8.16 -13.13
C GLY A 19 3.46 -8.71 -12.45
N ARG A 20 3.29 -8.30 -11.20
CA ARG A 20 2.13 -8.74 -10.43
C ARG A 20 1.21 -7.55 -10.13
N ARG A 21 0.03 -7.59 -10.70
CA ARG A 21 -0.95 -6.54 -10.50
C ARG A 21 -2.12 -7.03 -9.64
N HIS A 22 -2.25 -6.44 -8.47
CA HIS A 22 -3.31 -6.82 -7.56
C HIS A 22 -3.92 -5.56 -6.93
N THR A 23 -5.25 -5.57 -6.83
CA THR A 23 -5.96 -4.44 -6.25
C THR A 23 -6.73 -4.88 -5.01
N VAL A 24 -6.60 -4.08 -3.95
CA VAL A 24 -7.27 -4.37 -2.71
C VAL A 24 -8.20 -3.20 -2.35
N LYS A 25 -9.42 -3.56 -2.00
CA LYS A 25 -10.42 -2.56 -1.64
C LYS A 25 -10.44 -2.40 -0.12
N VAL A 26 -10.00 -1.24 0.33
CA VAL A 26 -9.96 -0.95 1.75
C VAL A 26 -10.73 0.36 2.02
N THR A 27 -10.97 0.60 3.30
CA THR A 27 -11.69 1.80 3.71
C THR A 27 -10.75 3.00 3.76
N PRO A 28 -11.34 4.21 3.57
CA PRO A 28 -10.55 5.43 3.60
C PRO A 28 -10.17 5.80 5.03
N SER A 29 -10.83 5.16 5.98
CA SER A 29 -10.57 5.41 7.38
C SER A 29 -9.68 4.30 7.96
N THR A 30 -9.38 3.33 7.12
CA THR A 30 -8.54 2.21 7.52
C THR A 30 -7.07 2.54 7.28
N VAL A 31 -6.24 2.14 8.24
CA VAL A 31 -4.81 2.38 8.15
C VAL A 31 -4.19 1.37 7.17
N LEU A 32 -3.37 1.91 6.28
CA LEU A 32 -2.71 1.07 5.29
C LEU A 32 -1.90 -0.01 6.00
N LEU A 33 -1.59 0.25 7.26
CA LEU A 33 -0.82 -0.69 8.06
C LEU A 33 -1.61 -1.99 8.20
N GLN A 34 -2.90 -1.84 8.48
CA GLN A 34 -3.77 -3.00 8.65
C GLN A 34 -3.96 -3.71 7.31
N VAL A 35 -4.10 -2.92 6.26
CA VAL A 35 -4.29 -3.47 4.93
C VAL A 35 -2.97 -4.06 4.44
N LEU A 36 -1.91 -3.28 4.60
CA LEU A 36 -0.59 -3.71 4.17
C LEU A 36 -0.22 -5.00 4.91
N GLU A 37 -0.47 -4.98 6.21
CA GLU A 37 -0.17 -6.15 7.04
C GLU A 37 -1.05 -7.33 6.63
N ASP A 38 -2.29 -7.01 6.31
CA ASP A 38 -3.24 -8.04 5.91
C ASP A 38 -2.71 -8.76 4.67
N THR A 39 -2.41 -7.96 3.64
CA THR A 39 -1.89 -8.50 2.41
C THR A 39 -0.51 -9.12 2.62
N CYS A 40 0.24 -8.51 3.52
CA CYS A 40 1.58 -9.00 3.84
C CYS A 40 1.45 -10.35 4.54
N ARG A 41 0.41 -10.46 5.36
CA ARG A 41 0.16 -11.69 6.09
C ARG A 41 -0.22 -12.81 5.13
N ARG A 42 -1.16 -12.50 4.25
CA ARG A 42 -1.63 -13.47 3.27
C ARG A 42 -0.59 -13.64 2.16
N GLN A 43 0.03 -12.53 1.80
CA GLN A 43 1.03 -12.54 0.75
C GLN A 43 2.42 -12.76 1.35
N ASP A 44 2.44 -12.97 2.67
CA ASP A 44 3.69 -13.21 3.37
C ASP A 44 4.75 -12.22 2.85
N PHE A 45 4.52 -10.95 3.12
CA PHE A 45 5.44 -9.91 2.70
C PHE A 45 5.86 -9.03 3.86
N ASN A 46 6.99 -8.36 3.69
CA ASN A 46 7.50 -7.47 4.72
C ASN A 46 7.62 -6.05 4.15
N PRO A 47 7.37 -5.06 5.04
CA PRO A 47 7.44 -3.66 4.65
C PRO A 47 8.90 -3.21 4.51
N SER A 48 9.75 -3.76 5.37
CA SER A 48 11.16 -3.43 5.35
C SER A 48 11.80 -3.92 4.05
N GLU A 49 11.01 -4.68 3.30
CA GLU A 49 11.49 -5.22 2.03
C GLU A 49 10.57 -4.79 0.90
N TYR A 50 9.53 -4.04 1.27
CA TYR A 50 8.57 -3.57 0.29
C TYR A 50 8.03 -2.19 0.69
N ASP A 51 7.87 -1.34 -0.31
CA ASP A 51 7.37 0.00 -0.09
C ASP A 51 6.25 0.31 -1.10
N LEU A 52 5.30 1.10 -0.65
CA LEU A 52 4.17 1.47 -1.49
C LEU A 52 4.12 3.00 -1.63
N LYS A 53 3.94 3.44 -2.85
CA LYS A 53 3.87 4.87 -3.13
C LYS A 53 2.94 5.11 -4.32
N PHE A 54 2.20 6.20 -4.24
CA PHE A 54 1.27 6.56 -5.31
C PHE A 54 1.47 8.01 -5.74
N GLN A 55 1.92 8.17 -6.98
CA GLN A 55 2.15 9.49 -7.52
C GLN A 55 3.19 10.24 -6.67
N ARG A 56 2.69 11.21 -5.91
CA ARG A 56 3.56 12.00 -5.07
C ARG A 56 3.30 11.68 -3.59
N THR A 57 2.60 10.57 -3.38
CA THR A 57 2.28 10.14 -2.02
C THR A 57 2.90 8.77 -1.74
N VAL A 58 3.62 8.70 -0.64
CA VAL A 58 4.27 7.46 -0.23
C VAL A 58 3.31 6.65 0.63
N LEU A 59 3.32 5.34 0.41
CA LEU A 59 2.46 4.45 1.16
C LEU A 59 3.33 3.50 2.00
N ASP A 60 3.13 3.57 3.31
CA ASP A 60 3.88 2.72 4.23
C ASP A 60 2.95 2.23 5.33
N LEU A 61 3.55 1.95 6.49
CA LEU A 61 2.79 1.46 7.62
C LEU A 61 2.31 2.65 8.45
N SER A 62 3.22 3.61 8.64
CA SER A 62 2.90 4.79 9.41
C SER A 62 2.24 5.85 8.51
N LEU A 63 1.36 5.37 7.65
CA LEU A 63 0.65 6.24 6.73
C LEU A 63 -0.77 5.72 6.53
N GLN A 64 -1.73 6.47 7.05
CA GLN A 64 -3.13 6.10 6.93
C GLN A 64 -3.75 6.77 5.71
N TRP A 65 -4.84 6.17 5.23
CA TRP A 65 -5.53 6.70 4.07
C TRP A 65 -6.09 8.07 4.43
N ARG A 66 -6.67 8.15 5.61
CA ARG A 66 -7.25 9.39 6.09
C ARG A 66 -6.17 10.48 6.16
N PHE A 67 -4.92 10.04 6.07
CA PHE A 67 -3.80 10.95 6.11
C PHE A 67 -3.21 11.17 4.72
N ALA A 68 -2.71 10.09 4.15
CA ALA A 68 -2.12 10.15 2.82
C ALA A 68 -3.20 10.48 1.80
N ASN A 69 -4.44 10.40 2.25
CA ASN A 69 -5.58 10.69 1.39
C ASN A 69 -5.34 10.07 0.01
N LEU A 70 -5.83 8.86 -0.16
CA LEU A 70 -5.68 8.15 -1.41
C LEU A 70 -6.92 8.37 -2.28
N PRO A 71 -6.76 8.12 -3.61
CA PRO A 71 -7.86 8.28 -4.54
C PRO A 71 -8.87 7.14 -4.41
N ASN A 72 -9.97 7.29 -5.11
CA ASN A 72 -11.02 6.28 -5.09
C ASN A 72 -10.38 4.89 -5.12
N ASN A 73 -10.05 4.45 -6.32
CA ASN A 73 -9.44 3.15 -6.51
C ASN A 73 -8.06 3.14 -5.84
N ALA A 74 -7.71 4.29 -5.29
CA ALA A 74 -6.42 4.43 -4.62
C ALA A 74 -5.42 3.44 -5.23
N LYS A 75 -4.76 3.89 -6.28
CA LYS A 75 -3.77 3.05 -6.96
C LYS A 75 -2.38 3.42 -6.46
N LEU A 76 -1.73 2.43 -5.85
CA LEU A 76 -0.39 2.63 -5.32
C LEU A 76 0.59 1.75 -6.09
N GLU A 77 1.85 2.19 -6.12
CA GLU A 77 2.88 1.45 -6.81
C GLU A 77 3.74 0.67 -5.80
N MET A 78 3.93 -0.61 -6.11
CA MET A 78 4.71 -1.47 -5.24
C MET A 78 6.21 -1.37 -5.58
N VAL A 79 7.00 -1.26 -4.53
CA VAL A 79 8.45 -1.15 -4.70
C VAL A 79 9.15 -1.84 -3.53
N PRO A 80 10.20 -2.62 -3.88
CA PRO A 80 10.97 -3.35 -2.87
C PRO A 80 11.88 -2.40 -2.09
N VAL A 81 11.84 -2.54 -0.78
CA VAL A 81 12.66 -1.70 0.08
C VAL A 81 12.09 -1.74 1.51
N SER A 82 12.29 -0.64 2.22
CA SER A 82 11.81 -0.54 3.58
C SER A 82 11.11 0.81 3.79
N ARG A 83 10.52 0.96 4.97
CA ARG A 83 9.81 2.19 5.30
C ARG A 83 10.70 3.40 5.01
N SER A 84 11.96 3.27 5.36
CA SER A 84 12.92 4.34 5.14
C SER A 84 14.32 3.88 5.51
N ARG A 85 15.30 4.71 5.17
CA ARG A 85 16.69 4.39 5.46
C ARG A 85 17.09 4.95 6.83
N SER A 10 -14.21 3.42 -1.07
CA SER A 10 -12.80 3.61 -1.36
C SER A 10 -12.14 2.26 -1.64
N ALA A 11 -11.15 2.29 -2.52
CA ALA A 11 -10.42 1.09 -2.88
C ALA A 11 -8.96 1.44 -3.16
N VAL A 12 -8.08 0.51 -2.78
CA VAL A 12 -6.66 0.71 -2.98
C VAL A 12 -6.12 -0.39 -3.91
N SER A 13 -5.36 0.05 -4.91
CA SER A 13 -4.79 -0.89 -5.86
C SER A 13 -3.26 -0.77 -5.85
N VAL A 14 -2.61 -1.92 -5.76
CA VAL A 14 -1.16 -1.96 -5.74
C VAL A 14 -0.66 -2.77 -6.94
N LEU A 15 0.07 -2.09 -7.80
CA LEU A 15 0.63 -2.73 -8.99
C LEU A 15 2.13 -2.93 -8.81
N ALA A 16 2.54 -4.20 -8.90
CA ALA A 16 3.95 -4.54 -8.75
C ALA A 16 4.64 -4.44 -10.11
N PRO A 17 5.85 -3.81 -10.09
CA PRO A 17 6.62 -3.64 -11.31
C PRO A 17 7.27 -4.97 -11.73
N ASN A 18 7.16 -5.95 -10.86
CA ASN A 18 7.72 -7.26 -11.13
C ASN A 18 6.78 -8.03 -12.05
N GLY A 19 5.70 -7.37 -12.43
CA GLY A 19 4.72 -7.99 -13.30
C GLY A 19 3.55 -8.56 -12.49
N ARG A 20 3.47 -8.14 -11.24
CA ARG A 20 2.42 -8.60 -10.35
C ARG A 20 1.45 -7.46 -10.05
N ARG A 21 0.22 -7.63 -10.52
CA ARG A 21 -0.82 -6.64 -10.30
C ARG A 21 -1.87 -7.16 -9.33
N HIS A 22 -2.02 -6.45 -8.23
CA HIS A 22 -2.99 -6.83 -7.21
C HIS A 22 -3.68 -5.58 -6.67
N THR A 23 -5.00 -5.68 -6.56
CA THR A 23 -5.80 -4.58 -6.06
C THR A 23 -6.53 -4.98 -4.78
N VAL A 24 -6.34 -4.16 -3.75
CA VAL A 24 -6.98 -4.43 -2.47
C VAL A 24 -7.88 -3.24 -2.10
N LYS A 25 -9.14 -3.55 -1.87
CA LYS A 25 -10.12 -2.52 -1.52
C LYS A 25 -10.04 -2.26 -0.01
N VAL A 26 -9.60 -1.06 0.33
CA VAL A 26 -9.48 -0.68 1.74
C VAL A 26 -10.38 0.53 2.01
N THR A 27 -10.54 0.83 3.28
CA THR A 27 -11.37 1.94 3.70
C THR A 27 -10.52 3.22 3.82
N PRO A 28 -11.20 4.38 3.64
CA PRO A 28 -10.53 5.67 3.74
C PRO A 28 -10.21 6.03 5.19
N SER A 29 -10.81 5.26 6.10
CA SER A 29 -10.60 5.48 7.52
C SER A 29 -9.77 4.35 8.11
N THR A 30 -9.45 3.38 7.26
CA THR A 30 -8.65 2.24 7.68
C THR A 30 -7.16 2.54 7.51
N VAL A 31 -6.39 2.09 8.48
CA VAL A 31 -4.95 2.30 8.45
C VAL A 31 -4.31 1.31 7.47
N LEU A 32 -3.50 1.86 6.57
CA LEU A 32 -2.84 1.04 5.58
C LEU A 32 -2.01 -0.04 6.29
N LEU A 33 -1.70 0.23 7.55
CA LEU A 33 -0.92 -0.71 8.35
C LEU A 33 -1.70 -2.00 8.50
N GLN A 34 -2.98 -1.86 8.81
CA GLN A 34 -3.84 -3.02 9.00
C GLN A 34 -4.05 -3.74 7.67
N VAL A 35 -4.19 -2.95 6.62
CA VAL A 35 -4.40 -3.51 5.29
C VAL A 35 -3.09 -4.13 4.79
N LEU A 36 -2.02 -3.35 4.90
CA LEU A 36 -0.71 -3.81 4.46
C LEU A 36 -0.31 -5.04 5.29
N GLU A 37 -0.57 -4.95 6.59
CA GLU A 37 -0.24 -6.04 7.48
C GLU A 37 -1.02 -7.30 7.10
N ASP A 38 -2.30 -7.11 6.82
CA ASP A 38 -3.16 -8.21 6.43
C ASP A 38 -2.68 -8.79 5.10
N THR A 39 -2.56 -7.91 4.12
CA THR A 39 -2.11 -8.32 2.79
C THR A 39 -0.74 -8.99 2.88
N CYS A 40 0.08 -8.47 3.80
CA CYS A 40 1.42 -9.01 3.99
C CYS A 40 1.30 -10.42 4.58
N ARG A 41 0.30 -10.57 5.44
CA ARG A 41 0.06 -11.86 6.08
C ARG A 41 -0.40 -12.88 5.05
N ARG A 42 -1.38 -12.48 4.25
CA ARG A 42 -1.92 -13.35 3.22
C ARG A 42 -0.95 -13.46 2.05
N GLN A 43 -0.30 -12.34 1.75
CA GLN A 43 0.67 -12.31 0.66
C GLN A 43 2.08 -12.53 1.19
N ASP A 44 2.14 -12.93 2.46
CA ASP A 44 3.43 -13.19 3.10
C ASP A 44 4.47 -12.21 2.56
N PHE A 45 4.26 -10.94 2.88
CA PHE A 45 5.17 -9.90 2.44
C PHE A 45 5.67 -9.07 3.63
N ASN A 46 6.80 -8.40 3.41
CA ASN A 46 7.39 -7.58 4.45
C ASN A 46 7.55 -6.15 3.92
N PRO A 47 7.31 -5.17 4.83
CA PRO A 47 7.42 -3.76 4.48
C PRO A 47 8.90 -3.35 4.37
N SER A 48 9.70 -3.92 5.24
CA SER A 48 11.13 -3.63 5.25
C SER A 48 11.77 -4.11 3.96
N GLU A 49 11.00 -4.85 3.18
CA GLU A 49 11.49 -5.37 1.92
C GLU A 49 10.58 -4.92 0.77
N TYR A 50 9.56 -4.16 1.13
CA TYR A 50 8.62 -3.65 0.14
C TYR A 50 8.08 -2.28 0.54
N ASP A 51 7.97 -1.41 -0.45
CA ASP A 51 7.48 -0.06 -0.20
C ASP A 51 6.40 0.27 -1.23
N LEU A 52 5.43 1.07 -0.79
CA LEU A 52 4.34 1.46 -1.66
C LEU A 52 4.30 3.00 -1.76
N LYS A 53 4.09 3.46 -2.99
CA LYS A 53 4.03 4.89 -3.24
C LYS A 53 3.06 5.16 -4.39
N PHE A 54 2.34 6.26 -4.27
CA PHE A 54 1.38 6.64 -5.30
C PHE A 54 1.54 8.12 -5.67
N GLN A 55 1.96 8.35 -6.90
CA GLN A 55 2.15 9.72 -7.38
C GLN A 55 3.15 10.46 -6.50
N ARG A 56 2.62 11.37 -5.71
CA ARG A 56 3.46 12.17 -4.82
C ARG A 56 3.19 11.77 -3.35
N THR A 57 2.52 10.63 -3.19
CA THR A 57 2.21 10.14 -1.87
C THR A 57 2.84 8.77 -1.65
N VAL A 58 3.47 8.62 -0.49
CA VAL A 58 4.12 7.37 -0.14
C VAL A 58 3.13 6.47 0.58
N LEU A 59 3.20 5.18 0.25
CA LEU A 59 2.31 4.21 0.85
C LEU A 59 3.13 3.22 1.69
N ASP A 60 2.82 3.19 2.98
CA ASP A 60 3.52 2.29 3.89
C ASP A 60 2.59 1.90 5.03
N LEU A 61 3.18 1.67 6.19
CA LEU A 61 2.41 1.28 7.37
C LEU A 61 2.00 2.54 8.13
N SER A 62 2.93 3.46 8.24
CA SER A 62 2.67 4.71 8.94
C SER A 62 2.08 5.74 7.98
N LEU A 63 1.17 5.25 7.15
CA LEU A 63 0.51 6.11 6.18
C LEU A 63 -0.97 5.78 6.12
N GLN A 64 -1.75 6.55 6.86
CA GLN A 64 -3.20 6.34 6.91
C GLN A 64 -3.87 7.02 5.71
N TRP A 65 -4.94 6.39 5.26
CA TRP A 65 -5.68 6.93 4.13
C TRP A 65 -6.25 8.29 4.52
N ARG A 66 -6.75 8.34 5.75
CA ARG A 66 -7.32 9.58 6.27
C ARG A 66 -6.30 10.71 6.19
N PHE A 67 -5.05 10.33 6.01
CA PHE A 67 -3.98 11.30 5.92
C PHE A 67 -3.38 11.34 4.50
N ALA A 68 -2.97 10.16 4.05
CA ALA A 68 -2.38 10.03 2.72
C ALA A 68 -3.44 10.38 1.67
N ASN A 69 -4.69 10.35 2.10
CA ASN A 69 -5.80 10.66 1.21
C ASN A 69 -5.53 10.04 -0.17
N LEU A 70 -6.01 8.82 -0.34
CA LEU A 70 -5.82 8.12 -1.59
C LEU A 70 -7.09 8.26 -2.44
N PRO A 71 -6.92 8.03 -3.78
CA PRO A 71 -8.03 8.13 -4.70
C PRO A 71 -8.96 6.92 -4.57
N ASN A 72 -10.09 7.00 -5.27
CA ASN A 72 -11.06 5.92 -5.25
C ASN A 72 -10.33 4.58 -5.16
N ASN A 73 -10.03 4.02 -6.33
CA ASN A 73 -9.33 2.74 -6.38
C ASN A 73 -7.93 2.90 -5.79
N ALA A 74 -7.63 4.12 -5.38
CA ALA A 74 -6.33 4.42 -4.80
C ALA A 74 -5.29 3.46 -5.35
N LYS A 75 -4.65 3.90 -6.43
CA LYS A 75 -3.63 3.08 -7.07
C LYS A 75 -2.26 3.40 -6.46
N LEU A 76 -1.61 2.35 -5.97
CA LEU A 76 -0.30 2.50 -5.35
C LEU A 76 0.72 1.71 -6.15
N GLU A 77 1.97 2.18 -6.10
CA GLU A 77 3.04 1.52 -6.81
C GLU A 77 3.88 0.67 -5.84
N MET A 78 4.09 -0.57 -6.23
CA MET A 78 4.86 -1.49 -5.41
C MET A 78 6.36 -1.36 -5.72
N VAL A 79 7.14 -1.28 -4.65
CA VAL A 79 8.59 -1.16 -4.78
C VAL A 79 9.27 -1.88 -3.62
N PRO A 80 10.31 -2.67 -3.98
CA PRO A 80 11.06 -3.42 -2.98
C PRO A 80 11.98 -2.51 -2.18
N VAL A 81 11.94 -2.67 -0.87
CA VAL A 81 12.76 -1.87 0.03
C VAL A 81 12.17 -1.92 1.44
N SER A 82 12.43 -0.85 2.19
CA SER A 82 11.94 -0.77 3.56
C SER A 82 11.27 0.59 3.78
N ARG A 83 10.71 0.74 4.97
CA ARG A 83 10.04 1.99 5.32
C ARG A 83 11.00 3.17 5.17
N SER A 84 10.50 4.22 4.54
CA SER A 84 11.30 5.41 4.33
C SER A 84 10.99 6.44 5.43
N ARG A 85 11.82 6.41 6.47
CA ARG A 85 11.65 7.33 7.58
C ARG A 85 12.17 8.71 7.21
N SER A 10 -14.25 3.63 -1.31
CA SER A 10 -12.81 3.74 -1.34
C SER A 10 -12.19 2.38 -1.72
N ALA A 11 -11.21 2.44 -2.61
CA ALA A 11 -10.54 1.23 -3.06
C ALA A 11 -9.05 1.55 -3.31
N VAL A 12 -8.22 0.58 -2.98
CA VAL A 12 -6.78 0.74 -3.17
C VAL A 12 -6.28 -0.33 -4.14
N SER A 13 -5.32 0.07 -4.96
CA SER A 13 -4.75 -0.84 -5.95
C SER A 13 -3.22 -0.86 -5.81
N VAL A 14 -2.67 -2.06 -5.90
CA VAL A 14 -1.23 -2.23 -5.78
C VAL A 14 -0.70 -2.86 -7.07
N LEU A 15 0.16 -2.12 -7.75
CA LEU A 15 0.75 -2.58 -8.99
C LEU A 15 2.19 -3.00 -8.74
N ALA A 16 2.42 -4.31 -8.80
CA ALA A 16 3.74 -4.86 -8.59
C ALA A 16 4.55 -4.78 -9.89
N PRO A 17 5.79 -4.25 -9.76
CA PRO A 17 6.66 -4.12 -10.92
C PRO A 17 7.24 -5.48 -11.33
N ASN A 18 6.99 -6.47 -10.48
CA ASN A 18 7.47 -7.81 -10.75
C ASN A 18 6.56 -8.49 -11.76
N GLY A 19 5.59 -7.73 -12.25
CA GLY A 19 4.65 -8.25 -13.21
C GLY A 19 3.38 -8.77 -12.53
N ARG A 20 3.23 -8.36 -11.28
CA ARG A 20 2.07 -8.78 -10.49
C ARG A 20 1.18 -7.57 -10.18
N ARG A 21 -0.01 -7.59 -10.73
CA ARG A 21 -0.96 -6.51 -10.52
C ARG A 21 -2.13 -6.99 -9.66
N HIS A 22 -2.24 -6.40 -8.48
CA HIS A 22 -3.30 -6.76 -7.55
C HIS A 22 -3.86 -5.49 -6.89
N THR A 23 -5.17 -5.45 -6.77
CA THR A 23 -5.83 -4.31 -6.17
C THR A 23 -6.61 -4.75 -4.91
N VAL A 24 -6.40 -3.99 -3.85
CA VAL A 24 -7.08 -4.28 -2.59
C VAL A 24 -7.94 -3.09 -2.18
N LYS A 25 -9.20 -3.38 -1.88
CA LYS A 25 -10.13 -2.34 -1.48
C LYS A 25 -9.98 -2.09 0.02
N VAL A 26 -9.55 -0.88 0.34
CA VAL A 26 -9.35 -0.49 1.73
C VAL A 26 -10.35 0.61 2.10
N THR A 27 -10.44 0.88 3.38
CA THR A 27 -11.35 1.90 3.87
C THR A 27 -10.64 3.25 3.99
N PRO A 28 -11.44 4.34 3.89
CA PRO A 28 -10.89 5.68 3.98
C PRO A 28 -10.52 6.04 5.42
N SER A 29 -10.99 5.20 6.34
CA SER A 29 -10.72 5.41 7.76
C SER A 29 -9.81 4.31 8.28
N THR A 30 -9.54 3.33 7.41
CA THR A 30 -8.68 2.22 7.77
C THR A 30 -7.22 2.55 7.48
N VAL A 31 -6.35 2.13 8.39
CA VAL A 31 -4.93 2.38 8.24
C VAL A 31 -4.36 1.39 7.22
N LEU A 32 -3.38 1.88 6.47
CA LEU A 32 -2.74 1.04 5.46
C LEU A 32 -1.92 -0.06 6.15
N LEU A 33 -1.59 0.20 7.41
CA LEU A 33 -0.82 -0.74 8.18
C LEU A 33 -1.59 -2.06 8.29
N GLN A 34 -2.88 -1.93 8.54
CA GLN A 34 -3.74 -3.11 8.67
C GLN A 34 -3.88 -3.81 7.32
N VAL A 35 -3.99 -2.99 6.27
CA VAL A 35 -4.13 -3.52 4.93
C VAL A 35 -2.79 -4.11 4.47
N LEU A 36 -1.75 -3.32 4.66
CA LEU A 36 -0.41 -3.75 4.28
C LEU A 36 -0.07 -5.05 5.01
N GLU A 37 -0.34 -5.05 6.31
CA GLU A 37 -0.06 -6.21 7.13
C GLU A 37 -0.97 -7.37 6.73
N ASP A 38 -2.21 -7.04 6.42
CA ASP A 38 -3.18 -8.05 6.02
C ASP A 38 -2.68 -8.75 4.75
N THR A 39 -2.39 -7.94 3.75
CA THR A 39 -1.90 -8.47 2.48
C THR A 39 -0.52 -9.12 2.67
N CYS A 40 0.25 -8.54 3.57
CA CYS A 40 1.59 -9.04 3.85
C CYS A 40 1.44 -10.41 4.52
N ARG A 41 0.42 -10.53 5.35
CA ARG A 41 0.17 -11.76 6.05
C ARG A 41 -0.24 -12.87 5.08
N ARG A 42 -1.18 -12.52 4.20
CA ARG A 42 -1.67 -13.46 3.21
C ARG A 42 -0.64 -13.63 2.10
N GLN A 43 0.00 -12.52 1.75
CA GLN A 43 1.01 -12.52 0.70
C GLN A 43 2.39 -12.73 1.30
N ASP A 44 2.42 -13.02 2.59
CA ASP A 44 3.67 -13.24 3.29
C ASP A 44 4.72 -12.27 2.77
N PHE A 45 4.50 -10.99 3.05
CA PHE A 45 5.41 -9.95 2.61
C PHE A 45 5.84 -9.07 3.79
N ASN A 46 6.96 -8.39 3.60
CA ASN A 46 7.49 -7.51 4.64
C ASN A 46 7.65 -6.10 4.07
N PRO A 47 7.40 -5.10 4.95
CA PRO A 47 7.51 -3.71 4.55
C PRO A 47 8.97 -3.28 4.43
N SER A 48 9.80 -3.85 5.29
CA SER A 48 11.22 -3.54 5.28
C SER A 48 11.85 -4.04 3.98
N GLU A 49 11.07 -4.78 3.22
CA GLU A 49 11.54 -5.32 1.96
C GLU A 49 10.62 -4.87 0.81
N TYR A 50 9.60 -4.12 1.18
CA TYR A 50 8.64 -3.63 0.21
C TYR A 50 8.11 -2.25 0.60
N ASP A 51 7.97 -1.39 -0.40
CA ASP A 51 7.48 -0.05 -0.16
C ASP A 51 6.38 0.27 -1.17
N LEU A 52 5.43 1.08 -0.74
CA LEU A 52 4.32 1.46 -1.59
C LEU A 52 4.27 2.98 -1.71
N LYS A 53 4.10 3.45 -2.93
CA LYS A 53 4.04 4.87 -3.20
C LYS A 53 3.12 5.13 -4.39
N PHE A 54 2.38 6.23 -4.29
CA PHE A 54 1.46 6.60 -5.35
C PHE A 54 1.66 8.06 -5.77
N GLN A 55 2.12 8.23 -7.01
CA GLN A 55 2.36 9.57 -7.54
C GLN A 55 3.37 10.31 -6.67
N ARG A 56 2.86 11.26 -5.91
CA ARG A 56 3.72 12.05 -5.04
C ARG A 56 3.44 11.71 -3.57
N THR A 57 2.74 10.60 -3.38
CA THR A 57 2.39 10.14 -2.04
C THR A 57 3.02 8.78 -1.76
N VAL A 58 3.59 8.66 -0.57
CA VAL A 58 4.23 7.41 -0.16
C VAL A 58 3.20 6.53 0.56
N LEU A 59 3.27 5.24 0.28
CA LEU A 59 2.35 4.29 0.88
C LEU A 59 3.16 3.30 1.72
N ASP A 60 2.88 3.30 3.01
CA ASP A 60 3.57 2.40 3.93
C ASP A 60 2.60 1.98 5.05
N LEU A 61 3.17 1.78 6.23
CA LEU A 61 2.38 1.40 7.39
C LEU A 61 1.90 2.64 8.12
N SER A 62 2.80 3.62 8.20
CA SER A 62 2.48 4.87 8.88
C SER A 62 1.82 5.84 7.89
N LEU A 63 0.95 5.29 7.06
CA LEU A 63 0.25 6.09 6.08
C LEU A 63 -1.23 5.75 6.10
N GLN A 64 -2.00 6.59 6.78
CA GLN A 64 -3.43 6.38 6.89
C GLN A 64 -4.16 7.09 5.75
N TRP A 65 -5.23 6.45 5.29
CA TRP A 65 -6.03 7.00 4.20
C TRP A 65 -6.62 8.33 4.68
N ARG A 66 -7.03 8.33 5.94
CA ARG A 66 -7.62 9.53 6.52
C ARG A 66 -6.62 10.68 6.50
N PHE A 67 -5.38 10.33 6.21
CA PHE A 67 -4.32 11.33 6.16
C PHE A 67 -3.74 11.42 4.75
N ALA A 68 -3.16 10.31 4.29
CA ALA A 68 -2.57 10.26 2.98
C ALA A 68 -3.63 10.55 1.92
N ASN A 69 -4.89 10.46 2.36
CA ASN A 69 -6.00 10.71 1.47
C ASN A 69 -5.71 10.10 0.10
N LEU A 70 -6.07 8.82 -0.03
CA LEU A 70 -5.85 8.11 -1.28
C LEU A 70 -7.06 8.33 -2.19
N PRO A 71 -6.81 8.12 -3.52
CA PRO A 71 -7.86 8.28 -4.51
C PRO A 71 -8.85 7.11 -4.47
N ASN A 72 -9.93 7.25 -5.23
CA ASN A 72 -10.94 6.22 -5.29
C ASN A 72 -10.27 4.84 -5.22
N ASN A 73 -9.93 4.34 -6.40
CA ASN A 73 -9.29 3.04 -6.49
C ASN A 73 -7.92 3.10 -5.83
N ALA A 74 -7.58 4.30 -5.35
CA ALA A 74 -6.30 4.51 -4.69
C ALA A 74 -5.28 3.51 -5.24
N LYS A 75 -4.66 3.90 -6.35
CA LYS A 75 -3.66 3.05 -6.98
C LYS A 75 -2.28 3.39 -6.40
N LEU A 76 -1.63 2.36 -5.87
CA LEU A 76 -0.31 2.52 -5.29
C LEU A 76 0.69 1.68 -6.07
N GLU A 77 1.94 2.14 -6.06
CA GLU A 77 3.00 1.43 -6.76
C GLU A 77 3.83 0.62 -5.77
N MET A 78 4.05 -0.64 -6.12
CA MET A 78 4.83 -1.53 -5.28
C MET A 78 6.32 -1.45 -5.63
N VAL A 79 7.13 -1.33 -4.58
CA VAL A 79 8.57 -1.25 -4.77
C VAL A 79 9.27 -1.94 -3.59
N PRO A 80 10.33 -2.73 -3.94
CA PRO A 80 11.08 -3.45 -2.93
C PRO A 80 12.00 -2.50 -2.15
N VAL A 81 11.95 -2.65 -0.84
CA VAL A 81 12.77 -1.81 0.03
C VAL A 81 12.21 -1.85 1.45
N SER A 82 12.48 -0.80 2.20
CA SER A 82 12.02 -0.70 3.57
C SER A 82 11.34 0.66 3.79
N ARG A 83 10.83 0.83 5.01
CA ARG A 83 10.15 2.07 5.36
C ARG A 83 10.98 3.27 4.89
N SER A 84 10.27 4.33 4.53
CA SER A 84 10.91 5.54 4.06
C SER A 84 11.69 6.19 5.20
N ARG A 85 12.98 6.34 5.00
CA ARG A 85 13.85 6.95 5.99
C ARG A 85 13.60 6.31 7.36
N SER A 10 -14.17 3.69 -1.73
CA SER A 10 -12.74 3.77 -1.49
C SER A 10 -12.08 2.43 -1.82
N ALA A 11 -11.09 2.48 -2.71
CA ALA A 11 -10.38 1.29 -3.11
C ALA A 11 -8.92 1.63 -3.41
N VAL A 12 -8.04 0.72 -3.03
CA VAL A 12 -6.61 0.92 -3.25
C VAL A 12 -6.08 -0.18 -4.17
N SER A 13 -5.34 0.24 -5.18
CA SER A 13 -4.76 -0.69 -6.13
C SER A 13 -3.24 -0.60 -6.09
N VAL A 14 -2.62 -1.77 -5.97
CA VAL A 14 -1.17 -1.84 -5.92
C VAL A 14 -0.66 -2.69 -7.10
N LEU A 15 0.09 -2.05 -7.97
CA LEU A 15 0.65 -2.73 -9.13
C LEU A 15 2.15 -2.95 -8.92
N ALA A 16 2.54 -4.21 -9.01
CA ALA A 16 3.95 -4.57 -8.83
C ALA A 16 4.66 -4.47 -10.18
N PRO A 17 5.88 -3.88 -10.14
CA PRO A 17 6.68 -3.71 -11.34
C PRO A 17 7.30 -5.04 -11.78
N ASN A 18 7.16 -6.03 -10.91
CA ASN A 18 7.70 -7.35 -11.18
C ASN A 18 6.76 -8.10 -12.13
N GLY A 19 5.68 -7.42 -12.49
CA GLY A 19 4.69 -8.01 -13.38
C GLY A 19 3.50 -8.55 -12.59
N ARG A 20 3.41 -8.12 -11.34
CA ARG A 20 2.32 -8.56 -10.48
C ARG A 20 1.38 -7.40 -10.18
N ARG A 21 0.15 -7.53 -10.68
CA ARG A 21 -0.86 -6.50 -10.47
C ARG A 21 -1.94 -7.00 -9.52
N HIS A 22 -2.06 -6.31 -8.41
CA HIS A 22 -3.06 -6.67 -7.41
C HIS A 22 -3.70 -5.41 -6.83
N THR A 23 -5.01 -5.47 -6.67
CA THR A 23 -5.75 -4.35 -6.14
C THR A 23 -6.44 -4.74 -4.82
N VAL A 24 -6.24 -3.90 -3.82
CA VAL A 24 -6.84 -4.14 -2.52
C VAL A 24 -7.73 -2.96 -2.14
N LYS A 25 -9.00 -3.28 -1.87
CA LYS A 25 -9.96 -2.27 -1.50
C LYS A 25 -9.98 -2.11 0.03
N VAL A 26 -9.52 -0.95 0.47
CA VAL A 26 -9.48 -0.65 1.89
C VAL A 26 -10.38 0.54 2.19
N THR A 27 -10.62 0.76 3.48
CA THR A 27 -11.46 1.86 3.92
C THR A 27 -10.65 3.15 4.00
N PRO A 28 -11.38 4.29 3.85
CA PRO A 28 -10.74 5.60 3.91
C PRO A 28 -10.37 5.96 5.34
N SER A 29 -10.91 5.20 6.28
CA SER A 29 -10.65 5.43 7.69
C SER A 29 -9.77 4.31 8.25
N THR A 30 -9.46 3.36 7.39
CA THR A 30 -8.64 2.23 7.78
C THR A 30 -7.15 2.56 7.57
N VAL A 31 -6.34 2.12 8.52
CA VAL A 31 -4.91 2.37 8.45
C VAL A 31 -4.29 1.38 7.45
N LEU A 32 -3.50 1.93 6.54
CA LEU A 32 -2.84 1.14 5.53
C LEU A 32 -1.96 0.09 6.21
N LEU A 33 -1.60 0.39 7.45
CA LEU A 33 -0.76 -0.50 8.22
C LEU A 33 -1.48 -1.85 8.39
N GLN A 34 -2.74 -1.77 8.75
CA GLN A 34 -3.55 -2.95 8.96
C GLN A 34 -3.77 -3.68 7.64
N VAL A 35 -3.99 -2.90 6.59
CA VAL A 35 -4.22 -3.45 5.27
C VAL A 35 -2.91 -4.00 4.72
N LEU A 36 -1.87 -3.18 4.81
CA LEU A 36 -0.56 -3.57 4.33
C LEU A 36 -0.11 -4.84 5.07
N GLU A 37 -0.32 -4.84 6.37
CA GLU A 37 0.06 -5.97 7.20
C GLU A 37 -0.81 -7.18 6.85
N ASP A 38 -2.08 -6.91 6.60
CA ASP A 38 -3.02 -7.96 6.25
C ASP A 38 -2.54 -8.67 4.98
N THR A 39 -2.33 -7.87 3.95
CA THR A 39 -1.87 -8.41 2.68
C THR A 39 -0.52 -9.10 2.84
N CYS A 40 0.28 -8.55 3.73
CA CYS A 40 1.61 -9.11 3.99
C CYS A 40 1.42 -10.47 4.67
N ARG A 41 0.41 -10.54 5.53
CA ARG A 41 0.12 -11.77 6.24
C ARG A 41 -0.37 -12.85 5.27
N ARG A 42 -1.32 -12.46 4.44
CA ARG A 42 -1.88 -13.38 3.46
C ARG A 42 -0.90 -13.59 2.31
N GLN A 43 -0.22 -12.52 1.95
CA GLN A 43 0.76 -12.57 0.87
C GLN A 43 2.15 -12.84 1.42
N ASP A 44 2.20 -13.12 2.72
CA ASP A 44 3.47 -13.39 3.37
C ASP A 44 4.54 -12.46 2.82
N PHE A 45 4.38 -11.18 3.11
CA PHE A 45 5.32 -10.18 2.65
C PHE A 45 5.84 -9.32 3.81
N ASN A 46 6.98 -8.70 3.59
CA ASN A 46 7.58 -7.85 4.61
C ASN A 46 7.69 -6.42 4.06
N PRO A 47 7.41 -5.44 4.97
CA PRO A 47 7.49 -4.03 4.60
C PRO A 47 8.93 -3.57 4.48
N SER A 48 9.78 -4.14 5.32
CA SER A 48 11.19 -3.79 5.32
C SER A 48 11.82 -4.22 4.00
N GLU A 49 11.06 -4.96 3.22
CA GLU A 49 11.53 -5.44 1.93
C GLU A 49 10.60 -4.99 0.81
N TYR A 50 9.53 -4.30 1.21
CA TYR A 50 8.55 -3.81 0.26
C TYR A 50 8.05 -2.43 0.66
N ASP A 51 7.89 -1.58 -0.35
CA ASP A 51 7.42 -0.21 -0.11
C ASP A 51 6.29 0.10 -1.10
N LEU A 52 5.35 0.91 -0.63
CA LEU A 52 4.22 1.30 -1.45
C LEU A 52 4.19 2.82 -1.59
N LYS A 53 3.94 3.26 -2.81
CA LYS A 53 3.88 4.68 -3.10
C LYS A 53 2.85 4.94 -4.20
N PHE A 54 2.10 6.03 -4.03
CA PHE A 54 1.08 6.38 -4.99
C PHE A 54 1.23 7.85 -5.41
N GLN A 55 1.56 8.04 -6.68
CA GLN A 55 1.73 9.38 -7.22
C GLN A 55 2.83 10.13 -6.45
N ARG A 56 2.39 11.09 -5.65
CA ARG A 56 3.32 11.87 -4.86
C ARG A 56 3.18 11.55 -3.37
N THR A 57 2.49 10.44 -3.11
CA THR A 57 2.27 10.00 -1.75
C THR A 57 2.89 8.63 -1.52
N VAL A 58 3.61 8.51 -0.41
CA VAL A 58 4.26 7.25 -0.07
C VAL A 58 3.30 6.40 0.74
N LEU A 59 3.32 5.10 0.46
CA LEU A 59 2.45 4.16 1.15
C LEU A 59 3.32 3.21 1.99
N ASP A 60 3.10 3.27 3.30
CA ASP A 60 3.84 2.43 4.22
C ASP A 60 2.96 2.08 5.42
N LEU A 61 3.60 1.69 6.50
CA LEU A 61 2.89 1.32 7.71
C LEU A 61 2.72 2.56 8.59
N SER A 62 3.04 3.71 8.01
CA SER A 62 2.92 4.97 8.72
C SER A 62 2.20 6.00 7.86
N LEU A 63 1.24 5.51 7.09
CA LEU A 63 0.47 6.37 6.21
C LEU A 63 -0.98 5.90 6.18
N GLN A 64 -1.85 6.71 6.78
CA GLN A 64 -3.27 6.38 6.82
C GLN A 64 -4.00 7.04 5.66
N TRP A 65 -5.04 6.37 5.20
CA TRP A 65 -5.84 6.87 4.10
C TRP A 65 -6.48 8.19 4.54
N ARG A 66 -6.93 8.19 5.79
CA ARG A 66 -7.57 9.38 6.34
C ARG A 66 -6.62 10.58 6.27
N PHE A 67 -5.35 10.27 6.05
CA PHE A 67 -4.34 11.31 5.96
C PHE A 67 -3.76 11.38 4.55
N ALA A 68 -3.31 10.24 4.06
CA ALA A 68 -2.74 10.16 2.72
C ALA A 68 -3.82 10.47 1.69
N ASN A 69 -5.06 10.34 2.12
CA ASN A 69 -6.20 10.60 1.24
C ASN A 69 -5.88 10.07 -0.16
N LEU A 70 -6.22 8.80 -0.36
CA LEU A 70 -5.99 8.15 -1.64
C LEU A 70 -7.23 8.32 -2.52
N PRO A 71 -7.01 8.16 -3.85
CA PRO A 71 -8.10 8.29 -4.81
C PRO A 71 -9.01 7.06 -4.77
N ASN A 72 -10.11 7.15 -5.50
CA ASN A 72 -11.07 6.06 -5.56
C ASN A 72 -10.33 4.73 -5.45
N ASN A 73 -9.99 4.18 -6.61
CA ASN A 73 -9.29 2.91 -6.65
C ASN A 73 -7.89 3.09 -6.04
N ALA A 74 -7.62 4.32 -5.64
CA ALA A 74 -6.33 4.63 -5.03
C ALA A 74 -5.26 3.71 -5.60
N LYS A 75 -4.70 4.13 -6.74
CA LYS A 75 -3.67 3.34 -7.39
C LYS A 75 -2.33 3.58 -6.68
N LEU A 76 -1.72 2.48 -6.27
CA LEU A 76 -0.45 2.55 -5.58
C LEU A 76 0.59 1.72 -6.35
N GLU A 77 1.85 2.11 -6.19
CA GLU A 77 2.94 1.41 -6.86
C GLU A 77 3.73 0.58 -5.86
N MET A 78 4.04 -0.64 -6.27
CA MET A 78 4.79 -1.56 -5.42
C MET A 78 6.29 -1.47 -5.72
N VAL A 79 7.06 -1.36 -4.65
CA VAL A 79 8.51 -1.28 -4.79
C VAL A 79 9.16 -1.98 -3.59
N PRO A 80 10.20 -2.81 -3.92
CA PRO A 80 10.91 -3.54 -2.89
C PRO A 80 11.86 -2.62 -2.12
N VAL A 81 11.81 -2.73 -0.80
CA VAL A 81 12.66 -1.92 0.06
C VAL A 81 12.14 -2.01 1.49
N SER A 82 12.57 -1.05 2.31
CA SER A 82 12.16 -1.00 3.70
C SER A 82 11.39 0.29 3.97
N ARG A 83 10.69 0.29 5.10
CA ARG A 83 9.89 1.44 5.49
C ARG A 83 10.63 2.73 5.11
N SER A 84 10.09 3.42 4.12
CA SER A 84 10.68 4.66 3.66
C SER A 84 10.87 5.62 4.84
N ARG A 85 12.09 5.65 5.35
CA ARG A 85 12.42 6.51 6.47
C ARG A 85 12.57 7.96 6.00
N SER A 10 -14.22 3.28 -1.11
CA SER A 10 -12.77 3.39 -1.26
C SER A 10 -12.21 2.09 -1.80
N ALA A 11 -11.15 2.23 -2.60
CA ALA A 11 -10.50 1.08 -3.20
C ALA A 11 -9.00 1.36 -3.34
N VAL A 12 -8.22 0.32 -3.06
CA VAL A 12 -6.77 0.45 -3.14
C VAL A 12 -6.25 -0.54 -4.19
N SER A 13 -5.28 -0.08 -4.96
CA SER A 13 -4.68 -0.90 -6.00
C SER A 13 -3.16 -0.91 -5.85
N VAL A 14 -2.59 -2.10 -5.92
CA VAL A 14 -1.15 -2.26 -5.80
C VAL A 14 -0.61 -2.89 -7.08
N LEU A 15 0.25 -2.15 -7.75
CA LEU A 15 0.85 -2.61 -8.99
C LEU A 15 2.30 -3.04 -8.71
N ALA A 16 2.51 -4.35 -8.77
CA ALA A 16 3.84 -4.91 -8.53
C ALA A 16 4.66 -4.81 -9.82
N PRO A 17 5.91 -4.29 -9.67
CA PRO A 17 6.80 -4.15 -10.80
C PRO A 17 7.38 -5.50 -11.22
N ASN A 18 7.11 -6.51 -10.39
CA ASN A 18 7.60 -7.84 -10.67
C ASN A 18 6.70 -8.51 -11.71
N GLY A 19 5.75 -7.73 -12.20
CA GLY A 19 4.82 -8.23 -13.20
C GLY A 19 3.54 -8.76 -12.56
N ARG A 20 3.36 -8.39 -11.30
CA ARG A 20 2.19 -8.81 -10.56
C ARG A 20 1.31 -7.61 -10.20
N ARG A 21 0.12 -7.59 -10.79
CA ARG A 21 -0.82 -6.50 -10.55
C ARG A 21 -2.01 -7.01 -9.72
N HIS A 22 -2.13 -6.45 -8.53
CA HIS A 22 -3.21 -6.82 -7.64
C HIS A 22 -3.77 -5.57 -6.95
N THR A 23 -5.09 -5.54 -6.85
CA THR A 23 -5.76 -4.41 -6.22
C THR A 23 -6.55 -4.87 -4.99
N VAL A 24 -6.35 -4.15 -3.89
CA VAL A 24 -7.03 -4.48 -2.66
C VAL A 24 -7.88 -3.29 -2.22
N LYS A 25 -9.10 -3.58 -1.81
CA LYS A 25 -10.02 -2.55 -1.35
C LYS A 25 -9.67 -2.15 0.09
N VAL A 26 -9.73 -0.85 0.33
CA VAL A 26 -9.42 -0.34 1.66
C VAL A 26 -10.47 0.72 2.04
N THR A 27 -10.44 1.10 3.31
CA THR A 27 -11.36 2.11 3.81
C THR A 27 -10.66 3.45 3.96
N PRO A 28 -11.48 4.54 3.88
CA PRO A 28 -10.94 5.88 4.01
C PRO A 28 -10.60 6.21 5.47
N SER A 29 -11.07 5.34 6.36
CA SER A 29 -10.83 5.52 7.78
C SER A 29 -9.93 4.39 8.31
N THR A 30 -9.68 3.43 7.42
CA THR A 30 -8.84 2.29 7.78
C THR A 30 -7.37 2.60 7.50
N VAL A 31 -6.52 2.16 8.42
CA VAL A 31 -5.10 2.38 8.28
C VAL A 31 -4.53 1.40 7.25
N LEU A 32 -3.58 1.89 6.47
CA LEU A 32 -2.95 1.07 5.45
C LEU A 32 -2.08 0.01 6.11
N LEU A 33 -1.71 0.30 7.36
CA LEU A 33 -0.88 -0.63 8.12
C LEU A 33 -1.63 -1.95 8.29
N GLN A 34 -2.92 -1.85 8.57
CA GLN A 34 -3.75 -3.02 8.76
C GLN A 34 -3.90 -3.77 7.44
N VAL A 35 -4.07 -3.01 6.37
CA VAL A 35 -4.23 -3.60 5.05
C VAL A 35 -2.90 -4.16 4.57
N LEU A 36 -1.85 -3.36 4.77
CA LEU A 36 -0.52 -3.77 4.37
C LEU A 36 -0.13 -5.03 5.14
N GLU A 37 -0.37 -5.00 6.44
CA GLU A 37 -0.04 -6.12 7.29
C GLU A 37 -0.87 -7.34 6.89
N ASP A 38 -2.14 -7.09 6.60
CA ASP A 38 -3.04 -8.16 6.21
C ASP A 38 -2.56 -8.77 4.90
N THR A 39 -2.38 -7.92 3.90
CA THR A 39 -1.92 -8.36 2.61
C THR A 39 -0.55 -9.06 2.73
N CYS A 40 0.25 -8.55 3.66
CA CYS A 40 1.57 -9.10 3.88
C CYS A 40 1.40 -10.51 4.48
N ARG A 41 0.39 -10.65 5.32
CA ARG A 41 0.11 -11.92 5.96
C ARG A 41 -0.35 -12.95 4.93
N ARG A 42 -1.30 -12.52 4.10
CA ARG A 42 -1.84 -13.39 3.06
C ARG A 42 -0.84 -13.52 1.91
N GLN A 43 -0.18 -12.41 1.62
CA GLN A 43 0.80 -12.40 0.55
C GLN A 43 2.21 -12.61 1.11
N ASP A 44 2.25 -13.01 2.37
CA ASP A 44 3.51 -13.25 3.04
C ASP A 44 4.57 -12.27 2.51
N PHE A 45 4.37 -11.01 2.84
CA PHE A 45 5.29 -9.97 2.41
C PHE A 45 5.78 -9.14 3.59
N ASN A 46 6.90 -8.47 3.38
CA ASN A 46 7.48 -7.64 4.42
C ASN A 46 7.63 -6.22 3.91
N PRO A 47 7.38 -5.24 4.83
CA PRO A 47 7.47 -3.83 4.48
C PRO A 47 8.93 -3.39 4.36
N SER A 48 9.76 -3.97 5.22
CA SER A 48 11.19 -3.66 5.22
C SER A 48 11.83 -4.11 3.91
N GLU A 49 11.04 -4.83 3.12
CA GLU A 49 11.52 -5.33 1.84
C GLU A 49 10.59 -4.86 0.71
N TYR A 50 9.55 -4.15 1.10
CA TYR A 50 8.58 -3.64 0.15
C TYR A 50 8.09 -2.25 0.55
N ASP A 51 7.95 -1.40 -0.46
CA ASP A 51 7.49 -0.04 -0.21
C ASP A 51 6.37 0.29 -1.21
N LEU A 52 5.44 1.12 -0.75
CA LEU A 52 4.31 1.51 -1.58
C LEU A 52 4.30 3.04 -1.72
N LYS A 53 4.11 3.49 -2.94
CA LYS A 53 4.07 4.92 -3.21
C LYS A 53 3.11 5.19 -4.38
N PHE A 54 2.37 6.28 -4.25
CA PHE A 54 1.43 6.66 -5.27
C PHE A 54 1.59 8.13 -5.67
N GLN A 55 2.02 8.34 -6.91
CA GLN A 55 2.23 9.68 -7.42
C GLN A 55 3.26 10.42 -6.56
N ARG A 56 2.76 11.37 -5.78
CA ARG A 56 3.62 12.16 -4.91
C ARG A 56 3.35 11.81 -3.44
N THR A 57 2.66 10.70 -3.25
CA THR A 57 2.34 10.24 -1.91
C THR A 57 2.93 8.85 -1.67
N VAL A 58 3.73 8.76 -0.61
CA VAL A 58 4.36 7.50 -0.25
C VAL A 58 3.37 6.65 0.55
N LEU A 59 3.38 5.36 0.27
CA LEU A 59 2.50 4.43 0.97
C LEU A 59 3.34 3.45 1.79
N ASP A 60 3.13 3.50 3.10
CA ASP A 60 3.86 2.63 4.01
C ASP A 60 2.93 2.17 5.13
N LEU A 61 3.51 2.02 6.31
CA LEU A 61 2.74 1.58 7.46
C LEU A 61 2.19 2.81 8.19
N SER A 62 3.01 3.85 8.24
CA SER A 62 2.62 5.08 8.90
C SER A 62 1.92 6.02 7.90
N LEU A 63 1.09 5.42 7.07
CA LEU A 63 0.36 6.17 6.06
C LEU A 63 -1.13 5.78 6.10
N GLN A 64 -1.91 6.63 6.73
CA GLN A 64 -3.34 6.38 6.86
C GLN A 64 -4.09 7.07 5.72
N TRP A 65 -5.16 6.42 5.27
CA TRP A 65 -5.97 6.96 4.20
C TRP A 65 -6.58 8.28 4.69
N ARG A 66 -6.99 8.27 5.95
CA ARG A 66 -7.59 9.45 6.54
C ARG A 66 -6.62 10.63 6.49
N PHE A 67 -5.36 10.31 6.22
CA PHE A 67 -4.33 11.33 6.13
C PHE A 67 -3.77 11.42 4.71
N ALA A 68 -3.10 10.34 4.31
CA ALA A 68 -2.50 10.29 2.99
C ALA A 68 -3.57 10.63 1.95
N ASN A 69 -4.82 10.48 2.35
CA ASN A 69 -5.93 10.77 1.46
C ASN A 69 -5.63 10.22 0.07
N LEU A 70 -6.07 8.99 -0.17
CA LEU A 70 -5.85 8.34 -1.45
C LEU A 70 -7.13 8.45 -2.29
N PRO A 71 -6.96 8.16 -3.61
CA PRO A 71 -8.09 8.21 -4.53
C PRO A 71 -9.01 7.01 -4.34
N ASN A 72 -10.14 7.05 -5.03
CA ASN A 72 -11.12 5.98 -4.95
C ASN A 72 -10.39 4.63 -5.07
N ASN A 73 -10.06 4.29 -6.31
CA ASN A 73 -9.37 3.04 -6.59
C ASN A 73 -7.99 3.07 -5.92
N ALA A 74 -7.69 4.21 -5.31
CA ALA A 74 -6.41 4.37 -4.64
C ALA A 74 -5.40 3.38 -5.22
N LYS A 75 -4.75 3.82 -6.28
CA LYS A 75 -3.75 2.98 -6.94
C LYS A 75 -2.36 3.33 -6.40
N LEU A 76 -1.72 2.32 -5.82
CA LEU A 76 -0.39 2.50 -5.27
C LEU A 76 0.60 1.61 -6.01
N GLU A 77 1.84 2.07 -6.05
CA GLU A 77 2.89 1.32 -6.73
C GLU A 77 3.75 0.57 -5.71
N MET A 78 3.99 -0.70 -6.00
CA MET A 78 4.80 -1.53 -5.12
C MET A 78 6.27 -1.48 -5.53
N VAL A 79 7.12 -1.38 -4.52
CA VAL A 79 8.56 -1.32 -4.75
C VAL A 79 9.29 -2.03 -3.60
N PRO A 80 10.33 -2.80 -3.98
CA PRO A 80 11.11 -3.53 -3.00
C PRO A 80 12.04 -2.59 -2.22
N VAL A 81 12.03 -2.75 -0.91
CA VAL A 81 12.87 -1.93 -0.04
C VAL A 81 12.34 -2.00 1.38
N SER A 82 12.77 -1.04 2.20
CA SER A 82 12.36 -0.99 3.58
C SER A 82 11.86 0.43 3.92
N ARG A 83 10.54 0.55 3.99
CA ARG A 83 9.93 1.83 4.31
C ARG A 83 10.35 2.88 3.28
N SER A 84 9.43 3.81 3.03
CA SER A 84 9.70 4.88 2.08
C SER A 84 10.41 6.05 2.79
N ARG A 85 11.73 5.96 2.80
CA ARG A 85 12.53 6.99 3.44
C ARG A 85 14.00 6.56 3.49
N SER A 10 -14.40 3.34 -0.97
CA SER A 10 -13.08 3.55 -1.53
C SER A 10 -12.48 2.23 -2.01
N ALA A 11 -11.43 2.33 -2.80
CA ALA A 11 -10.77 1.15 -3.32
C ALA A 11 -9.27 1.44 -3.47
N VAL A 12 -8.48 0.42 -3.17
CA VAL A 12 -7.03 0.54 -3.27
C VAL A 12 -6.50 -0.48 -4.28
N SER A 13 -5.46 -0.07 -4.99
CA SER A 13 -4.84 -0.93 -5.99
C SER A 13 -3.33 -0.90 -5.84
N VAL A 14 -2.74 -2.08 -5.89
CA VAL A 14 -1.29 -2.22 -5.77
C VAL A 14 -0.73 -2.86 -7.03
N LEU A 15 0.11 -2.11 -7.72
CA LEU A 15 0.73 -2.61 -8.94
C LEU A 15 2.16 -3.01 -8.66
N ALA A 16 2.40 -4.32 -8.69
CA ALA A 16 3.73 -4.85 -8.44
C ALA A 16 4.55 -4.79 -9.74
N PRO A 17 5.79 -4.25 -9.61
CA PRO A 17 6.68 -4.13 -10.75
C PRO A 17 7.27 -5.50 -11.12
N ASN A 18 7.02 -6.47 -10.26
CA ASN A 18 7.52 -7.81 -10.49
C ASN A 18 6.61 -8.53 -11.50
N GLY A 19 5.68 -7.77 -12.03
CA GLY A 19 4.74 -8.32 -13.01
C GLY A 19 3.48 -8.84 -12.32
N ARG A 20 3.31 -8.42 -11.07
CA ARG A 20 2.16 -8.84 -10.29
C ARG A 20 1.23 -7.65 -10.03
N ARG A 21 0.04 -7.72 -10.60
CA ARG A 21 -0.94 -6.66 -10.43
C ARG A 21 -2.10 -7.14 -9.57
N HIS A 22 -2.25 -6.52 -8.41
CA HIS A 22 -3.31 -6.88 -7.50
C HIS A 22 -3.91 -5.61 -6.89
N THR A 23 -5.23 -5.61 -6.79
CA THR A 23 -5.93 -4.47 -6.22
C THR A 23 -6.72 -4.88 -4.98
N VAL A 24 -6.59 -4.07 -3.94
CA VAL A 24 -7.28 -4.35 -2.68
C VAL A 24 -8.19 -3.18 -2.35
N LYS A 25 -9.43 -3.52 -1.99
CA LYS A 25 -10.41 -2.51 -1.64
C LYS A 25 -10.45 -2.35 -0.12
N VAL A 26 -9.92 -1.23 0.34
CA VAL A 26 -9.89 -0.94 1.77
C VAL A 26 -10.69 0.34 2.05
N THR A 27 -10.94 0.57 3.32
CA THR A 27 -11.70 1.75 3.73
C THR A 27 -10.79 2.98 3.77
N PRO A 28 -11.41 4.17 3.60
CA PRO A 28 -10.68 5.41 3.62
C PRO A 28 -10.27 5.80 5.04
N SER A 29 -10.87 5.10 6.00
CA SER A 29 -10.58 5.35 7.40
C SER A 29 -9.73 4.22 7.98
N THR A 30 -9.40 3.28 7.10
CA THR A 30 -8.58 2.14 7.52
C THR A 30 -7.10 2.46 7.34
N VAL A 31 -6.31 2.01 8.32
CA VAL A 31 -4.89 2.25 8.29
C VAL A 31 -4.23 1.28 7.31
N LEU A 32 -3.41 1.84 6.44
CA LEU A 32 -2.71 1.04 5.44
C LEU A 32 -1.90 -0.05 6.15
N LEU A 33 -1.61 0.20 7.42
CA LEU A 33 -0.84 -0.74 8.20
C LEU A 33 -1.62 -2.06 8.34
N GLN A 34 -2.91 -1.92 8.62
CA GLN A 34 -3.77 -3.07 8.76
C GLN A 34 -3.95 -3.78 7.42
N VAL A 35 -4.05 -2.97 6.37
CA VAL A 35 -4.22 -3.51 5.02
C VAL A 35 -2.90 -4.13 4.57
N LEU A 36 -1.84 -3.37 4.73
CA LEU A 36 -0.51 -3.83 4.34
C LEU A 36 -0.17 -5.10 5.13
N GLU A 37 -0.50 -5.07 6.41
CA GLU A 37 -0.22 -6.19 7.28
C GLU A 37 -1.09 -7.39 6.89
N ASP A 38 -2.33 -7.10 6.52
CA ASP A 38 -3.26 -8.13 6.12
C ASP A 38 -2.77 -8.78 4.82
N THR A 39 -2.54 -7.93 3.83
CA THR A 39 -2.06 -8.41 2.53
C THR A 39 -0.67 -9.04 2.67
N CYS A 40 0.11 -8.47 3.57
CA CYS A 40 1.45 -8.96 3.82
C CYS A 40 1.35 -10.36 4.45
N ARG A 41 0.35 -10.52 5.29
CA ARG A 41 0.12 -11.79 5.96
C ARG A 41 -0.27 -12.86 4.95
N ARG A 42 -1.23 -12.51 4.11
CA ARG A 42 -1.71 -13.43 3.09
C ARG A 42 -0.69 -13.54 1.95
N GLN A 43 -0.08 -12.41 1.64
CA GLN A 43 0.91 -12.36 0.58
C GLN A 43 2.31 -12.53 1.16
N ASP A 44 2.35 -12.96 2.41
CA ASP A 44 3.63 -13.16 3.09
C ASP A 44 4.65 -12.16 2.55
N PHE A 45 4.44 -10.90 2.90
CA PHE A 45 5.33 -9.84 2.47
C PHE A 45 5.78 -8.99 3.65
N ASN A 46 6.89 -8.29 3.45
CA ASN A 46 7.43 -7.42 4.49
C ASN A 46 7.59 -6.01 3.94
N PRO A 47 7.32 -5.02 4.83
CA PRO A 47 7.42 -3.61 4.45
C PRO A 47 8.89 -3.18 4.34
N SER A 48 9.70 -3.74 5.22
CA SER A 48 11.11 -3.42 5.24
C SER A 48 11.77 -3.90 3.94
N GLU A 49 11.01 -4.64 3.15
CA GLU A 49 11.50 -5.16 1.90
C GLU A 49 10.60 -4.71 0.75
N TYR A 50 9.54 -4.00 1.11
CA TYR A 50 8.59 -3.52 0.13
C TYR A 50 8.03 -2.14 0.54
N ASP A 51 7.90 -1.28 -0.47
CA ASP A 51 7.38 0.06 -0.22
C ASP A 51 6.29 0.36 -1.25
N LEU A 52 5.32 1.15 -0.80
CA LEU A 52 4.21 1.53 -1.66
C LEU A 52 4.14 3.05 -1.77
N LYS A 53 3.99 3.52 -3.00
CA LYS A 53 3.91 4.95 -3.25
C LYS A 53 3.01 5.20 -4.46
N PHE A 54 2.25 6.28 -4.38
CA PHE A 54 1.35 6.64 -5.45
C PHE A 54 1.54 8.10 -5.87
N GLN A 55 2.02 8.28 -7.09
CA GLN A 55 2.26 9.61 -7.62
C GLN A 55 3.38 10.30 -6.83
N ARG A 56 2.98 11.31 -6.06
CA ARG A 56 3.93 12.05 -5.26
C ARG A 56 3.71 11.77 -3.77
N THR A 57 2.95 10.71 -3.52
CA THR A 57 2.66 10.32 -2.14
C THR A 57 3.18 8.90 -1.87
N VAL A 58 3.96 8.80 -0.80
CA VAL A 58 4.53 7.50 -0.42
C VAL A 58 3.53 6.76 0.47
N LEU A 59 3.46 5.46 0.25
CA LEU A 59 2.55 4.62 1.02
C LEU A 59 3.37 3.60 1.81
N ASP A 60 3.17 3.61 3.12
CA ASP A 60 3.88 2.70 3.99
C ASP A 60 2.92 2.17 5.07
N LEU A 61 3.47 1.91 6.24
CA LEU A 61 2.68 1.42 7.35
C LEU A 61 2.15 2.59 8.17
N SER A 62 3.00 3.59 8.33
CA SER A 62 2.65 4.79 9.08
C SER A 62 1.97 5.80 8.16
N LEU A 63 1.13 5.28 7.26
CA LEU A 63 0.42 6.13 6.33
C LEU A 63 -1.06 5.75 6.33
N GLN A 64 -1.86 6.62 6.94
CA GLN A 64 -3.28 6.39 7.03
C GLN A 64 -4.00 7.06 5.85
N TRP A 65 -5.01 6.37 5.34
CA TRP A 65 -5.78 6.88 4.22
C TRP A 65 -6.42 8.19 4.65
N ARG A 66 -6.91 8.20 5.89
CA ARG A 66 -7.56 9.38 6.43
C ARG A 66 -6.55 10.53 6.56
N PHE A 67 -5.29 10.19 6.32
CA PHE A 67 -4.21 11.17 6.40
C PHE A 67 -3.58 11.41 5.04
N ALA A 68 -3.06 10.34 4.47
CA ALA A 68 -2.42 10.42 3.16
C ALA A 68 -3.49 10.67 2.09
N ASN A 69 -4.74 10.56 2.51
CA ASN A 69 -5.86 10.78 1.61
C ASN A 69 -5.55 10.11 0.26
N LEU A 70 -5.93 8.86 0.16
CA LEU A 70 -5.71 8.10 -1.07
C LEU A 70 -6.86 8.35 -2.04
N PRO A 71 -6.57 8.07 -3.34
CA PRO A 71 -7.57 8.27 -4.37
C PRO A 71 -8.64 7.16 -4.33
N ASN A 72 -9.67 7.35 -5.13
CA ASN A 72 -10.75 6.38 -5.19
C ASN A 72 -10.16 4.96 -5.19
N ASN A 73 -9.82 4.49 -6.38
CA ASN A 73 -9.25 3.17 -6.53
C ASN A 73 -7.91 3.10 -5.78
N ALA A 74 -7.54 4.24 -5.21
CA ALA A 74 -6.30 4.32 -4.46
C ALA A 74 -5.29 3.33 -5.04
N LYS A 75 -4.73 3.71 -6.17
CA LYS A 75 -3.75 2.86 -6.85
C LYS A 75 -2.35 3.26 -6.40
N LEU A 76 -1.68 2.32 -5.75
CA LEU A 76 -0.33 2.56 -5.26
C LEU A 76 0.66 1.67 -6.02
N GLU A 77 1.90 2.13 -6.09
CA GLU A 77 2.93 1.37 -6.79
C GLU A 77 3.81 0.64 -5.78
N MET A 78 3.99 -0.65 -6.01
CA MET A 78 4.80 -1.47 -5.14
C MET A 78 6.27 -1.40 -5.54
N VAL A 79 7.12 -1.26 -4.53
CA VAL A 79 8.55 -1.18 -4.76
C VAL A 79 9.29 -1.86 -3.60
N PRO A 80 10.39 -2.58 -3.97
CA PRO A 80 11.19 -3.28 -2.99
C PRO A 80 12.05 -2.31 -2.18
N VAL A 81 12.02 -2.48 -0.87
CA VAL A 81 12.79 -1.64 0.02
C VAL A 81 12.22 -1.73 1.43
N SER A 82 12.53 -0.72 2.24
CA SER A 82 12.06 -0.68 3.61
C SER A 82 11.32 0.64 3.87
N ARG A 83 10.98 0.84 5.13
CA ARG A 83 10.28 2.05 5.53
C ARG A 83 11.05 3.29 5.06
N SER A 84 12.32 3.33 5.42
CA SER A 84 13.17 4.44 5.04
C SER A 84 14.59 3.95 4.77
N ARG A 85 15.17 4.45 3.69
CA ARG A 85 16.52 4.07 3.32
C ARG A 85 16.60 2.56 3.09
N SER A 10 -14.25 3.50 -1.20
CA SER A 10 -12.86 3.70 -1.55
C SER A 10 -12.17 2.35 -1.72
N ALA A 11 -11.17 2.33 -2.59
CA ALA A 11 -10.43 1.11 -2.85
C ALA A 11 -8.97 1.47 -3.16
N VAL A 12 -8.08 0.56 -2.77
CA VAL A 12 -6.66 0.76 -2.99
C VAL A 12 -6.13 -0.34 -3.90
N SER A 13 -5.38 0.07 -4.92
CA SER A 13 -4.81 -0.87 -5.87
C SER A 13 -3.29 -0.76 -5.85
N VAL A 14 -2.64 -1.91 -5.73
CA VAL A 14 -1.18 -1.95 -5.71
C VAL A 14 -0.69 -2.80 -6.88
N LEU A 15 0.06 -2.15 -7.77
CA LEU A 15 0.60 -2.83 -8.93
C LEU A 15 2.10 -3.05 -8.73
N ALA A 16 2.50 -4.31 -8.84
CA ALA A 16 3.90 -4.66 -8.67
C ALA A 16 4.61 -4.52 -10.02
N PRO A 17 5.83 -3.92 -9.97
CA PRO A 17 6.63 -3.73 -11.17
C PRO A 17 7.26 -5.04 -11.62
N ASN A 18 7.12 -6.05 -10.78
CA ASN A 18 7.67 -7.37 -11.09
C ASN A 18 6.74 -8.09 -12.06
N GLY A 19 5.68 -7.39 -12.44
CA GLY A 19 4.71 -7.96 -13.36
C GLY A 19 3.51 -8.55 -12.61
N ARG A 20 3.41 -8.15 -11.34
CA ARG A 20 2.32 -8.63 -10.50
C ARG A 20 1.43 -7.46 -10.09
N ARG A 21 0.20 -7.51 -10.56
CA ARG A 21 -0.76 -6.46 -10.25
C ARG A 21 -1.85 -7.00 -9.32
N HIS A 22 -2.04 -6.32 -8.21
CA HIS A 22 -3.04 -6.73 -7.24
C HIS A 22 -3.76 -5.49 -6.69
N THR A 23 -5.08 -5.60 -6.59
CA THR A 23 -5.89 -4.50 -6.08
C THR A 23 -6.61 -4.92 -4.81
N VAL A 24 -6.42 -4.13 -3.77
CA VAL A 24 -7.06 -4.41 -2.49
C VAL A 24 -7.94 -3.22 -2.10
N LYS A 25 -9.21 -3.52 -1.88
CA LYS A 25 -10.16 -2.49 -1.50
C LYS A 25 -10.09 -2.26 0.02
N VAL A 26 -9.65 -1.06 0.38
CA VAL A 26 -9.53 -0.70 1.78
C VAL A 26 -10.45 0.47 2.09
N THR A 27 -10.60 0.75 3.38
CA THR A 27 -11.45 1.85 3.81
C THR A 27 -10.64 3.14 3.92
N PRO A 28 -11.36 4.29 3.77
CA PRO A 28 -10.72 5.59 3.85
C PRO A 28 -10.37 5.95 5.29
N SER A 29 -10.92 5.16 6.20
CA SER A 29 -10.69 5.39 7.63
C SER A 29 -9.77 4.29 8.18
N THR A 30 -9.49 3.31 7.33
CA THR A 30 -8.64 2.21 7.72
C THR A 30 -7.17 2.54 7.44
N VAL A 31 -6.31 2.14 8.37
CA VAL A 31 -4.90 2.38 8.24
C VAL A 31 -4.30 1.38 7.25
N LEU A 32 -3.46 1.90 6.37
CA LEU A 32 -2.82 1.06 5.36
C LEU A 32 -1.98 -0.01 6.06
N LEU A 33 -1.63 0.27 7.31
CA LEU A 33 -0.83 -0.65 8.09
C LEU A 33 -1.59 -1.95 8.28
N GLN A 34 -2.87 -1.82 8.62
CA GLN A 34 -3.72 -2.98 8.83
C GLN A 34 -3.95 -3.71 7.51
N VAL A 35 -4.09 -2.93 6.44
CA VAL A 35 -4.30 -3.50 5.12
C VAL A 35 -3.00 -4.15 4.62
N LEU A 36 -1.93 -3.38 4.71
CA LEU A 36 -0.63 -3.86 4.29
C LEU A 36 -0.24 -5.08 5.12
N GLU A 37 -0.55 -5.00 6.41
CA GLU A 37 -0.24 -6.09 7.31
C GLU A 37 -1.06 -7.34 6.95
N ASP A 38 -2.33 -7.11 6.67
CA ASP A 38 -3.22 -8.19 6.31
C ASP A 38 -2.74 -8.83 5.01
N THR A 39 -2.58 -8.00 3.99
CA THR A 39 -2.13 -8.48 2.70
C THR A 39 -0.73 -9.09 2.82
N CYS A 40 0.07 -8.52 3.71
CA CYS A 40 1.41 -9.01 3.93
C CYS A 40 1.33 -10.39 4.58
N ARG A 41 0.34 -10.54 5.45
CA ARG A 41 0.13 -11.81 6.14
C ARG A 41 -0.31 -12.88 5.15
N ARG A 42 -1.32 -12.53 4.36
CA ARG A 42 -1.84 -13.46 3.37
C ARG A 42 -0.89 -13.59 2.19
N GLN A 43 -0.28 -12.46 1.84
CA GLN A 43 0.67 -12.43 0.73
C GLN A 43 2.09 -12.70 1.24
N ASP A 44 2.19 -12.95 2.53
CA ASP A 44 3.46 -13.23 3.16
C ASP A 44 4.51 -12.25 2.61
N PHE A 45 4.32 -10.98 2.96
CA PHE A 45 5.23 -9.94 2.52
C PHE A 45 5.70 -9.09 3.70
N ASN A 46 6.82 -8.43 3.49
CA ASN A 46 7.40 -7.58 4.53
C ASN A 46 7.57 -6.16 3.99
N PRO A 47 7.33 -5.17 4.89
CA PRO A 47 7.46 -3.78 4.52
C PRO A 47 8.92 -3.36 4.39
N SER A 48 9.74 -3.94 5.26
CA SER A 48 11.17 -3.64 5.26
C SER A 48 11.80 -4.14 3.95
N GLU A 49 11.01 -4.87 3.18
CA GLU A 49 11.48 -5.41 1.92
C GLU A 49 10.55 -4.96 0.78
N TYR A 50 9.53 -4.20 1.14
CA TYR A 50 8.58 -3.70 0.17
C TYR A 50 8.08 -2.30 0.56
N ASP A 51 7.96 -1.45 -0.44
CA ASP A 51 7.49 -0.10 -0.22
C ASP A 51 6.38 0.23 -1.23
N LEU A 52 5.45 1.06 -0.78
CA LEU A 52 4.34 1.45 -1.63
C LEU A 52 4.32 2.98 -1.77
N LYS A 53 4.15 3.43 -3.00
CA LYS A 53 4.13 4.85 -3.28
C LYS A 53 3.16 5.12 -4.44
N PHE A 54 2.45 6.24 -4.33
CA PHE A 54 1.49 6.63 -5.35
C PHE A 54 1.64 8.10 -5.71
N GLN A 55 2.06 8.34 -6.95
CA GLN A 55 2.25 9.70 -7.42
C GLN A 55 3.28 10.43 -6.56
N ARG A 56 2.79 11.37 -5.78
CA ARG A 56 3.65 12.15 -4.91
C ARG A 56 3.39 11.79 -3.44
N THR A 57 2.70 10.68 -3.25
CA THR A 57 2.38 10.21 -1.92
C THR A 57 2.97 8.82 -1.69
N VAL A 58 3.72 8.70 -0.59
CA VAL A 58 4.34 7.44 -0.24
C VAL A 58 3.34 6.57 0.52
N LEU A 59 3.36 5.29 0.23
CA LEU A 59 2.47 4.35 0.88
C LEU A 59 3.28 3.36 1.72
N ASP A 60 3.04 3.39 3.01
CA ASP A 60 3.74 2.50 3.93
C ASP A 60 2.79 2.09 5.06
N LEU A 61 3.37 1.86 6.22
CA LEU A 61 2.60 1.46 7.38
C LEU A 61 2.14 2.69 8.15
N SER A 62 3.03 3.67 8.22
CA SER A 62 2.74 4.91 8.93
C SER A 62 2.05 5.89 7.97
N LEU A 63 1.17 5.34 7.14
CA LEU A 63 0.45 6.16 6.18
C LEU A 63 -1.04 5.77 6.22
N GLN A 64 -1.83 6.64 6.81
CA GLN A 64 -3.27 6.40 6.91
C GLN A 64 -4.00 7.06 5.74
N TRP A 65 -5.05 6.40 5.28
CA TRP A 65 -5.83 6.91 4.17
C TRP A 65 -6.47 8.22 4.61
N ARG A 66 -6.93 8.23 5.86
CA ARG A 66 -7.56 9.41 6.42
C ARG A 66 -6.62 10.61 6.33
N PHE A 67 -5.35 10.31 6.09
CA PHE A 67 -4.34 11.34 5.98
C PHE A 67 -3.78 11.41 4.56
N ALA A 68 -3.23 10.28 4.11
CA ALA A 68 -2.66 10.20 2.79
C ALA A 68 -3.74 10.51 1.75
N ASN A 69 -4.98 10.46 2.20
CA ASN A 69 -6.10 10.74 1.32
C ASN A 69 -5.82 10.16 -0.06
N LEU A 70 -6.08 8.87 -0.19
CA LEU A 70 -5.86 8.18 -1.46
C LEU A 70 -7.09 8.32 -2.33
N PRO A 71 -6.89 8.09 -3.66
CA PRO A 71 -7.98 8.18 -4.61
C PRO A 71 -8.92 6.97 -4.50
N ASN A 72 -10.02 7.06 -5.23
CA ASN A 72 -11.01 5.99 -5.23
C ASN A 72 -10.28 4.64 -5.17
N ASN A 73 -9.96 4.13 -6.35
CA ASN A 73 -9.27 2.85 -6.44
C ASN A 73 -7.89 2.97 -5.80
N ALA A 74 -7.59 4.19 -5.34
CA ALA A 74 -6.30 4.45 -4.73
C ALA A 74 -5.27 3.47 -5.27
N LYS A 75 -4.66 3.85 -6.38
CA LYS A 75 -3.66 3.02 -7.01
C LYS A 75 -2.28 3.35 -6.43
N LEU A 76 -1.59 2.32 -5.97
CA LEU A 76 -0.27 2.49 -5.38
C LEU A 76 0.73 1.65 -6.17
N GLU A 77 1.98 2.10 -6.13
CA GLU A 77 3.05 1.40 -6.83
C GLU A 77 3.89 0.59 -5.83
N MET A 78 4.10 -0.67 -6.18
CA MET A 78 4.89 -1.55 -5.33
C MET A 78 6.37 -1.46 -5.67
N VAL A 79 7.18 -1.37 -4.61
CA VAL A 79 8.62 -1.27 -4.78
C VAL A 79 9.31 -2.00 -3.62
N PRO A 80 10.36 -2.78 -3.98
CA PRO A 80 11.11 -3.53 -2.98
C PRO A 80 12.04 -2.60 -2.18
N VAL A 81 11.99 -2.76 -0.87
CA VAL A 81 12.82 -1.95 0.01
C VAL A 81 12.23 -1.99 1.43
N SER A 82 12.54 -0.95 2.19
CA SER A 82 12.04 -0.85 3.55
C SER A 82 11.32 0.49 3.75
N ARG A 83 10.76 0.65 4.94
CA ARG A 83 10.04 1.87 5.27
C ARG A 83 10.87 3.09 4.87
N SER A 84 12.06 3.19 5.43
CA SER A 84 12.95 4.30 5.13
C SER A 84 14.35 3.78 4.81
N ARG A 85 14.91 4.35 3.75
CA ARG A 85 16.25 3.95 3.31
C ARG A 85 17.25 4.12 4.46
N SER A 10 -14.14 3.80 -1.58
CA SER A 10 -12.70 3.95 -1.53
C SER A 10 -12.01 2.59 -1.71
N ALA A 11 -11.08 2.55 -2.65
CA ALA A 11 -10.35 1.33 -2.93
C ALA A 11 -8.90 1.67 -3.25
N VAL A 12 -8.02 0.74 -2.91
CA VAL A 12 -6.60 0.92 -3.16
C VAL A 12 -6.10 -0.17 -4.11
N SER A 13 -5.25 0.24 -5.04
CA SER A 13 -4.70 -0.70 -6.00
C SER A 13 -3.17 -0.62 -5.98
N VAL A 14 -2.56 -1.79 -5.87
CA VAL A 14 -1.10 -1.88 -5.84
C VAL A 14 -0.62 -2.74 -7.01
N LEU A 15 0.14 -2.09 -7.89
CA LEU A 15 0.67 -2.78 -9.05
C LEU A 15 2.17 -3.00 -8.87
N ALA A 16 2.56 -4.27 -8.91
CA ALA A 16 3.96 -4.63 -8.74
C ALA A 16 4.67 -4.52 -10.10
N PRO A 17 5.88 -3.90 -10.06
CA PRO A 17 6.67 -3.74 -11.27
C PRO A 17 7.31 -5.05 -11.70
N ASN A 18 7.18 -6.05 -10.83
CA ASN A 18 7.75 -7.36 -11.11
C ASN A 18 6.81 -8.12 -12.05
N GLY A 19 5.73 -7.45 -12.43
CA GLY A 19 4.76 -8.05 -13.32
C GLY A 19 3.57 -8.60 -12.55
N ARG A 20 3.46 -8.18 -11.29
CA ARG A 20 2.39 -8.62 -10.44
C ARG A 20 1.46 -7.45 -10.08
N ARG A 21 0.24 -7.54 -10.57
CA ARG A 21 -0.75 -6.51 -10.32
C ARG A 21 -1.83 -7.01 -9.37
N HIS A 22 -2.00 -6.29 -8.26
CA HIS A 22 -2.99 -6.67 -7.27
C HIS A 22 -3.69 -5.41 -6.75
N THR A 23 -5.00 -5.51 -6.63
CA THR A 23 -5.80 -4.39 -6.15
C THR A 23 -6.53 -4.77 -4.86
N VAL A 24 -6.32 -3.96 -3.84
CA VAL A 24 -6.95 -4.20 -2.55
C VAL A 24 -7.81 -3.00 -2.18
N LYS A 25 -9.09 -3.28 -1.95
CA LYS A 25 -10.04 -2.23 -1.58
C LYS A 25 -9.94 -1.97 -0.07
N VAL A 26 -9.36 -0.83 0.25
CA VAL A 26 -9.20 -0.45 1.64
C VAL A 26 -10.20 0.67 1.98
N THR A 27 -10.34 0.92 3.27
CA THR A 27 -11.24 1.96 3.74
C THR A 27 -10.50 3.29 3.88
N PRO A 28 -11.28 4.41 3.76
CA PRO A 28 -10.70 5.73 3.88
C PRO A 28 -10.40 6.07 5.34
N SER A 29 -10.93 5.24 6.23
CA SER A 29 -10.72 5.43 7.65
C SER A 29 -9.86 4.30 8.21
N THR A 30 -9.58 3.33 7.36
CA THR A 30 -8.77 2.19 7.75
C THR A 30 -7.28 2.49 7.56
N VAL A 31 -6.49 2.03 8.52
CA VAL A 31 -5.06 2.24 8.46
C VAL A 31 -4.44 1.26 7.46
N LEU A 32 -3.65 1.81 6.55
CA LEU A 32 -3.00 0.99 5.54
C LEU A 32 -2.14 -0.07 6.23
N LEU A 33 -1.80 0.20 7.47
CA LEU A 33 -0.99 -0.72 8.25
C LEU A 33 -1.74 -2.05 8.41
N GLN A 34 -3.01 -1.93 8.75
CA GLN A 34 -3.85 -3.10 8.93
C GLN A 34 -4.07 -3.82 7.60
N VAL A 35 -4.22 -3.01 6.55
CA VAL A 35 -4.43 -3.56 5.22
C VAL A 35 -3.13 -4.16 4.71
N LEU A 36 -2.06 -3.38 4.81
CA LEU A 36 -0.76 -3.84 4.37
C LEU A 36 -0.33 -5.05 5.19
N GLU A 37 -0.66 -5.00 6.48
CA GLU A 37 -0.33 -6.09 7.37
C GLU A 37 -1.09 -7.36 6.98
N ASP A 38 -2.36 -7.17 6.64
CA ASP A 38 -3.20 -8.29 6.26
C ASP A 38 -2.65 -8.90 4.96
N THR A 39 -2.49 -8.05 3.97
CA THR A 39 -1.99 -8.50 2.67
C THR A 39 -0.61 -9.13 2.84
N CYS A 40 0.16 -8.57 3.76
CA CYS A 40 1.50 -9.07 4.02
C CYS A 40 1.38 -10.46 4.65
N ARG A 41 0.36 -10.61 5.49
CA ARG A 41 0.12 -11.88 6.15
C ARG A 41 -0.29 -12.95 5.14
N ARG A 42 -1.25 -12.58 4.30
CA ARG A 42 -1.74 -13.49 3.28
C ARG A 42 -0.73 -13.62 2.14
N GLN A 43 -0.10 -12.50 1.83
CA GLN A 43 0.89 -12.47 0.77
C GLN A 43 2.30 -12.63 1.35
N ASP A 44 2.34 -13.03 2.61
CA ASP A 44 3.61 -13.22 3.30
C ASP A 44 4.63 -12.24 2.74
N PHE A 45 4.42 -10.96 3.06
CA PHE A 45 5.32 -9.92 2.61
C PHE A 45 5.78 -9.06 3.78
N ASN A 46 6.89 -8.37 3.56
CA ASN A 46 7.45 -7.50 4.58
C ASN A 46 7.57 -6.08 4.04
N PRO A 47 7.28 -5.09 4.92
CA PRO A 47 7.36 -3.69 4.53
C PRO A 47 8.82 -3.22 4.44
N SER A 48 9.64 -3.77 5.33
CA SER A 48 11.04 -3.42 5.35
C SER A 48 11.73 -3.88 4.06
N GLU A 49 10.98 -4.64 3.28
CA GLU A 49 11.49 -5.16 2.02
C GLU A 49 10.59 -4.73 0.87
N TYR A 50 9.51 -4.05 1.22
CA TYR A 50 8.56 -3.59 0.22
C TYR A 50 7.97 -2.23 0.62
N ASP A 51 7.83 -1.37 -0.37
CA ASP A 51 7.28 -0.04 -0.15
C ASP A 51 6.18 0.24 -1.18
N LEU A 52 5.19 1.00 -0.74
CA LEU A 52 4.08 1.35 -1.61
C LEU A 52 3.98 2.88 -1.72
N LYS A 53 3.80 3.34 -2.95
CA LYS A 53 3.69 4.76 -3.21
C LYS A 53 2.78 4.99 -4.41
N PHE A 54 1.92 5.99 -4.28
CA PHE A 54 0.99 6.32 -5.34
C PHE A 54 1.26 7.72 -5.89
N GLN A 55 1.69 7.75 -7.14
CA GLN A 55 1.98 9.02 -7.80
C GLN A 55 3.04 9.79 -7.00
N ARG A 56 2.56 10.80 -6.28
CA ARG A 56 3.44 11.63 -5.47
C ARG A 56 3.19 11.37 -3.98
N THR A 57 2.48 10.28 -3.72
CA THR A 57 2.17 9.91 -2.35
C THR A 57 2.80 8.57 -1.99
N VAL A 58 3.43 8.54 -0.82
CA VAL A 58 4.08 7.33 -0.35
C VAL A 58 3.09 6.52 0.49
N LEU A 59 3.16 5.20 0.31
CA LEU A 59 2.27 4.31 1.04
C LEU A 59 3.12 3.34 1.87
N ASP A 60 2.92 3.39 3.17
CA ASP A 60 3.66 2.53 4.08
C ASP A 60 2.72 2.07 5.21
N LEU A 61 3.33 1.77 6.35
CA LEU A 61 2.57 1.32 7.50
C LEU A 61 2.18 2.53 8.35
N SER A 62 3.11 3.46 8.47
CA SER A 62 2.88 4.67 9.25
C SER A 62 2.22 5.73 8.37
N LEU A 63 1.29 5.27 7.53
CA LEU A 63 0.59 6.17 6.64
C LEU A 63 -0.85 5.68 6.48
N GLN A 64 -1.77 6.43 7.09
CA GLN A 64 -3.17 6.08 7.01
C GLN A 64 -3.84 6.76 5.82
N TRP A 65 -4.91 6.15 5.34
CA TRP A 65 -5.64 6.68 4.20
C TRP A 65 -6.19 8.06 4.60
N ARG A 66 -6.72 8.12 5.81
CA ARG A 66 -7.28 9.35 6.32
C ARG A 66 -6.24 10.47 6.27
N PHE A 67 -4.99 10.07 6.16
CA PHE A 67 -3.90 11.02 6.10
C PHE A 67 -3.34 11.14 4.67
N ALA A 68 -2.78 10.04 4.20
CA ALA A 68 -2.21 10.00 2.86
C ALA A 68 -3.28 10.38 1.85
N ASN A 69 -4.54 10.27 2.29
CA ASN A 69 -5.66 10.60 1.43
C ASN A 69 -5.40 10.04 0.03
N LEU A 70 -5.91 8.84 -0.19
CA LEU A 70 -5.75 8.17 -1.47
C LEU A 70 -7.03 8.37 -2.31
N PRO A 71 -6.87 8.20 -3.64
CA PRO A 71 -7.98 8.35 -4.56
C PRO A 71 -8.92 7.14 -4.48
N ASN A 72 -10.05 7.26 -5.16
CA ASN A 72 -11.03 6.19 -5.18
C ASN A 72 -10.30 4.84 -5.16
N ASN A 73 -10.02 4.34 -6.35
CA ASN A 73 -9.33 3.07 -6.48
C ASN A 73 -7.92 3.20 -5.90
N ALA A 74 -7.61 4.40 -5.45
CA ALA A 74 -6.30 4.66 -4.87
C ALA A 74 -5.27 3.71 -5.47
N LYS A 75 -4.73 4.11 -6.62
CA LYS A 75 -3.74 3.31 -7.30
C LYS A 75 -2.36 3.58 -6.71
N LEU A 76 -1.74 2.52 -6.21
CA LEU A 76 -0.43 2.63 -5.62
C LEU A 76 0.55 1.71 -6.35
N GLU A 77 1.82 2.07 -6.30
CA GLU A 77 2.85 1.29 -6.95
C GLU A 77 3.68 0.52 -5.91
N MET A 78 4.03 -0.70 -6.26
CA MET A 78 4.83 -1.53 -5.37
C MET A 78 6.32 -1.38 -5.67
N VAL A 79 7.09 -1.26 -4.60
CA VAL A 79 8.53 -1.10 -4.73
C VAL A 79 9.22 -1.79 -3.55
N PRO A 80 10.30 -2.56 -3.88
CA PRO A 80 11.05 -3.27 -2.86
C PRO A 80 11.93 -2.30 -2.06
N VAL A 81 11.87 -2.46 -0.74
CA VAL A 81 12.66 -1.60 0.13
C VAL A 81 12.09 -1.69 1.56
N SER A 82 12.37 -0.64 2.33
CA SER A 82 11.88 -0.59 3.70
C SER A 82 11.21 0.76 3.97
N ARG A 83 10.87 0.98 5.22
CA ARG A 83 10.21 2.22 5.62
C ARG A 83 11.09 3.42 5.26
N SER A 84 10.76 4.06 4.15
CA SER A 84 11.50 5.21 3.70
C SER A 84 11.58 6.26 4.80
N ARG A 85 12.79 6.76 5.02
CA ARG A 85 13.01 7.78 6.04
C ARG A 85 13.11 9.17 5.41
N SER A 10 -14.36 3.29 -1.13
CA SER A 10 -12.94 3.46 -1.42
C SER A 10 -12.33 2.11 -1.82
N ALA A 11 -11.30 2.18 -2.64
CA ALA A 11 -10.61 0.98 -3.09
C ALA A 11 -9.12 1.29 -3.29
N VAL A 12 -8.31 0.28 -3.03
CA VAL A 12 -6.87 0.42 -3.16
C VAL A 12 -6.36 -0.57 -4.21
N SER A 13 -5.30 -0.17 -4.89
CA SER A 13 -4.70 -1.00 -5.91
C SER A 13 -3.18 -0.97 -5.80
N VAL A 14 -2.59 -2.16 -5.87
CA VAL A 14 -1.14 -2.28 -5.78
C VAL A 14 -0.61 -2.91 -7.07
N LEU A 15 0.22 -2.14 -7.77
CA LEU A 15 0.80 -2.61 -9.01
C LEU A 15 2.25 -3.03 -8.76
N ALA A 16 2.46 -4.35 -8.83
CA ALA A 16 3.78 -4.90 -8.61
C ALA A 16 4.60 -4.78 -9.90
N PRO A 17 5.85 -4.26 -9.74
CA PRO A 17 6.74 -4.09 -10.88
C PRO A 17 7.32 -5.43 -11.33
N ASN A 18 7.06 -6.45 -10.52
CA ASN A 18 7.55 -7.78 -10.83
C ASN A 18 6.63 -8.44 -11.86
N GLY A 19 5.67 -7.65 -12.33
CA GLY A 19 4.72 -8.14 -13.32
C GLY A 19 3.45 -8.67 -12.64
N ARG A 20 3.29 -8.31 -11.38
CA ARG A 20 2.13 -8.74 -10.62
C ARG A 20 1.24 -7.55 -10.30
N ARG A 21 0.04 -7.57 -10.88
CA ARG A 21 -0.93 -6.51 -10.66
C ARG A 21 -2.09 -7.00 -9.82
N HIS A 22 -2.22 -6.42 -8.63
CA HIS A 22 -3.29 -6.80 -7.73
C HIS A 22 -3.88 -5.54 -7.08
N THR A 23 -5.20 -5.53 -6.98
CA THR A 23 -5.90 -4.40 -6.38
C THR A 23 -6.66 -4.85 -5.13
N VAL A 24 -6.46 -4.10 -4.06
CA VAL A 24 -7.14 -4.41 -2.80
C VAL A 24 -7.99 -3.22 -2.38
N LYS A 25 -9.21 -3.52 -1.96
CA LYS A 25 -10.14 -2.48 -1.53
C LYS A 25 -9.75 -2.02 -0.13
N VAL A 26 -9.59 -0.71 0.01
CA VAL A 26 -9.24 -0.13 1.29
C VAL A 26 -10.31 0.87 1.71
N THR A 27 -10.23 1.28 2.97
CA THR A 27 -11.19 2.23 3.51
C THR A 27 -10.51 3.57 3.78
N PRO A 28 -11.33 4.66 3.75
CA PRO A 28 -10.81 5.99 3.99
C PRO A 28 -10.52 6.21 5.48
N SER A 29 -11.02 5.29 6.29
CA SER A 29 -10.82 5.36 7.72
C SER A 29 -9.96 4.19 8.20
N THR A 30 -9.63 3.32 7.26
CA THR A 30 -8.82 2.15 7.57
C THR A 30 -7.33 2.50 7.42
N VAL A 31 -6.55 1.98 8.36
CA VAL A 31 -5.12 2.22 8.35
C VAL A 31 -4.46 1.31 7.30
N LEU A 32 -3.68 1.94 6.43
CA LEU A 32 -3.00 1.21 5.38
C LEU A 32 -2.12 0.12 6.01
N LEU A 33 -1.80 0.32 7.28
CA LEU A 33 -0.97 -0.63 8.01
C LEU A 33 -1.72 -1.95 8.13
N GLN A 34 -2.99 -1.85 8.47
CA GLN A 34 -3.82 -3.04 8.62
C GLN A 34 -4.04 -3.71 7.26
N VAL A 35 -4.20 -2.88 6.24
CA VAL A 35 -4.41 -3.37 4.89
C VAL A 35 -3.10 -3.96 4.35
N LEU A 36 -2.04 -3.17 4.49
CA LEU A 36 -0.73 -3.60 4.02
C LEU A 36 -0.30 -4.85 4.79
N GLU A 37 -0.56 -4.83 6.08
CA GLU A 37 -0.20 -5.96 6.93
C GLU A 37 -1.04 -7.19 6.55
N ASP A 38 -2.30 -6.93 6.24
CA ASP A 38 -3.21 -8.00 5.86
C ASP A 38 -2.66 -8.71 4.62
N THR A 39 -2.39 -7.92 3.59
CA THR A 39 -1.87 -8.46 2.35
C THR A 39 -0.52 -9.12 2.58
N CYS A 40 0.24 -8.53 3.50
CA CYS A 40 1.56 -9.04 3.83
C CYS A 40 1.39 -10.40 4.52
N ARG A 41 0.33 -10.49 5.32
CA ARG A 41 0.04 -11.72 6.04
C ARG A 41 -0.32 -12.84 5.05
N ARG A 42 -1.23 -12.50 4.15
CA ARG A 42 -1.68 -13.47 3.16
C ARG A 42 -0.61 -13.65 2.07
N GLN A 43 0.04 -12.54 1.74
CA GLN A 43 1.08 -12.56 0.73
C GLN A 43 2.45 -12.72 1.39
N ASP A 44 2.43 -13.03 2.67
CA ASP A 44 3.66 -13.21 3.42
C ASP A 44 4.72 -12.24 2.89
N PHE A 45 4.49 -10.96 3.15
CA PHE A 45 5.40 -9.93 2.70
C PHE A 45 5.82 -9.03 3.87
N ASN A 46 6.95 -8.36 3.69
CA ASN A 46 7.46 -7.47 4.70
C ASN A 46 7.59 -6.05 4.13
N PRO A 47 7.32 -5.05 5.01
CA PRO A 47 7.40 -3.66 4.60
C PRO A 47 8.85 -3.20 4.47
N SER A 48 9.68 -3.72 5.37
CA SER A 48 11.09 -3.37 5.38
C SER A 48 11.75 -3.86 4.08
N GLU A 49 10.98 -4.62 3.32
CA GLU A 49 11.48 -5.15 2.05
C GLU A 49 10.55 -4.74 0.91
N TYR A 50 9.53 -3.99 1.26
CA TYR A 50 8.56 -3.53 0.27
C TYR A 50 8.01 -2.16 0.66
N ASP A 51 7.87 -1.30 -0.36
CA ASP A 51 7.35 0.03 -0.14
C ASP A 51 6.24 0.31 -1.16
N LEU A 52 5.28 1.11 -0.73
CA LEU A 52 4.16 1.47 -1.58
C LEU A 52 4.10 2.99 -1.74
N LYS A 53 3.92 3.42 -2.98
CA LYS A 53 3.86 4.84 -3.27
C LYS A 53 2.89 5.07 -4.44
N PHE A 54 2.16 6.16 -4.35
CA PHE A 54 1.19 6.50 -5.39
C PHE A 54 1.38 7.95 -5.86
N GLN A 55 1.80 8.08 -7.11
CA GLN A 55 2.02 9.40 -7.69
C GLN A 55 3.07 10.16 -6.87
N ARG A 56 2.59 11.15 -6.13
CA ARG A 56 3.48 11.95 -5.31
C ARG A 56 3.24 11.67 -3.83
N THR A 57 2.55 10.56 -3.58
CA THR A 57 2.25 10.16 -2.21
C THR A 57 2.86 8.79 -1.91
N VAL A 58 3.55 8.73 -0.78
CA VAL A 58 4.20 7.49 -0.37
C VAL A 58 3.22 6.68 0.47
N LEU A 59 3.24 5.38 0.25
CA LEU A 59 2.37 4.47 0.97
C LEU A 59 3.22 3.51 1.81
N ASP A 60 3.00 3.57 3.12
CA ASP A 60 3.73 2.72 4.04
C ASP A 60 2.78 2.25 5.15
N LEU A 61 3.38 1.93 6.30
CA LEU A 61 2.61 1.47 7.44
C LEU A 61 2.20 2.67 8.30
N SER A 62 3.15 3.59 8.46
CA SER A 62 2.90 4.79 9.24
C SER A 62 2.21 5.86 8.37
N LEU A 63 1.30 5.39 7.53
CA LEU A 63 0.57 6.28 6.66
C LEU A 63 -0.86 5.77 6.49
N GLN A 64 -1.79 6.50 7.09
CA GLN A 64 -3.19 6.14 7.02
C GLN A 64 -3.88 6.88 5.86
N TRP A 65 -4.97 6.30 5.39
CA TRP A 65 -5.71 6.88 4.30
C TRP A 65 -6.25 8.24 4.76
N ARG A 66 -6.77 8.24 5.98
CA ARG A 66 -7.31 9.47 6.56
C ARG A 66 -6.27 10.58 6.55
N PHE A 67 -5.02 10.16 6.34
CA PHE A 67 -3.92 11.12 6.31
C PHE A 67 -3.32 11.21 4.90
N ALA A 68 -2.80 10.09 4.44
CA ALA A 68 -2.20 10.04 3.12
C ALA A 68 -3.25 10.38 2.07
N ASN A 69 -4.51 10.32 2.49
CA ASN A 69 -5.62 10.62 1.60
C ASN A 69 -5.35 9.99 0.24
N LEU A 70 -5.85 8.77 0.07
CA LEU A 70 -5.68 8.05 -1.18
C LEU A 70 -6.92 8.25 -2.05
N PRO A 71 -6.74 8.01 -3.38
CA PRO A 71 -7.83 8.15 -4.32
C PRO A 71 -8.80 6.98 -4.22
N ASN A 72 -9.91 7.10 -4.93
CA ASN A 72 -10.93 6.07 -4.92
C ASN A 72 -10.25 4.70 -4.95
N ASN A 73 -9.95 4.24 -6.16
CA ASN A 73 -9.31 2.95 -6.34
C ASN A 73 -7.93 2.98 -5.69
N ALA A 74 -7.60 4.14 -5.14
CA ALA A 74 -6.31 4.32 -4.48
C ALA A 74 -5.31 3.31 -5.06
N LYS A 75 -4.70 3.71 -6.17
CA LYS A 75 -3.73 2.86 -6.83
C LYS A 75 -2.33 3.22 -6.32
N LEU A 76 -1.69 2.24 -5.70
CA LEU A 76 -0.35 2.44 -5.16
C LEU A 76 0.64 1.59 -5.95
N GLU A 77 1.88 2.05 -5.98
CA GLU A 77 2.93 1.35 -6.69
C GLU A 77 3.80 0.55 -5.73
N MET A 78 3.99 -0.73 -6.06
CA MET A 78 4.79 -1.61 -5.22
C MET A 78 6.26 -1.49 -5.57
N VAL A 79 7.08 -1.36 -4.53
CA VAL A 79 8.52 -1.22 -4.71
C VAL A 79 9.23 -1.90 -3.54
N PRO A 80 10.32 -2.65 -3.88
CA PRO A 80 11.09 -3.35 -2.88
C PRO A 80 11.97 -2.38 -2.08
N VAL A 81 11.93 -2.53 -0.77
CA VAL A 81 12.71 -1.67 0.11
C VAL A 81 12.11 -1.72 1.52
N SER A 82 12.34 -0.65 2.26
CA SER A 82 11.84 -0.56 3.62
C SER A 82 11.10 0.77 3.81
N ARG A 83 10.50 0.92 4.98
CA ARG A 83 9.76 2.12 5.30
C ARG A 83 10.59 3.36 4.97
N SER A 84 9.92 4.34 4.37
CA SER A 84 10.59 5.58 4.00
C SER A 84 10.44 6.61 5.11
N ARG A 85 11.29 6.47 6.12
CA ARG A 85 11.26 7.38 7.25
C ARG A 85 11.12 8.83 6.77
N SER A 10 -14.37 3.53 -1.44
CA SER A 10 -12.92 3.63 -1.51
C SER A 10 -12.32 2.30 -1.98
N ALA A 11 -11.30 2.41 -2.82
CA ALA A 11 -10.64 1.22 -3.33
C ALA A 11 -9.15 1.53 -3.54
N VAL A 12 -8.33 0.55 -3.20
CA VAL A 12 -6.90 0.68 -3.33
C VAL A 12 -6.37 -0.37 -4.31
N SER A 13 -5.37 0.02 -5.07
CA SER A 13 -4.77 -0.88 -6.04
C SER A 13 -3.24 -0.88 -5.90
N VAL A 14 -2.68 -2.07 -5.96
CA VAL A 14 -1.24 -2.22 -5.82
C VAL A 14 -0.68 -2.85 -7.10
N LEU A 15 0.17 -2.10 -7.77
CA LEU A 15 0.79 -2.58 -9.00
C LEU A 15 2.22 -3.00 -8.72
N ALA A 16 2.45 -4.31 -8.77
CA ALA A 16 3.77 -4.87 -8.53
C ALA A 16 4.59 -4.79 -9.82
N PRO A 17 5.84 -4.25 -9.67
CA PRO A 17 6.74 -4.12 -10.80
C PRO A 17 7.32 -5.48 -11.20
N ASN A 18 7.06 -6.47 -10.35
CA ASN A 18 7.56 -7.81 -10.60
C ASN A 18 6.66 -8.50 -11.63
N GLY A 19 5.70 -7.73 -12.14
CA GLY A 19 4.77 -8.26 -13.13
C GLY A 19 3.50 -8.78 -12.46
N ARG A 20 3.32 -8.38 -11.22
CA ARG A 20 2.15 -8.79 -10.46
C ARG A 20 1.26 -7.59 -10.15
N ARG A 21 0.07 -7.61 -10.73
CA ARG A 21 -0.88 -6.53 -10.53
C ARG A 21 -2.07 -7.01 -9.68
N HIS A 22 -2.18 -6.42 -8.51
CA HIS A 22 -3.26 -6.77 -7.60
C HIS A 22 -3.82 -5.51 -6.94
N THR A 23 -5.14 -5.47 -6.83
CA THR A 23 -5.80 -4.33 -6.23
C THR A 23 -6.58 -4.76 -4.98
N VAL A 24 -6.42 -3.99 -3.92
CA VAL A 24 -7.10 -4.28 -2.67
C VAL A 24 -8.00 -3.10 -2.29
N LYS A 25 -9.24 -3.42 -1.95
CA LYS A 25 -10.20 -2.40 -1.57
C LYS A 25 -10.20 -2.25 -0.04
N VAL A 26 -9.86 -1.05 0.40
CA VAL A 26 -9.82 -0.76 1.82
C VAL A 26 -10.64 0.50 2.10
N THR A 27 -10.88 0.73 3.39
CA THR A 27 -11.64 1.90 3.81
C THR A 27 -10.74 3.13 3.87
N PRO A 28 -11.37 4.32 3.71
CA PRO A 28 -10.64 5.57 3.75
C PRO A 28 -10.25 5.94 5.19
N SER A 29 -10.85 5.22 6.13
CA SER A 29 -10.59 5.46 7.54
C SER A 29 -9.73 4.33 8.11
N THR A 30 -9.42 3.37 7.24
CA THR A 30 -8.61 2.24 7.64
C THR A 30 -7.12 2.55 7.44
N VAL A 31 -6.33 2.10 8.41
CA VAL A 31 -4.90 2.33 8.35
C VAL A 31 -4.27 1.36 7.35
N LEU A 32 -3.48 1.92 6.45
CA LEU A 32 -2.80 1.10 5.43
C LEU A 32 -1.96 0.03 6.13
N LEU A 33 -1.63 0.30 7.38
CA LEU A 33 -0.83 -0.62 8.16
C LEU A 33 -1.57 -1.95 8.31
N GLN A 34 -2.86 -1.84 8.61
CA GLN A 34 -3.70 -3.02 8.77
C GLN A 34 -3.88 -3.73 7.44
N VAL A 35 -4.01 -2.93 6.38
CA VAL A 35 -4.19 -3.47 5.06
C VAL A 35 -2.87 -4.08 4.56
N LEU A 36 -1.81 -3.30 4.73
CA LEU A 36 -0.49 -3.74 4.31
C LEU A 36 -0.12 -5.01 5.08
N GLU A 37 -0.35 -4.97 6.38
CA GLU A 37 -0.06 -6.11 7.23
C GLU A 37 -0.92 -7.31 6.85
N ASP A 38 -2.17 -7.01 6.52
CA ASP A 38 -3.11 -8.05 6.13
C ASP A 38 -2.61 -8.73 4.84
N THR A 39 -2.37 -7.90 3.84
CA THR A 39 -1.89 -8.40 2.55
C THR A 39 -0.53 -9.07 2.72
N CYS A 40 0.26 -8.51 3.63
CA CYS A 40 1.59 -9.05 3.89
C CYS A 40 1.43 -10.43 4.53
N ARG A 41 0.41 -10.54 5.36
CA ARG A 41 0.15 -11.80 6.05
C ARG A 41 -0.30 -12.87 5.04
N ARG A 42 -1.25 -12.49 4.20
CA ARG A 42 -1.76 -13.40 3.19
C ARG A 42 -0.75 -13.55 2.05
N GLN A 43 -0.10 -12.44 1.73
CA GLN A 43 0.89 -12.43 0.66
C GLN A 43 2.29 -12.66 1.23
N ASP A 44 2.32 -12.98 2.52
CA ASP A 44 3.58 -13.23 3.20
C ASP A 44 4.64 -12.26 2.66
N PHE A 45 4.45 -10.99 2.97
CA PHE A 45 5.37 -9.96 2.52
C PHE A 45 5.85 -9.10 3.70
N ASN A 46 6.97 -8.45 3.49
CA ASN A 46 7.54 -7.58 4.52
C ASN A 46 7.68 -6.16 3.98
N PRO A 47 7.43 -5.18 4.89
CA PRO A 47 7.52 -3.78 4.51
C PRO A 47 8.98 -3.35 4.38
N SER A 48 9.83 -3.92 5.22
CA SER A 48 11.25 -3.60 5.22
C SER A 48 11.87 -4.08 3.90
N GLU A 49 11.09 -4.82 3.14
CA GLU A 49 11.56 -5.34 1.88
C GLU A 49 10.63 -4.90 0.74
N TYR A 50 9.61 -4.14 1.11
CA TYR A 50 8.65 -3.64 0.14
C TYR A 50 8.12 -2.27 0.56
N ASP A 51 7.98 -1.41 -0.44
CA ASP A 51 7.48 -0.07 -0.20
C ASP A 51 6.38 0.26 -1.20
N LEU A 52 5.41 1.05 -0.75
CA LEU A 52 4.30 1.43 -1.59
C LEU A 52 4.25 2.97 -1.70
N LYS A 53 4.02 3.44 -2.92
CA LYS A 53 3.95 4.86 -3.17
C LYS A 53 2.97 5.12 -4.32
N PHE A 54 2.15 6.14 -4.13
CA PHE A 54 1.17 6.51 -5.13
C PHE A 54 1.34 7.97 -5.56
N GLN A 55 1.72 8.16 -6.81
CA GLN A 55 1.92 9.49 -7.34
C GLN A 55 2.97 10.25 -6.52
N ARG A 56 2.49 11.20 -5.74
CA ARG A 56 3.38 12.00 -4.91
C ARG A 56 3.16 11.66 -3.43
N THR A 57 2.48 10.54 -3.21
CA THR A 57 2.19 10.10 -1.85
C THR A 57 2.80 8.72 -1.61
N VAL A 58 3.61 8.63 -0.56
CA VAL A 58 4.25 7.38 -0.20
C VAL A 58 3.27 6.51 0.59
N LEU A 59 3.31 5.22 0.31
CA LEU A 59 2.43 4.28 0.99
C LEU A 59 3.28 3.32 1.83
N ASP A 60 3.05 3.37 3.13
CA ASP A 60 3.78 2.51 4.05
C ASP A 60 2.85 2.09 5.19
N LEU A 61 3.45 1.88 6.35
CA LEU A 61 2.69 1.47 7.52
C LEU A 61 2.23 2.71 8.29
N SER A 62 3.11 3.70 8.33
CA SER A 62 2.81 4.94 9.03
C SER A 62 2.13 5.92 8.07
N LEU A 63 1.25 5.38 7.24
CA LEU A 63 0.53 6.19 6.28
C LEU A 63 -0.95 5.80 6.30
N GLN A 64 -1.75 6.69 6.87
CA GLN A 64 -3.18 6.45 6.97
C GLN A 64 -3.91 7.11 5.79
N TRP A 65 -4.92 6.40 5.29
CA TRP A 65 -5.70 6.90 4.16
C TRP A 65 -6.38 8.19 4.61
N ARG A 66 -6.87 8.17 5.84
CA ARG A 66 -7.55 9.33 6.39
C ARG A 66 -6.65 10.57 6.33
N PHE A 67 -5.36 10.30 6.24
CA PHE A 67 -4.38 11.38 6.17
C PHE A 67 -3.76 11.46 4.78
N ALA A 68 -3.23 10.34 4.32
CA ALA A 68 -2.60 10.29 3.02
C ALA A 68 -3.65 10.61 1.95
N ASN A 69 -4.91 10.52 2.35
CA ASN A 69 -6.00 10.80 1.44
C ASN A 69 -5.69 10.19 0.07
N LEU A 70 -6.05 8.93 -0.09
CA LEU A 70 -5.81 8.23 -1.34
C LEU A 70 -7.00 8.44 -2.26
N PRO A 71 -6.76 8.18 -3.58
CA PRO A 71 -7.80 8.33 -4.58
C PRO A 71 -8.82 7.19 -4.50
N ASN A 72 -9.89 7.33 -5.26
CA ASN A 72 -10.94 6.33 -5.30
C ASN A 72 -10.30 4.94 -5.32
N ASN A 73 -9.92 4.52 -6.53
CA ASN A 73 -9.30 3.22 -6.71
C ASN A 73 -7.94 3.20 -6.01
N ALA A 74 -7.60 4.35 -5.43
CA ALA A 74 -6.33 4.48 -4.73
C ALA A 74 -5.33 3.47 -5.30
N LYS A 75 -4.66 3.90 -6.36
CA LYS A 75 -3.67 3.05 -7.01
C LYS A 75 -2.28 3.35 -6.42
N LEU A 76 -1.69 2.32 -5.83
CA LEU A 76 -0.38 2.47 -5.22
C LEU A 76 0.63 1.64 -6.02
N GLU A 77 1.88 2.10 -5.99
CA GLU A 77 2.94 1.42 -6.71
C GLU A 77 3.82 0.63 -5.73
N MET A 78 3.98 -0.66 -6.03
CA MET A 78 4.78 -1.53 -5.19
C MET A 78 6.26 -1.45 -5.57
N VAL A 79 7.10 -1.35 -4.56
CA VAL A 79 8.53 -1.25 -4.76
C VAL A 79 9.26 -1.96 -3.63
N PRO A 80 10.33 -2.72 -4.00
CA PRO A 80 11.11 -3.45 -3.02
C PRO A 80 12.01 -2.50 -2.23
N VAL A 81 12.00 -2.68 -0.91
CA VAL A 81 12.81 -1.85 -0.04
C VAL A 81 12.24 -1.91 1.38
N SER A 82 12.53 -0.86 2.14
CA SER A 82 12.05 -0.79 3.51
C SER A 82 11.37 0.56 3.75
N ARG A 83 10.85 0.72 4.96
CA ARG A 83 10.17 1.94 5.33
C ARG A 83 11.01 3.16 4.91
N SER A 84 12.28 3.12 5.28
CA SER A 84 13.19 4.20 4.95
C SER A 84 14.63 3.70 4.96
N ARG A 85 15.00 3.03 3.87
CA ARG A 85 16.34 2.49 3.74
C ARG A 85 16.74 1.75 5.02
N SER A 10 -14.41 3.40 -1.25
CA SER A 10 -12.99 3.55 -1.50
C SER A 10 -12.38 2.21 -1.93
N ALA A 11 -11.35 2.32 -2.76
CA ALA A 11 -10.67 1.12 -3.25
C ALA A 11 -9.18 1.42 -3.40
N VAL A 12 -8.38 0.38 -3.13
CA VAL A 12 -6.94 0.52 -3.24
C VAL A 12 -6.41 -0.48 -4.27
N SER A 13 -5.40 -0.04 -5.01
CA SER A 13 -4.81 -0.88 -6.03
C SER A 13 -3.28 -0.88 -5.87
N VAL A 14 -2.72 -2.08 -5.95
CA VAL A 14 -1.27 -2.23 -5.83
C VAL A 14 -0.71 -2.85 -7.10
N LEU A 15 0.14 -2.09 -7.78
CA LEU A 15 0.75 -2.56 -9.01
C LEU A 15 2.19 -3.00 -8.73
N ALA A 16 2.39 -4.31 -8.80
CA ALA A 16 3.72 -4.86 -8.55
C ALA A 16 4.55 -4.78 -9.84
N PRO A 17 5.80 -4.28 -9.68
CA PRO A 17 6.69 -4.15 -10.82
C PRO A 17 7.26 -5.51 -11.24
N ASN A 18 6.96 -6.51 -10.42
CA ASN A 18 7.42 -7.86 -10.70
C ASN A 18 6.53 -8.49 -11.76
N GLY A 19 5.63 -7.69 -12.29
CA GLY A 19 4.70 -8.15 -13.32
C GLY A 19 3.42 -8.68 -12.68
N ARG A 20 3.22 -8.33 -11.43
CA ARG A 20 2.03 -8.75 -10.71
C ARG A 20 1.18 -7.54 -10.33
N ARG A 21 -0.01 -7.48 -10.91
CA ARG A 21 -0.92 -6.38 -10.65
C ARG A 21 -2.13 -6.88 -9.84
N HIS A 22 -2.24 -6.36 -8.63
CA HIS A 22 -3.34 -6.74 -7.75
C HIS A 22 -3.88 -5.50 -7.04
N THR A 23 -5.20 -5.43 -6.94
CA THR A 23 -5.85 -4.31 -6.29
C THR A 23 -6.66 -4.79 -5.09
N VAL A 24 -6.50 -4.08 -3.98
CA VAL A 24 -7.21 -4.42 -2.76
C VAL A 24 -8.08 -3.24 -2.33
N LYS A 25 -9.33 -3.56 -2.02
CA LYS A 25 -10.28 -2.54 -1.59
C LYS A 25 -10.12 -2.29 -0.09
N VAL A 26 -9.76 -1.06 0.24
CA VAL A 26 -9.59 -0.69 1.64
C VAL A 26 -10.49 0.50 1.97
N THR A 27 -10.60 0.78 3.25
CA THR A 27 -11.44 1.88 3.71
C THR A 27 -10.60 3.17 3.82
N PRO A 28 -11.32 4.31 3.69
CA PRO A 28 -10.67 5.61 3.77
C PRO A 28 -10.31 5.96 5.22
N SER A 29 -10.86 5.17 6.13
CA SER A 29 -10.59 5.38 7.55
C SER A 29 -9.70 4.26 8.09
N THR A 30 -9.41 3.30 7.21
CA THR A 30 -8.57 2.18 7.59
C THR A 30 -7.10 2.51 7.35
N VAL A 31 -6.27 2.08 8.29
CA VAL A 31 -4.84 2.32 8.18
C VAL A 31 -4.23 1.33 7.20
N LEU A 32 -3.42 1.87 6.29
CA LEU A 32 -2.78 1.04 5.28
C LEU A 32 -1.95 -0.05 5.97
N LEU A 33 -1.63 0.21 7.23
CA LEU A 33 -0.85 -0.74 8.00
C LEU A 33 -1.65 -2.05 8.16
N GLN A 34 -2.91 -1.88 8.51
CA GLN A 34 -3.79 -3.03 8.69
C GLN A 34 -4.01 -3.75 7.36
N VAL A 35 -4.15 -2.95 6.31
CA VAL A 35 -4.36 -3.49 4.98
C VAL A 35 -3.06 -4.13 4.48
N LEU A 36 -1.98 -3.36 4.59
CA LEU A 36 -0.68 -3.83 4.14
C LEU A 36 -0.29 -5.06 4.95
N GLU A 37 -0.62 -5.02 6.24
CA GLU A 37 -0.31 -6.11 7.13
C GLU A 37 -1.10 -7.36 6.73
N ASP A 38 -2.37 -7.15 6.41
CA ASP A 38 -3.24 -8.24 6.01
C ASP A 38 -2.67 -8.89 4.74
N THR A 39 -2.46 -8.06 3.74
CA THR A 39 -1.93 -8.54 2.47
C THR A 39 -0.53 -9.14 2.68
N CYS A 40 0.22 -8.54 3.58
CA CYS A 40 1.56 -8.99 3.87
C CYS A 40 1.47 -10.35 4.56
N ARG A 41 0.44 -10.50 5.38
CA ARG A 41 0.22 -11.74 6.10
C ARG A 41 -0.16 -12.86 5.12
N ARG A 42 -1.12 -12.54 4.27
CA ARG A 42 -1.59 -13.50 3.29
C ARG A 42 -0.57 -13.65 2.15
N GLN A 43 0.04 -12.53 1.81
CA GLN A 43 1.04 -12.51 0.75
C GLN A 43 2.44 -12.73 1.32
N ASP A 44 2.47 -12.96 2.64
CA ASP A 44 3.73 -13.17 3.32
C ASP A 44 4.77 -12.18 2.80
N PHE A 45 4.54 -10.91 3.10
CA PHE A 45 5.44 -9.86 2.68
C PHE A 45 5.87 -8.98 3.86
N ASN A 46 6.98 -8.30 3.67
CA ASN A 46 7.50 -7.42 4.72
C ASN A 46 7.62 -6.00 4.16
N PRO A 47 7.37 -5.01 5.06
CA PRO A 47 7.44 -3.62 4.67
C PRO A 47 8.89 -3.16 4.54
N SER A 48 9.73 -3.71 5.40
CA SER A 48 11.15 -3.38 5.40
C SER A 48 11.80 -3.86 4.11
N GLU A 49 11.02 -4.63 3.34
CA GLU A 49 11.50 -5.16 2.08
C GLU A 49 10.58 -4.75 0.94
N TYR A 50 9.55 -4.01 1.30
CA TYR A 50 8.59 -3.53 0.32
C TYR A 50 8.05 -2.15 0.70
N ASP A 51 7.91 -1.31 -0.32
CA ASP A 51 7.41 0.04 -0.10
C ASP A 51 6.30 0.33 -1.12
N LEU A 52 5.34 1.14 -0.68
CA LEU A 52 4.22 1.50 -1.54
C LEU A 52 4.19 3.03 -1.69
N LYS A 53 4.00 3.46 -2.94
CA LYS A 53 3.93 4.88 -3.23
C LYS A 53 3.00 5.11 -4.41
N PHE A 54 2.26 6.21 -4.35
CA PHE A 54 1.33 6.56 -5.41
C PHE A 54 1.56 7.99 -5.89
N GLN A 55 2.01 8.11 -7.13
CA GLN A 55 2.26 9.41 -7.72
C GLN A 55 3.30 10.17 -6.89
N ARG A 56 2.80 11.16 -6.15
CA ARG A 56 3.67 11.97 -5.31
C ARG A 56 3.40 11.68 -3.83
N THR A 57 2.69 10.58 -3.60
CA THR A 57 2.36 10.18 -2.24
C THR A 57 2.98 8.82 -1.93
N VAL A 58 3.61 8.74 -0.77
CA VAL A 58 4.25 7.52 -0.34
C VAL A 58 3.24 6.69 0.47
N LEU A 59 3.29 5.39 0.25
CA LEU A 59 2.39 4.48 0.95
C LEU A 59 3.21 3.51 1.80
N ASP A 60 2.96 3.57 3.10
CA ASP A 60 3.67 2.72 4.04
C ASP A 60 2.70 2.26 5.13
N LEU A 61 3.27 1.91 6.28
CA LEU A 61 2.48 1.45 7.41
C LEU A 61 2.09 2.66 8.27
N SER A 62 3.05 3.57 8.43
CA SER A 62 2.82 4.77 9.21
C SER A 62 2.15 5.84 8.37
N LEU A 63 1.23 5.39 7.52
CA LEU A 63 0.51 6.30 6.64
C LEU A 63 -0.93 5.81 6.48
N GLN A 64 -1.85 6.55 7.06
CA GLN A 64 -3.26 6.20 6.98
C GLN A 64 -3.92 6.90 5.79
N TRP A 65 -4.98 6.29 5.29
CA TRP A 65 -5.71 6.83 4.16
C TRP A 65 -6.29 8.18 4.59
N ARG A 66 -6.79 8.21 5.81
CA ARG A 66 -7.39 9.42 6.35
C ARG A 66 -6.39 10.58 6.27
N PHE A 67 -5.11 10.23 6.32
CA PHE A 67 -4.06 11.22 6.26
C PHE A 67 -3.43 11.27 4.87
N ALA A 68 -2.87 10.14 4.47
CA ALA A 68 -2.24 10.05 3.17
C ALA A 68 -3.25 10.42 2.08
N ASN A 69 -4.52 10.40 2.46
CA ASN A 69 -5.58 10.75 1.54
C ASN A 69 -5.31 10.09 0.18
N LEU A 70 -5.90 8.92 -0.01
CA LEU A 70 -5.72 8.19 -1.24
C LEU A 70 -6.95 8.39 -2.13
N PRO A 71 -6.76 8.13 -3.45
CA PRO A 71 -7.85 8.28 -4.41
C PRO A 71 -8.85 7.13 -4.29
N ASN A 72 -9.96 7.26 -5.01
CA ASN A 72 -10.99 6.24 -5.00
C ASN A 72 -10.34 4.86 -5.04
N ASN A 73 -9.99 4.44 -6.25
CA ASN A 73 -9.37 3.14 -6.44
C ASN A 73 -7.99 3.14 -5.76
N ALA A 74 -7.65 4.28 -5.19
CA ALA A 74 -6.38 4.43 -4.52
C ALA A 74 -5.36 3.46 -5.13
N LYS A 75 -4.72 3.93 -6.20
CA LYS A 75 -3.73 3.11 -6.89
C LYS A 75 -2.35 3.41 -6.32
N LEU A 76 -1.73 2.36 -5.77
CA LEU A 76 -0.42 2.50 -5.18
C LEU A 76 0.58 1.63 -5.96
N GLU A 77 1.82 2.09 -5.98
CA GLU A 77 2.87 1.38 -6.68
C GLU A 77 3.72 0.57 -5.70
N MET A 78 3.96 -0.68 -6.05
CA MET A 78 4.75 -1.56 -5.22
C MET A 78 6.23 -1.44 -5.55
N VAL A 79 7.04 -1.31 -4.50
CA VAL A 79 8.47 -1.19 -4.67
C VAL A 79 9.18 -1.87 -3.50
N PRO A 80 10.24 -2.67 -3.84
CA PRO A 80 10.99 -3.38 -2.84
C PRO A 80 11.93 -2.43 -2.08
N VAL A 81 11.90 -2.56 -0.76
CA VAL A 81 12.72 -1.72 0.10
C VAL A 81 12.18 -1.75 1.52
N SER A 82 12.49 -0.70 2.26
CA SER A 82 12.04 -0.60 3.65
C SER A 82 11.37 0.76 3.88
N ARG A 83 10.66 0.85 5.00
CA ARG A 83 9.97 2.08 5.35
C ARG A 83 10.87 3.28 5.06
N SER A 84 10.23 4.36 4.60
CA SER A 84 10.95 5.58 4.29
C SER A 84 11.37 6.28 5.58
N ARG A 85 12.24 7.28 5.42
CA ARG A 85 12.73 8.04 6.56
C ARG A 85 13.60 9.19 6.09
N SER A 10 -14.44 3.17 -0.82
CA SER A 10 -13.12 3.41 -1.39
C SER A 10 -12.56 2.10 -1.95
N ALA A 11 -11.50 2.24 -2.73
CA ALA A 11 -10.86 1.09 -3.33
C ALA A 11 -9.35 1.35 -3.45
N VAL A 12 -8.57 0.31 -3.17
CA VAL A 12 -7.12 0.41 -3.24
C VAL A 12 -6.60 -0.57 -4.29
N SER A 13 -5.58 -0.13 -5.01
CA SER A 13 -4.98 -0.96 -6.04
C SER A 13 -3.44 -0.85 -5.97
N VAL A 14 -2.80 -2.00 -5.90
CA VAL A 14 -1.36 -2.05 -5.84
C VAL A 14 -0.82 -2.83 -7.04
N LEU A 15 -0.05 -2.13 -7.85
CA LEU A 15 0.53 -2.73 -9.05
C LEU A 15 2.04 -2.90 -8.83
N ALA A 16 2.47 -4.16 -8.91
CA ALA A 16 3.87 -4.47 -8.73
C ALA A 16 4.59 -4.35 -10.09
N PRO A 17 5.79 -3.71 -10.04
CA PRO A 17 6.58 -3.52 -11.24
C PRO A 17 7.26 -4.83 -11.66
N ASN A 18 7.16 -5.82 -10.78
CA ASN A 18 7.76 -7.11 -11.05
C ASN A 18 6.85 -7.91 -11.98
N GLY A 19 5.74 -7.28 -12.35
CA GLY A 19 4.78 -7.93 -13.24
C GLY A 19 3.61 -8.52 -12.45
N ARG A 20 3.50 -8.08 -11.20
CA ARG A 20 2.44 -8.56 -10.33
C ARG A 20 1.44 -7.43 -10.03
N ARG A 21 0.23 -7.61 -10.52
CA ARG A 21 -0.81 -6.61 -10.31
C ARG A 21 -1.88 -7.17 -9.36
N HIS A 22 -2.10 -6.43 -8.28
CA HIS A 22 -3.09 -6.83 -7.29
C HIS A 22 -3.85 -5.60 -6.81
N THR A 23 -5.17 -5.77 -6.70
CA THR A 23 -6.02 -4.69 -6.26
C THR A 23 -6.75 -5.07 -4.96
N VAL A 24 -6.60 -4.20 -3.97
CA VAL A 24 -7.23 -4.44 -2.68
C VAL A 24 -8.19 -3.29 -2.37
N LYS A 25 -9.36 -3.65 -1.84
CA LYS A 25 -10.36 -2.66 -1.49
C LYS A 25 -10.36 -2.45 0.03
N VAL A 26 -9.99 -1.24 0.42
CA VAL A 26 -9.96 -0.90 1.83
C VAL A 26 -10.74 0.40 2.06
N THR A 27 -10.97 0.68 3.34
CA THR A 27 -11.71 1.88 3.71
C THR A 27 -10.77 3.08 3.77
N PRO A 28 -11.37 4.29 3.57
CA PRO A 28 -10.60 5.52 3.59
C PRO A 28 -10.23 5.91 5.03
N SER A 29 -10.87 5.23 5.97
CA SER A 29 -10.62 5.49 7.38
C SER A 29 -9.75 4.37 7.97
N THR A 30 -9.44 3.40 7.13
CA THR A 30 -8.63 2.28 7.55
C THR A 30 -7.14 2.59 7.35
N VAL A 31 -6.34 2.16 8.32
CA VAL A 31 -4.91 2.38 8.25
C VAL A 31 -4.28 1.39 7.27
N LEU A 32 -3.50 1.93 6.35
CA LEU A 32 -2.84 1.10 5.35
C LEU A 32 -1.99 0.05 6.06
N LEU A 33 -1.65 0.33 7.30
CA LEU A 33 -0.84 -0.58 8.10
C LEU A 33 -1.60 -1.89 8.29
N GLN A 34 -2.89 -1.75 8.63
CA GLN A 34 -3.72 -2.92 8.85
C GLN A 34 -3.96 -3.66 7.53
N VAL A 35 -4.12 -2.88 6.47
CA VAL A 35 -4.35 -3.44 5.15
C VAL A 35 -3.06 -4.08 4.63
N LEU A 36 -1.98 -3.30 4.72
CA LEU A 36 -0.69 -3.78 4.27
C LEU A 36 -0.29 -5.01 5.09
N GLU A 37 -0.62 -4.96 6.36
CA GLU A 37 -0.31 -6.06 7.27
C GLU A 37 -1.09 -7.31 6.86
N ASP A 38 -2.36 -7.09 6.56
CA ASP A 38 -3.23 -8.20 6.16
C ASP A 38 -2.70 -8.82 4.86
N THR A 39 -2.54 -7.95 3.86
CA THR A 39 -2.04 -8.40 2.58
C THR A 39 -0.66 -9.05 2.72
N CYS A 40 0.14 -8.48 3.60
CA CYS A 40 1.47 -8.98 3.85
C CYS A 40 1.36 -10.34 4.53
N ARG A 41 0.34 -10.45 5.40
CA ARG A 41 0.11 -11.69 6.12
C ARG A 41 -0.31 -12.80 5.14
N ARG A 42 -1.27 -12.46 4.31
CA ARG A 42 -1.78 -13.41 3.33
C ARG A 42 -0.76 -13.61 2.20
N GLN A 43 -0.10 -12.52 1.85
CA GLN A 43 0.90 -12.56 0.79
C GLN A 43 2.29 -12.73 1.40
N ASP A 44 2.32 -13.08 2.67
CA ASP A 44 3.57 -13.28 3.37
C ASP A 44 4.62 -12.32 2.81
N PHE A 45 4.42 -11.05 3.12
CA PHE A 45 5.35 -10.02 2.66
C PHE A 45 5.81 -9.13 3.82
N ASN A 46 6.94 -8.48 3.60
CA ASN A 46 7.50 -7.60 4.61
C ASN A 46 7.67 -6.19 4.03
N PRO A 47 7.42 -5.18 4.91
CA PRO A 47 7.54 -3.80 4.48
C PRO A 47 9.01 -3.38 4.38
N SER A 48 9.81 -3.92 5.29
CA SER A 48 11.23 -3.62 5.31
C SER A 48 11.88 -4.09 4.00
N GLU A 49 11.10 -4.82 3.22
CA GLU A 49 11.60 -5.34 1.95
C GLU A 49 10.68 -4.87 0.81
N TYR A 50 9.59 -4.23 1.18
CA TYR A 50 8.63 -3.74 0.20
C TYR A 50 8.11 -2.36 0.61
N ASP A 51 7.97 -1.49 -0.39
CA ASP A 51 7.49 -0.15 -0.16
C ASP A 51 6.38 0.17 -1.18
N LEU A 52 5.44 0.98 -0.74
CA LEU A 52 4.32 1.37 -1.59
C LEU A 52 4.29 2.90 -1.72
N LYS A 53 4.14 3.35 -2.95
CA LYS A 53 4.09 4.78 -3.23
C LYS A 53 3.16 5.04 -4.40
N PHE A 54 2.37 6.10 -4.28
CA PHE A 54 1.44 6.47 -5.33
C PHE A 54 1.64 7.92 -5.76
N GLN A 55 2.09 8.08 -7.00
CA GLN A 55 2.32 9.41 -7.54
C GLN A 55 3.34 10.16 -6.67
N ARG A 56 2.83 11.12 -5.92
CA ARG A 56 3.68 11.92 -5.05
C ARG A 56 3.39 11.59 -3.59
N THR A 57 2.70 10.48 -3.39
CA THR A 57 2.35 10.06 -2.04
C THR A 57 2.93 8.67 -1.77
N VAL A 58 3.74 8.60 -0.72
CA VAL A 58 4.37 7.35 -0.33
C VAL A 58 3.38 6.51 0.50
N LEU A 59 3.39 5.22 0.25
CA LEU A 59 2.50 4.31 0.96
C LEU A 59 3.33 3.34 1.79
N ASP A 60 3.10 3.38 3.09
CA ASP A 60 3.83 2.52 4.01
C ASP A 60 2.90 2.11 5.16
N LEU A 61 3.52 1.82 6.30
CA LEU A 61 2.76 1.42 7.47
C LEU A 61 2.41 2.67 8.29
N SER A 62 3.14 3.75 8.03
CA SER A 62 2.92 5.00 8.73
C SER A 62 2.21 5.99 7.79
N LEU A 63 1.27 5.47 7.03
CA LEU A 63 0.52 6.29 6.09
C LEU A 63 -0.96 5.89 6.14
N GLN A 64 -1.75 6.75 6.77
CA GLN A 64 -3.18 6.49 6.88
C GLN A 64 -3.93 7.18 5.75
N TRP A 65 -4.95 6.49 5.25
CA TRP A 65 -5.77 7.02 4.17
C TRP A 65 -6.45 8.28 4.67
N ARG A 66 -6.93 8.21 5.91
CA ARG A 66 -7.61 9.34 6.52
C ARG A 66 -6.70 10.56 6.54
N PHE A 67 -5.42 10.31 6.31
CA PHE A 67 -4.44 11.38 6.30
C PHE A 67 -3.78 11.53 4.92
N ALA A 68 -3.14 10.45 4.49
CA ALA A 68 -2.47 10.43 3.20
C ALA A 68 -3.51 10.71 2.10
N ASN A 69 -4.77 10.60 2.49
CA ASN A 69 -5.85 10.83 1.54
C ASN A 69 -5.51 10.18 0.21
N LEU A 70 -5.95 8.94 0.05
CA LEU A 70 -5.70 8.20 -1.17
C LEU A 70 -6.87 8.42 -2.14
N PRO A 71 -6.62 8.06 -3.42
CA PRO A 71 -7.64 8.20 -4.45
C PRO A 71 -8.71 7.12 -4.32
N ASN A 72 -9.76 7.27 -5.12
CA ASN A 72 -10.86 6.32 -5.09
C ASN A 72 -10.29 4.89 -5.15
N ASN A 73 -9.91 4.49 -6.36
CA ASN A 73 -9.35 3.17 -6.55
C ASN A 73 -8.01 3.05 -5.81
N ALA A 74 -7.64 4.16 -5.18
CA ALA A 74 -6.39 4.20 -4.43
C ALA A 74 -5.37 3.27 -5.08
N LYS A 75 -4.71 3.79 -6.10
CA LYS A 75 -3.70 3.02 -6.82
C LYS A 75 -2.32 3.34 -6.25
N LEU A 76 -1.63 2.29 -5.82
CA LEU A 76 -0.31 2.44 -5.26
C LEU A 76 0.68 1.60 -6.07
N GLU A 77 1.94 2.04 -6.04
CA GLU A 77 2.99 1.35 -6.76
C GLU A 77 3.84 0.51 -5.80
N MET A 78 4.08 -0.73 -6.19
CA MET A 78 4.86 -1.63 -5.37
C MET A 78 6.36 -1.49 -5.69
N VAL A 79 7.14 -1.38 -4.62
CA VAL A 79 8.58 -1.22 -4.77
C VAL A 79 9.28 -1.93 -3.60
N PRO A 80 10.34 -2.70 -3.94
CA PRO A 80 11.10 -3.42 -2.93
C PRO A 80 12.01 -2.47 -2.15
N VAL A 81 11.96 -2.63 -0.83
CA VAL A 81 12.77 -1.80 0.04
C VAL A 81 12.23 -1.88 1.47
N SER A 82 12.62 -0.90 2.28
CA SER A 82 12.17 -0.86 3.66
C SER A 82 11.28 0.36 3.89
N ARG A 83 10.57 0.34 5.01
CA ARG A 83 9.68 1.43 5.36
C ARG A 83 10.30 2.77 4.94
N SER A 84 9.72 3.36 3.91
CA SER A 84 10.19 4.64 3.41
C SER A 84 11.41 4.43 2.52
N ARG A 85 12.47 3.90 3.13
CA ARG A 85 13.71 3.64 2.40
C ARG A 85 13.99 2.14 2.35
N SER A 10 -14.25 3.28 -1.01
CA SER A 10 -12.84 3.47 -1.28
C SER A 10 -12.20 2.13 -1.66
N ALA A 11 -11.18 2.21 -2.50
CA ALA A 11 -10.48 1.01 -2.93
C ALA A 11 -9.01 1.35 -3.16
N VAL A 12 -8.16 0.39 -2.82
CA VAL A 12 -6.72 0.57 -2.99
C VAL A 12 -6.19 -0.48 -3.95
N SER A 13 -5.40 -0.02 -4.91
CA SER A 13 -4.82 -0.91 -5.89
C SER A 13 -3.29 -0.80 -5.87
N VAL A 14 -2.65 -1.95 -5.78
CA VAL A 14 -1.20 -2.01 -5.74
C VAL A 14 -0.69 -2.80 -6.94
N LEU A 15 0.07 -2.12 -7.80
CA LEU A 15 0.61 -2.75 -8.98
C LEU A 15 2.12 -2.97 -8.78
N ALA A 16 2.53 -4.22 -8.93
CA ALA A 16 3.94 -4.55 -8.78
C ALA A 16 4.64 -4.43 -10.13
N PRO A 17 5.86 -3.82 -10.08
CA PRO A 17 6.64 -3.63 -11.29
C PRO A 17 7.28 -4.95 -11.74
N ASN A 18 7.15 -5.95 -10.89
CA ASN A 18 7.70 -7.26 -11.20
C ASN A 18 6.76 -8.00 -12.15
N GLY A 19 5.67 -7.33 -12.51
CA GLY A 19 4.69 -7.90 -13.41
C GLY A 19 3.52 -8.49 -12.63
N ARG A 20 3.42 -8.09 -11.37
CA ARG A 20 2.36 -8.57 -10.51
C ARG A 20 1.39 -7.43 -10.16
N ARG A 21 0.17 -7.56 -10.65
CA ARG A 21 -0.84 -6.54 -10.40
C ARG A 21 -1.92 -7.08 -9.46
N HIS A 22 -2.08 -6.41 -8.34
CA HIS A 22 -3.06 -6.81 -7.36
C HIS A 22 -3.76 -5.57 -6.79
N THR A 23 -5.08 -5.67 -6.67
CA THR A 23 -5.87 -4.57 -6.16
C THR A 23 -6.60 -5.00 -4.88
N VAL A 24 -6.38 -4.23 -3.82
CA VAL A 24 -7.00 -4.51 -2.54
C VAL A 24 -7.86 -3.31 -2.13
N LYS A 25 -9.11 -3.60 -1.81
CA LYS A 25 -10.05 -2.56 -1.40
C LYS A 25 -9.76 -2.18 0.06
N VAL A 26 -9.68 -0.88 0.30
CA VAL A 26 -9.42 -0.38 1.63
C VAL A 26 -10.41 0.74 1.96
N THR A 27 -10.43 1.13 3.22
CA THR A 27 -11.33 2.17 3.68
C THR A 27 -10.57 3.48 3.88
N PRO A 28 -11.33 4.61 3.76
CA PRO A 28 -10.74 5.92 3.92
C PRO A 28 -10.45 6.22 5.39
N SER A 29 -11.01 5.38 6.25
CA SER A 29 -10.82 5.54 7.68
C SER A 29 -9.97 4.39 8.23
N THR A 30 -9.69 3.43 7.36
CA THR A 30 -8.89 2.28 7.73
C THR A 30 -7.40 2.58 7.53
N VAL A 31 -6.60 2.10 8.49
CA VAL A 31 -5.16 2.30 8.42
C VAL A 31 -4.56 1.32 7.40
N LEU A 32 -3.77 1.88 6.50
CA LEU A 32 -3.12 1.07 5.47
C LEU A 32 -2.23 0.02 6.13
N LEU A 33 -1.86 0.31 7.38
CA LEU A 33 -1.02 -0.60 8.13
C LEU A 33 -1.75 -1.94 8.32
N GLN A 34 -3.02 -1.84 8.65
CA GLN A 34 -3.83 -3.02 8.87
C GLN A 34 -4.05 -3.76 7.55
N VAL A 35 -4.23 -2.98 6.49
CA VAL A 35 -4.44 -3.53 5.17
C VAL A 35 -3.13 -4.13 4.65
N LEU A 36 -2.08 -3.33 4.75
CA LEU A 36 -0.76 -3.76 4.30
C LEU A 36 -0.33 -4.98 5.12
N GLU A 37 -0.61 -4.92 6.41
CA GLU A 37 -0.25 -6.01 7.30
C GLU A 37 -1.03 -7.29 6.94
N ASP A 38 -2.31 -7.09 6.64
CA ASP A 38 -3.16 -8.20 6.26
C ASP A 38 -2.65 -8.82 4.96
N THR A 39 -2.51 -7.97 3.96
CA THR A 39 -2.04 -8.42 2.66
C THR A 39 -0.66 -9.06 2.79
N CYS A 40 0.13 -8.52 3.71
CA CYS A 40 1.46 -9.04 3.94
C CYS A 40 1.34 -10.44 4.56
N ARG A 41 0.34 -10.60 5.39
CA ARG A 41 0.10 -11.87 6.05
C ARG A 41 -0.34 -12.92 5.02
N ARG A 42 -1.31 -12.53 4.21
CA ARG A 42 -1.83 -13.43 3.18
C ARG A 42 -0.83 -13.54 2.03
N GLN A 43 -0.20 -12.42 1.72
CA GLN A 43 0.77 -12.38 0.64
C GLN A 43 2.18 -12.59 1.19
N ASP A 44 2.23 -12.95 2.47
CA ASP A 44 3.51 -13.19 3.12
C ASP A 44 4.55 -12.20 2.59
N PHE A 45 4.33 -10.93 2.91
CA PHE A 45 5.24 -9.88 2.49
C PHE A 45 5.71 -9.04 3.67
N ASN A 46 6.84 -8.37 3.47
CA ASN A 46 7.40 -7.53 4.51
C ASN A 46 7.54 -6.09 3.98
N PRO A 47 7.26 -5.12 4.88
CA PRO A 47 7.36 -3.72 4.52
C PRO A 47 8.82 -3.28 4.44
N SER A 48 9.62 -3.82 5.33
CA SER A 48 11.04 -3.49 5.37
C SER A 48 11.72 -3.94 4.07
N GLU A 49 10.97 -4.68 3.27
CA GLU A 49 11.48 -5.19 2.01
C GLU A 49 10.57 -4.74 0.86
N TYR A 50 9.49 -4.06 1.22
CA TYR A 50 8.54 -3.58 0.23
C TYR A 50 7.99 -2.21 0.63
N ASP A 51 7.87 -1.35 -0.37
CA ASP A 51 7.35 -0.01 -0.15
C ASP A 51 6.26 0.30 -1.17
N LEU A 52 5.30 1.10 -0.73
CA LEU A 52 4.19 1.47 -1.60
C LEU A 52 4.14 2.99 -1.73
N LYS A 53 3.98 3.44 -2.96
CA LYS A 53 3.92 4.87 -3.24
C LYS A 53 3.02 5.11 -4.45
N PHE A 54 2.28 6.21 -4.39
CA PHE A 54 1.38 6.56 -5.47
C PHE A 54 1.62 8.01 -5.93
N GLN A 55 2.09 8.13 -7.17
CA GLN A 55 2.36 9.43 -7.73
C GLN A 55 3.38 10.18 -6.87
N ARG A 56 2.87 11.16 -6.14
CA ARG A 56 3.72 11.97 -5.27
C ARG A 56 3.42 11.65 -3.80
N THR A 57 2.71 10.55 -3.60
CA THR A 57 2.35 10.14 -2.25
C THR A 57 2.96 8.77 -1.93
N VAL A 58 3.60 8.70 -0.78
CA VAL A 58 4.23 7.46 -0.34
C VAL A 58 3.22 6.65 0.47
N LEU A 59 3.26 5.33 0.26
CA LEU A 59 2.37 4.43 0.95
C LEU A 59 3.19 3.46 1.80
N ASP A 60 2.96 3.51 3.10
CA ASP A 60 3.67 2.64 4.02
C ASP A 60 2.72 2.20 5.13
N LEU A 61 3.32 1.90 6.28
CA LEU A 61 2.53 1.46 7.43
C LEU A 61 2.15 2.69 8.26
N SER A 62 3.10 3.59 8.41
CA SER A 62 2.87 4.81 9.17
C SER A 62 2.20 5.86 8.30
N LEU A 63 1.29 5.39 7.46
CA LEU A 63 0.55 6.27 6.56
C LEU A 63 -0.87 5.74 6.37
N GLN A 64 -1.80 6.45 6.99
CA GLN A 64 -3.21 6.06 6.89
C GLN A 64 -3.88 6.79 5.74
N TRP A 65 -4.98 6.21 5.26
CA TRP A 65 -5.73 6.80 4.17
C TRP A 65 -6.27 8.15 4.63
N ARG A 66 -6.72 8.18 5.87
CA ARG A 66 -7.27 9.39 6.44
C ARG A 66 -6.25 10.53 6.36
N PHE A 67 -5.00 10.14 6.12
CA PHE A 67 -3.92 11.11 6.02
C PHE A 67 -3.34 11.12 4.61
N ALA A 68 -2.82 9.97 4.21
CA ALA A 68 -2.23 9.84 2.89
C ALA A 68 -3.26 10.22 1.83
N ASN A 69 -4.52 10.20 2.24
CA ASN A 69 -5.60 10.54 1.34
C ASN A 69 -5.35 9.90 -0.02
N LEU A 70 -5.91 8.71 -0.19
CA LEU A 70 -5.76 7.98 -1.44
C LEU A 70 -7.01 8.15 -2.29
N PRO A 71 -6.84 7.95 -3.62
CA PRO A 71 -7.96 8.07 -4.54
C PRO A 71 -8.90 6.87 -4.44
N ASN A 72 -10.01 6.97 -5.14
CA ASN A 72 -11.01 5.90 -5.13
C ASN A 72 -10.29 4.55 -5.07
N ASN A 73 -9.99 4.02 -6.24
CA ASN A 73 -9.31 2.74 -6.33
C ASN A 73 -7.92 2.86 -5.72
N ALA A 74 -7.60 4.08 -5.29
CA ALA A 74 -6.30 4.34 -4.68
C ALA A 74 -5.27 3.38 -5.26
N LYS A 75 -4.65 3.81 -6.36
CA LYS A 75 -3.65 2.99 -7.03
C LYS A 75 -2.27 3.33 -6.45
N LEU A 76 -1.64 2.31 -5.88
CA LEU A 76 -0.32 2.48 -5.29
C LEU A 76 0.69 1.65 -6.08
N GLU A 77 1.94 2.11 -6.04
CA GLU A 77 3.01 1.41 -6.74
C GLU A 77 3.84 0.59 -5.75
N MET A 78 4.05 -0.67 -6.11
CA MET A 78 4.83 -1.56 -5.26
C MET A 78 6.32 -1.47 -5.60
N VAL A 79 7.12 -1.35 -4.56
CA VAL A 79 8.56 -1.25 -4.73
C VAL A 79 9.26 -1.93 -3.54
N PRO A 80 10.31 -2.71 -3.87
CA PRO A 80 11.07 -3.41 -2.84
C PRO A 80 11.97 -2.45 -2.08
N VAL A 81 11.93 -2.58 -0.75
CA VAL A 81 12.73 -1.73 0.11
C VAL A 81 12.18 -1.79 1.53
N SER A 82 12.60 -0.82 2.34
CA SER A 82 12.16 -0.75 3.72
C SER A 82 11.18 0.42 3.90
N ARG A 83 10.61 0.49 5.09
CA ARG A 83 9.67 1.55 5.40
C ARG A 83 10.07 2.85 4.70
N SER A 84 11.38 3.08 4.66
CA SER A 84 11.91 4.28 4.03
C SER A 84 13.40 4.10 3.74
N ARG A 85 13.83 4.68 2.63
CA ARG A 85 15.22 4.58 2.23
C ARG A 85 15.54 5.64 1.16
N SER A 10 -14.52 3.67 -1.68
CA SER A 10 -13.08 3.70 -1.58
C SER A 10 -12.50 2.36 -2.05
N ALA A 11 -11.43 2.45 -2.84
CA ALA A 11 -10.79 1.26 -3.36
C ALA A 11 -9.28 1.53 -3.49
N VAL A 12 -8.51 0.50 -3.18
CA VAL A 12 -7.06 0.60 -3.25
C VAL A 12 -6.53 -0.42 -4.26
N SER A 13 -5.55 0.01 -5.03
CA SER A 13 -4.95 -0.86 -6.03
C SER A 13 -3.42 -0.77 -5.95
N VAL A 14 -2.79 -1.94 -5.87
CA VAL A 14 -1.35 -2.02 -5.78
C VAL A 14 -0.81 -2.81 -6.97
N LEU A 15 -0.03 -2.12 -7.79
CA LEU A 15 0.56 -2.75 -8.96
C LEU A 15 2.05 -3.00 -8.72
N ALA A 16 2.44 -4.26 -8.79
CA ALA A 16 3.82 -4.63 -8.58
C ALA A 16 4.58 -4.52 -9.91
N PRO A 17 5.80 -3.93 -9.83
CA PRO A 17 6.63 -3.76 -11.01
C PRO A 17 7.27 -5.09 -11.43
N ASN A 18 7.10 -6.08 -10.57
CA ASN A 18 7.65 -7.41 -10.84
C ASN A 18 6.72 -8.16 -11.80
N GLY A 19 5.66 -7.47 -12.19
CA GLY A 19 4.70 -8.05 -13.11
C GLY A 19 3.49 -8.61 -12.36
N ARG A 20 3.37 -8.18 -11.11
CA ARG A 20 2.27 -8.64 -10.27
C ARG A 20 1.30 -7.48 -10.01
N ARG A 21 0.09 -7.65 -10.54
CA ARG A 21 -0.94 -6.64 -10.37
C ARG A 21 -2.05 -7.16 -9.45
N HIS A 22 -2.23 -6.45 -8.35
CA HIS A 22 -3.24 -6.82 -7.38
C HIS A 22 -3.94 -5.56 -6.86
N THR A 23 -5.25 -5.66 -6.72
CA THR A 23 -6.06 -4.55 -6.24
C THR A 23 -6.77 -4.92 -4.94
N VAL A 24 -6.59 -4.09 -3.94
CA VAL A 24 -7.21 -4.32 -2.65
C VAL A 24 -8.12 -3.14 -2.30
N LYS A 25 -9.33 -3.47 -1.87
CA LYS A 25 -10.30 -2.45 -1.51
C LYS A 25 -10.28 -2.26 0.01
N VAL A 26 -9.86 -1.07 0.42
CA VAL A 26 -9.79 -0.75 1.83
C VAL A 26 -10.61 0.51 2.11
N THR A 27 -10.83 0.78 3.38
CA THR A 27 -11.59 1.94 3.79
C THR A 27 -10.69 3.18 3.85
N PRO A 28 -11.32 4.37 3.67
CA PRO A 28 -10.58 5.63 3.71
C PRO A 28 -10.20 6.00 5.14
N SER A 29 -10.81 5.29 6.09
CA SER A 29 -10.54 5.53 7.49
C SER A 29 -9.66 4.42 8.06
N THR A 30 -9.39 3.44 7.22
CA THR A 30 -8.57 2.30 7.62
C THR A 30 -7.09 2.60 7.34
N VAL A 31 -6.24 2.18 8.28
CA VAL A 31 -4.81 2.40 8.14
C VAL A 31 -4.25 1.39 7.16
N LEU A 32 -3.36 1.88 6.30
CA LEU A 32 -2.73 1.04 5.30
C LEU A 32 -1.89 -0.04 6.00
N LEU A 33 -1.54 0.24 7.24
CA LEU A 33 -0.76 -0.69 8.02
C LEU A 33 -1.55 -1.98 8.21
N GLN A 34 -2.82 -1.83 8.51
CA GLN A 34 -3.69 -2.97 8.73
C GLN A 34 -3.90 -3.73 7.41
N VAL A 35 -4.04 -2.96 6.34
CA VAL A 35 -4.24 -3.54 5.02
C VAL A 35 -2.94 -4.18 4.54
N LEU A 36 -1.87 -3.40 4.63
CA LEU A 36 -0.56 -3.87 4.22
C LEU A 36 -0.19 -5.12 5.03
N GLU A 37 -0.49 -5.07 6.31
CA GLU A 37 -0.20 -6.17 7.19
C GLU A 37 -1.04 -7.40 6.81
N ASP A 38 -2.31 -7.14 6.55
CA ASP A 38 -3.22 -8.21 6.17
C ASP A 38 -2.75 -8.85 4.86
N THR A 39 -2.56 -7.99 3.87
CA THR A 39 -2.11 -8.45 2.56
C THR A 39 -0.72 -9.08 2.67
N CYS A 40 0.08 -8.51 3.56
CA CYS A 40 1.43 -9.00 3.77
C CYS A 40 1.35 -10.39 4.43
N ARG A 41 0.36 -10.53 5.29
CA ARG A 41 0.16 -11.80 5.98
C ARG A 41 -0.24 -12.89 4.99
N ARG A 42 -1.22 -12.56 4.15
CA ARG A 42 -1.69 -13.50 3.15
C ARG A 42 -0.68 -13.62 2.01
N GLN A 43 -0.07 -12.49 1.68
CA GLN A 43 0.91 -12.46 0.61
C GLN A 43 2.32 -12.68 1.18
N ASP A 44 2.36 -12.99 2.47
CA ASP A 44 3.63 -13.23 3.14
C ASP A 44 4.66 -12.24 2.62
N PHE A 45 4.47 -10.98 2.96
CA PHE A 45 5.38 -9.94 2.55
C PHE A 45 5.82 -9.08 3.74
N ASN A 46 6.94 -8.40 3.56
CA ASN A 46 7.48 -7.55 4.60
C ASN A 46 7.60 -6.12 4.07
N PRO A 47 7.32 -5.14 4.97
CA PRO A 47 7.40 -3.73 4.61
C PRO A 47 8.85 -3.28 4.51
N SER A 48 9.67 -3.82 5.40
CA SER A 48 11.09 -3.48 5.43
C SER A 48 11.76 -3.93 4.13
N GLU A 49 11.01 -4.68 3.34
CA GLU A 49 11.52 -5.17 2.08
C GLU A 49 10.61 -4.74 0.93
N TYR A 50 9.53 -4.06 1.30
CA TYR A 50 8.57 -3.58 0.30
C TYR A 50 8.04 -2.21 0.69
N ASP A 51 7.89 -1.36 -0.32
CA ASP A 51 7.39 -0.02 -0.10
C ASP A 51 6.28 0.28 -1.12
N LEU A 52 5.32 1.08 -0.69
CA LEU A 52 4.20 1.45 -1.53
C LEU A 52 4.16 2.97 -1.69
N LYS A 53 3.99 3.40 -2.92
CA LYS A 53 3.93 4.83 -3.22
C LYS A 53 2.99 5.06 -4.41
N PHE A 54 2.25 6.16 -4.33
CA PHE A 54 1.31 6.51 -5.38
C PHE A 54 1.51 7.95 -5.83
N GLN A 55 1.95 8.09 -7.08
CA GLN A 55 2.18 9.42 -7.65
C GLN A 55 3.14 10.21 -6.76
N ARG A 56 2.57 11.15 -6.01
CA ARG A 56 3.36 11.99 -5.13
C ARG A 56 3.05 11.65 -3.67
N THR A 57 2.40 10.51 -3.48
CA THR A 57 2.03 10.07 -2.14
C THR A 57 2.67 8.72 -1.84
N VAL A 58 3.45 8.69 -0.77
CA VAL A 58 4.12 7.47 -0.36
C VAL A 58 3.18 6.63 0.49
N LEU A 59 3.24 5.33 0.27
CA LEU A 59 2.39 4.40 1.01
C LEU A 59 3.26 3.48 1.86
N ASP A 60 3.06 3.57 3.17
CA ASP A 60 3.81 2.75 4.10
C ASP A 60 2.89 2.27 5.22
N LEU A 61 3.51 1.99 6.36
CA LEU A 61 2.75 1.52 7.52
C LEU A 61 2.31 2.73 8.35
N SER A 62 3.23 3.66 8.52
CA SER A 62 2.95 4.85 9.30
C SER A 62 2.27 5.91 8.40
N LEU A 63 1.37 5.43 7.56
CA LEU A 63 0.65 6.32 6.66
C LEU A 63 -0.79 5.82 6.51
N GLN A 64 -1.70 6.54 7.16
CA GLN A 64 -3.10 6.20 7.11
C GLN A 64 -3.78 6.86 5.90
N TRP A 65 -4.81 6.20 5.40
CA TRP A 65 -5.53 6.71 4.25
C TRP A 65 -6.18 8.04 4.66
N ARG A 66 -6.69 8.06 5.88
CA ARG A 66 -7.34 9.26 6.41
C ARG A 66 -6.38 10.45 6.34
N PHE A 67 -5.10 10.13 6.19
CA PHE A 67 -4.09 11.16 6.11
C PHE A 67 -3.51 11.25 4.70
N ALA A 68 -2.88 10.15 4.28
CA ALA A 68 -2.29 10.10 2.95
C ALA A 68 -3.35 10.41 1.89
N ASN A 69 -4.60 10.30 2.32
CA ASN A 69 -5.72 10.56 1.43
C ASN A 69 -5.43 9.94 0.06
N LEU A 70 -5.91 8.72 -0.11
CA LEU A 70 -5.71 8.01 -1.37
C LEU A 70 -6.91 8.27 -2.29
N PRO A 71 -6.66 8.05 -3.62
CA PRO A 71 -7.71 8.26 -4.61
C PRO A 71 -8.74 7.12 -4.57
N ASN A 72 -9.80 7.32 -5.33
CA ASN A 72 -10.86 6.32 -5.40
C ASN A 72 -10.24 4.93 -5.31
N ASN A 73 -9.95 4.37 -6.47
CA ASN A 73 -9.36 3.04 -6.55
C ASN A 73 -7.99 3.06 -5.86
N ALA A 74 -7.62 4.24 -5.39
CA ALA A 74 -6.35 4.40 -4.71
C ALA A 74 -5.33 3.41 -5.28
N LYS A 75 -4.68 3.82 -6.35
CA LYS A 75 -3.69 2.97 -7.00
C LYS A 75 -2.30 3.34 -6.48
N LEU A 76 -1.64 2.34 -5.91
CA LEU A 76 -0.30 2.53 -5.37
C LEU A 76 0.68 1.64 -6.12
N GLU A 77 1.93 2.08 -6.12
CA GLU A 77 2.98 1.33 -6.80
C GLU A 77 3.81 0.54 -5.79
N MET A 78 4.08 -0.71 -6.13
CA MET A 78 4.86 -1.57 -5.26
C MET A 78 6.35 -1.46 -5.58
N VAL A 79 7.14 -1.33 -4.52
CA VAL A 79 8.58 -1.20 -4.67
C VAL A 79 9.27 -1.88 -3.48
N PRO A 80 10.33 -2.66 -3.81
CA PRO A 80 11.09 -3.36 -2.78
C PRO A 80 11.99 -2.40 -1.99
N VAL A 81 11.93 -2.53 -0.68
CA VAL A 81 12.72 -1.68 0.19
C VAL A 81 12.18 -1.76 1.62
N SER A 82 12.58 -0.79 2.43
CA SER A 82 12.15 -0.75 3.82
C SER A 82 11.41 0.55 4.10
N ARG A 83 10.76 0.60 5.25
CA ARG A 83 10.02 1.79 5.64
C ARG A 83 10.87 3.04 5.43
N SER A 84 10.53 3.79 4.40
CA SER A 84 11.24 5.00 4.08
C SER A 84 12.75 4.78 4.24
N ARG A 85 13.37 4.38 3.14
CA ARG A 85 14.80 4.13 3.14
C ARG A 85 15.17 3.18 4.30
N SER A 10 -14.45 3.49 -1.51
CA SER A 10 -13.02 3.66 -1.71
C SER A 10 -12.35 2.29 -1.87
N ALA A 11 -11.37 2.26 -2.77
CA ALA A 11 -10.63 1.03 -3.02
C ALA A 11 -9.16 1.37 -3.25
N VAL A 12 -8.31 0.39 -2.95
CA VAL A 12 -6.88 0.57 -3.12
C VAL A 12 -6.36 -0.47 -4.12
N SER A 13 -5.44 -0.01 -4.96
CA SER A 13 -4.86 -0.88 -5.97
C SER A 13 -3.33 -0.79 -5.93
N VAL A 14 -2.69 -1.94 -5.86
CA VAL A 14 -1.24 -1.99 -5.82
C VAL A 14 -0.73 -2.78 -7.04
N LEU A 15 0.02 -2.08 -7.87
CA LEU A 15 0.58 -2.69 -9.07
C LEU A 15 2.08 -2.92 -8.87
N ALA A 16 2.47 -4.19 -8.93
CA ALA A 16 3.87 -4.55 -8.76
C ALA A 16 4.59 -4.42 -10.10
N PRO A 17 5.79 -3.79 -10.04
CA PRO A 17 6.60 -3.60 -11.24
C PRO A 17 7.27 -4.90 -11.67
N ASN A 18 7.14 -5.91 -10.82
CA ASN A 18 7.72 -7.21 -11.10
C ASN A 18 6.80 -7.98 -12.06
N GLY A 19 5.73 -7.31 -12.45
CA GLY A 19 4.76 -7.91 -13.36
C GLY A 19 3.58 -8.51 -12.58
N ARG A 20 3.47 -8.10 -11.34
CA ARG A 20 2.39 -8.58 -10.48
C ARG A 20 1.43 -7.43 -10.15
N ARG A 21 0.20 -7.57 -10.65
CA ARG A 21 -0.81 -6.57 -10.42
C ARG A 21 -1.89 -7.11 -9.48
N HIS A 22 -2.08 -6.41 -8.37
CA HIS A 22 -3.07 -6.81 -7.39
C HIS A 22 -3.79 -5.58 -6.86
N THR A 23 -5.11 -5.71 -6.74
CA THR A 23 -5.93 -4.61 -6.24
C THR A 23 -6.65 -5.03 -4.96
N VAL A 24 -6.46 -4.22 -3.92
CA VAL A 24 -7.08 -4.49 -2.64
C VAL A 24 -7.96 -3.30 -2.25
N LYS A 25 -9.21 -3.63 -1.93
CA LYS A 25 -10.17 -2.60 -1.54
C LYS A 25 -9.98 -2.26 -0.07
N VAL A 26 -9.54 -1.03 0.17
CA VAL A 26 -9.30 -0.57 1.52
C VAL A 26 -10.29 0.55 1.85
N THR A 27 -10.34 0.89 3.13
CA THR A 27 -11.23 1.95 3.58
C THR A 27 -10.46 3.26 3.77
N PRO A 28 -11.21 4.38 3.65
CA PRO A 28 -10.61 5.70 3.79
C PRO A 28 -10.32 6.01 5.26
N SER A 29 -10.88 5.18 6.13
CA SER A 29 -10.69 5.35 7.57
C SER A 29 -9.84 4.21 8.12
N THR A 30 -9.50 3.29 7.24
CA THR A 30 -8.68 2.15 7.62
C THR A 30 -7.20 2.48 7.48
N VAL A 31 -6.43 2.01 8.45
CA VAL A 31 -4.99 2.23 8.45
C VAL A 31 -4.33 1.29 7.44
N LEU A 32 -3.52 1.89 6.57
CA LEU A 32 -2.82 1.13 5.55
C LEU A 32 -1.99 0.03 6.23
N LEU A 33 -1.69 0.27 7.50
CA LEU A 33 -0.90 -0.69 8.27
C LEU A 33 -1.65 -2.00 8.37
N GLN A 34 -2.94 -1.90 8.64
CA GLN A 34 -3.79 -3.07 8.77
C GLN A 34 -3.93 -3.78 7.42
N VAL A 35 -4.06 -2.96 6.37
CA VAL A 35 -4.21 -3.48 5.03
C VAL A 35 -2.87 -4.06 4.56
N LEU A 36 -1.83 -3.25 4.73
CA LEU A 36 -0.49 -3.66 4.32
C LEU A 36 -0.11 -4.93 5.08
N GLU A 37 -0.39 -4.92 6.38
CA GLU A 37 -0.08 -6.06 7.22
C GLU A 37 -0.95 -7.25 6.83
N ASP A 38 -2.22 -6.98 6.58
CA ASP A 38 -3.17 -8.02 6.21
C ASP A 38 -2.71 -8.66 4.90
N THR A 39 -2.51 -7.81 3.89
CA THR A 39 -2.07 -8.28 2.59
C THR A 39 -0.71 -8.98 2.70
N CYS A 40 0.11 -8.46 3.60
CA CYS A 40 1.43 -9.02 3.83
C CYS A 40 1.27 -10.41 4.44
N ARG A 41 0.27 -10.53 5.30
CA ARG A 41 0.00 -11.79 5.97
C ARG A 41 -0.42 -12.85 4.95
N ARG A 42 -1.35 -12.47 4.09
CA ARG A 42 -1.85 -13.37 3.07
C ARG A 42 -0.80 -13.55 1.97
N GLN A 43 -0.09 -12.47 1.69
CA GLN A 43 0.94 -12.49 0.66
C GLN A 43 2.32 -12.67 1.31
N ASP A 44 2.30 -13.03 2.58
CA ASP A 44 3.53 -13.23 3.31
C ASP A 44 4.60 -12.26 2.79
N PHE A 45 4.38 -10.98 3.08
CA PHE A 45 5.32 -9.96 2.65
C PHE A 45 5.75 -9.09 3.82
N ASN A 46 6.88 -8.41 3.64
CA ASN A 46 7.41 -7.54 4.68
C ASN A 46 7.54 -6.12 4.12
N PRO A 47 7.26 -5.13 5.02
CA PRO A 47 7.33 -3.74 4.62
C PRO A 47 8.79 -3.27 4.52
N SER A 48 9.62 -3.82 5.41
CA SER A 48 11.03 -3.47 5.43
C SER A 48 11.69 -3.94 4.14
N GLU A 49 10.93 -4.69 3.35
CA GLU A 49 11.44 -5.22 2.10
C GLU A 49 10.53 -4.79 0.95
N TYR A 50 9.46 -4.09 1.30
CA TYR A 50 8.50 -3.63 0.31
C TYR A 50 7.95 -2.25 0.70
N ASP A 51 7.82 -1.40 -0.31
CA ASP A 51 7.31 -0.06 -0.10
C ASP A 51 6.21 0.23 -1.12
N LEU A 52 5.24 1.03 -0.70
CA LEU A 52 4.13 1.40 -1.56
C LEU A 52 4.09 2.92 -1.71
N LYS A 53 3.93 3.36 -2.95
CA LYS A 53 3.87 4.78 -3.24
C LYS A 53 2.97 5.01 -4.46
N PHE A 54 2.23 6.11 -4.40
CA PHE A 54 1.32 6.45 -5.48
C PHE A 54 1.61 7.86 -6.01
N GLN A 55 2.07 7.91 -7.25
CA GLN A 55 2.39 9.18 -7.88
C GLN A 55 3.42 9.94 -7.04
N ARG A 56 2.92 10.94 -6.33
CA ARG A 56 3.78 11.76 -5.49
C ARG A 56 3.48 11.49 -4.00
N THR A 57 2.76 10.41 -3.77
CA THR A 57 2.40 10.03 -2.41
C THR A 57 3.02 8.68 -2.05
N VAL A 58 3.57 8.62 -0.85
CA VAL A 58 4.19 7.40 -0.37
C VAL A 58 3.18 6.59 0.44
N LEU A 59 3.22 5.28 0.26
CA LEU A 59 2.33 4.40 0.97
C LEU A 59 3.14 3.42 1.83
N ASP A 60 2.92 3.51 3.13
CA ASP A 60 3.62 2.65 4.07
C ASP A 60 2.67 2.22 5.18
N LEU A 61 3.24 1.94 6.34
CA LEU A 61 2.46 1.52 7.48
C LEU A 61 2.03 2.75 8.29
N SER A 62 2.97 3.66 8.46
CA SER A 62 2.71 4.87 9.20
C SER A 62 2.08 5.93 8.29
N LEU A 63 1.18 5.46 7.43
CA LEU A 63 0.51 6.34 6.50
C LEU A 63 -0.94 5.87 6.31
N GLN A 64 -1.84 6.52 7.03
CA GLN A 64 -3.25 6.18 6.95
C GLN A 64 -3.91 6.91 5.79
N TRP A 65 -5.00 6.34 5.31
CA TRP A 65 -5.73 6.93 4.20
C TRP A 65 -6.28 8.29 4.66
N ARG A 66 -6.79 8.30 5.88
CA ARG A 66 -7.33 9.52 6.44
C ARG A 66 -6.28 10.64 6.42
N PHE A 67 -5.04 10.23 6.23
CA PHE A 67 -3.93 11.18 6.19
C PHE A 67 -3.34 11.27 4.77
N ALA A 68 -2.82 10.13 4.31
CA ALA A 68 -2.23 10.07 2.99
C ALA A 68 -3.29 10.40 1.94
N ASN A 69 -4.54 10.37 2.38
CA ASN A 69 -5.64 10.67 1.49
C ASN A 69 -5.40 9.99 0.14
N LEU A 70 -5.92 8.78 0.01
CA LEU A 70 -5.75 8.03 -1.23
C LEU A 70 -7.00 8.24 -2.10
N PRO A 71 -6.79 8.01 -3.44
CA PRO A 71 -7.88 8.18 -4.39
C PRO A 71 -8.87 7.01 -4.30
N ASN A 72 -9.97 7.15 -5.02
CA ASN A 72 -10.99 6.13 -5.04
C ASN A 72 -10.32 4.75 -5.04
N ASN A 73 -9.98 4.29 -6.24
CA ASN A 73 -9.34 2.99 -6.39
C ASN A 73 -7.97 3.03 -5.71
N ALA A 74 -7.63 4.20 -5.17
CA ALA A 74 -6.37 4.37 -4.50
C ALA A 74 -5.34 3.41 -5.09
N LYS A 75 -4.75 3.83 -6.20
CA LYS A 75 -3.75 3.02 -6.88
C LYS A 75 -2.37 3.34 -6.31
N LEU A 76 -1.71 2.30 -5.82
CA LEU A 76 -0.39 2.45 -5.24
C LEU A 76 0.62 1.63 -6.06
N GLU A 77 1.87 2.08 -6.01
CA GLU A 77 2.93 1.40 -6.74
C GLU A 77 3.76 0.54 -5.78
N MET A 78 4.01 -0.69 -6.20
CA MET A 78 4.79 -1.61 -5.40
C MET A 78 6.29 -1.44 -5.67
N VAL A 79 7.04 -1.32 -4.58
CA VAL A 79 8.48 -1.15 -4.69
C VAL A 79 9.16 -1.85 -3.50
N PRO A 80 10.21 -2.64 -3.83
CA PRO A 80 10.95 -3.37 -2.81
C PRO A 80 11.87 -2.43 -2.04
N VAL A 81 11.81 -2.56 -0.72
CA VAL A 81 12.64 -1.73 0.16
C VAL A 81 12.08 -1.79 1.57
N SER A 82 12.39 -0.75 2.34
CA SER A 82 11.93 -0.68 3.72
C SER A 82 11.28 0.68 3.98
N ARG A 83 10.98 0.92 5.26
CA ARG A 83 10.35 2.17 5.65
C ARG A 83 11.30 3.34 5.37
N SER A 84 10.72 4.41 4.85
CA SER A 84 11.49 5.61 4.54
C SER A 84 11.94 6.29 5.83
N ARG A 85 13.01 7.06 5.72
CA ARG A 85 13.55 7.78 6.86
C ARG A 85 14.15 9.11 6.41
#